data_6MDZ
#
_entry.id   6MDZ
#
_cell.length_a   107.615
_cell.length_b   138.289
_cell.length_c   152.610
_cell.angle_alpha   90.00
_cell.angle_beta   90.00
_cell.angle_gamma   90.00
#
_symmetry.space_group_name_H-M   'P 21 21 21'
#
loop_
_entity.id
_entity.type
_entity.pdbx_description
1 polymer 'Protein argonaute-2'
2 polymer "RNA (5'-R(P*UP*GP*GP*AP*GP*UP*GP*UP*GP*AP*CP*AP*AP*UP*GP*GP*UP*GP*UP*U)-3')"
3 polymer "RNA (5'-R(P*AP*AP*AP*CP*AP*CP*CP*AP*UP*UP*UP*CP*CP*AP*CP*AP*CP*UP*CP*CP*AP*AP*A)-3')"
4 non-polymer PHENOL
#
loop_
_entity_poly.entity_id
_entity_poly.type
_entity_poly.pdbx_seq_one_letter_code
_entity_poly.pdbx_strand_id
1 'polypeptide(L)'
;MYSGAGPALAPPAPPPPIQGYAFKPPPRPDFGTSGRTIKLQANFFEMDIPKIDIYHYELDIKPEKCPRRVNREIVEHMVQ
HFKTQIFGDRKPVFDGRKNLYTAMPLPIGRDKVELEVTLPGEGKDRIFKVSIKWVSCVSLQALHDALSGRLPSVPFETIQ
ALDVVMRHLPSMRYTPVGRSFFTASEGCSNPLGGGREVWFGFHQSVRPSLWKMMLNIDVSATAFYKAQPVIEFVCEVLDF
KSIEEQQKPLTDSQRVKFTKEIKGLKVEITHCGQMKRKYRVCNVTRRPASHQTFPLQQESGQTVECTVAQYFKDRHKLVL
RYPHLPCLQVGQEQKHTYLPLEVCNIVAGQRCIKKLTDNQTSTMIRATARSAPDRQEEISKLMRSADFNTDPYVREFGIM
VKDEMTDVTGRVLQPPSILYGGRNKAIATPVQGVWDMRNKQFHTGIEIKVWAIACFAPQRQCTEVHLKSFTEQLRKISRD
AGMPIQGQPCFCKYAQGADSVEPMFRHLKNTYAGLQLVVVILPGKTPVYAEVKRVGDTVLGMATQCVQMKNVQRTTPQTL
SNLCLKINVKLGGVNNILLPQGRPPVFQQPVIFLGADVTHPPAGDGKKPSIAAVVGSMDAHPNRYCATVRVQQHRQEIIQ
DLAAMVRELLIQFYKSTRFKPTRIIFYRAGVSEGQFQQVLHHELLAIREACIKLEKDYQPGITFIVVQKRHHTRLFCTDK
NERVGKSGNIPAGTTVDTKITHPTEFDFYLCSHAGIQGTSRPSHYHVLWDDNRFSSDELQILTYQLCHTYVRCTRSVSIP
APAYYAHLVAFRARYHLVDKEHDAAEGDHTDGQANGRDHQALAKAVQVHQDTLRTMYFA
;
A,B
2 'polyribonucleotide' UGGAGUGUGACAAUGGUGUUU C,D
3 'polyribonucleotide' AAACACCAUUUCCACACUCCAAA E,F
#
# COMPACT_ATOMS: atom_id res chain seq x y z
N ALA A 22 26.45 -41.81 28.41
CA ALA A 22 25.38 -41.75 27.42
C ALA A 22 24.37 -40.66 27.78
N PHE A 23 24.86 -39.60 28.43
CA PHE A 23 23.99 -38.50 28.84
C PHE A 23 24.33 -37.20 28.13
N LYS A 24 25.55 -36.72 28.34
CA LYS A 24 25.96 -35.42 27.82
C LYS A 24 26.74 -35.53 26.51
N PRO A 25 26.33 -34.74 25.51
CA PRO A 25 27.04 -34.65 24.22
C PRO A 25 28.39 -33.95 24.37
N PRO A 26 29.39 -34.38 23.59
CA PRO A 26 30.76 -33.85 23.72
C PRO A 26 30.90 -32.43 23.17
N PRO A 27 31.76 -31.63 23.81
CA PRO A 27 32.05 -30.26 23.34
C PRO A 27 32.97 -30.28 22.12
N ARG A 28 32.90 -29.23 21.31
CA ARG A 28 33.74 -29.14 20.12
C ARG A 28 35.21 -29.04 20.50
N PRO A 29 36.01 -30.00 20.04
CA PRO A 29 37.44 -30.09 20.37
C PRO A 29 38.27 -28.95 19.79
N ASP A 30 38.05 -28.65 18.51
CA ASP A 30 38.83 -27.63 17.83
C ASP A 30 38.09 -27.07 16.62
N PHE A 31 38.72 -26.13 15.93
CA PHE A 31 38.17 -25.58 14.71
C PHE A 31 39.02 -25.99 13.51
N GLY A 32 38.37 -26.52 12.49
CA GLY A 32 39.08 -27.04 11.33
C GLY A 32 39.90 -26.00 10.59
N THR A 33 41.00 -26.45 10.00
CA THR A 33 41.91 -25.56 9.28
C THR A 33 42.28 -26.15 7.93
N SER A 34 41.67 -27.29 7.60
CA SER A 34 41.95 -27.97 6.34
C SER A 34 41.11 -27.41 5.21
N GLY A 35 41.70 -27.33 4.02
CA GLY A 35 40.99 -26.90 2.83
C GLY A 35 41.14 -25.43 2.51
N ARG A 36 40.74 -25.06 1.31
CA ARG A 36 40.82 -23.67 0.84
C ARG A 36 39.65 -22.84 1.35
N THR A 37 39.95 -21.68 1.92
CA THR A 37 38.90 -20.79 2.43
C THR A 37 38.15 -20.13 1.28
N ILE A 38 36.86 -19.91 1.48
CA ILE A 38 36.02 -19.24 0.49
C ILE A 38 34.93 -18.41 1.17
N LYS A 39 35.03 -17.09 1.01
CA LYS A 39 34.11 -16.16 1.67
C LYS A 39 32.64 -16.49 1.41
N LEU A 40 31.90 -16.67 2.49
CA LEU A 40 30.50 -17.08 2.39
C LEU A 40 29.55 -16.15 3.14
N GLN A 41 28.26 -16.31 2.87
CA GLN A 41 27.20 -15.64 3.61
C GLN A 41 26.10 -16.64 3.94
N ALA A 42 25.73 -16.72 5.21
CA ALA A 42 24.66 -17.60 5.64
C ALA A 42 23.36 -16.83 5.80
N ASN A 43 22.23 -17.55 5.79
CA ASN A 43 20.94 -16.92 5.94
C ASN A 43 20.60 -16.67 7.42
N PHE A 44 21.63 -16.40 8.21
CA PHE A 44 21.47 -16.01 9.61
C PHE A 44 21.67 -14.50 9.73
N PHE A 45 20.87 -13.87 10.58
CA PHE A 45 20.98 -12.43 10.77
C PHE A 45 21.31 -12.10 12.22
N GLU A 46 22.45 -11.43 12.41
CA GLU A 46 22.96 -11.12 13.74
C GLU A 46 22.00 -10.25 14.55
N MET A 47 21.76 -10.67 15.79
CA MET A 47 20.83 -9.95 16.67
C MET A 47 21.56 -9.29 17.84
N ASP A 48 21.13 -8.08 18.17
CA ASP A 48 21.67 -7.37 19.32
C ASP A 48 20.64 -7.42 20.46
N ILE A 49 20.99 -8.11 21.54
CA ILE A 49 20.04 -8.36 22.63
C ILE A 49 20.52 -7.77 23.95
N PRO A 50 19.65 -6.99 24.61
CA PRO A 50 19.97 -6.31 25.88
C PRO A 50 20.14 -7.27 27.05
N LYS A 51 20.50 -6.73 28.21
CA LYS A 51 20.72 -7.53 29.41
C LYS A 51 19.48 -7.56 30.31
N ILE A 52 18.40 -6.95 29.84
CA ILE A 52 17.18 -6.80 30.62
C ILE A 52 16.49 -8.14 30.88
N ASP A 53 15.93 -8.30 32.07
CA ASP A 53 15.12 -9.47 32.39
C ASP A 53 13.68 -9.28 31.93
N ILE A 54 13.19 -10.20 31.11
CA ILE A 54 11.81 -10.15 30.65
C ILE A 54 10.92 -10.97 31.58
N TYR A 55 9.66 -10.58 31.69
CA TYR A 55 8.74 -11.18 32.65
C TYR A 55 7.72 -12.09 31.97
N HIS A 56 7.59 -13.30 32.49
CA HIS A 56 6.72 -14.31 31.89
C HIS A 56 5.45 -14.51 32.71
N TYR A 57 4.31 -14.62 32.02
CA TYR A 57 3.02 -14.80 32.67
C TYR A 57 2.17 -15.86 31.97
N GLU A 58 1.46 -16.65 32.76
CA GLU A 58 0.56 -17.67 32.21
C GLU A 58 -0.86 -17.14 32.11
N LEU A 59 -1.50 -17.39 30.97
CA LEU A 59 -2.89 -17.00 30.77
C LEU A 59 -3.82 -18.21 30.87
N ASP A 60 -5.05 -17.97 31.30
CA ASP A 60 -6.06 -19.01 31.37
C ASP A 60 -7.36 -18.48 30.78
N ILE A 61 -7.71 -18.98 29.60
CA ILE A 61 -8.87 -18.46 28.88
C ILE A 61 -9.95 -19.54 28.68
N LYS A 62 -11.16 -19.23 29.13
CA LYS A 62 -12.31 -20.10 28.91
C LYS A 62 -13.24 -19.48 27.88
N PRO A 63 -13.70 -20.28 26.90
CA PRO A 63 -13.49 -21.72 26.73
C PRO A 63 -12.08 -22.11 26.30
N GLU A 64 -11.77 -23.39 26.37
CA GLU A 64 -10.41 -23.89 26.16
C GLU A 64 -10.22 -24.55 24.81
N LYS A 65 -10.89 -24.03 23.78
CA LYS A 65 -10.79 -24.61 22.43
C LYS A 65 -10.66 -23.53 21.37
N CYS A 66 -10.48 -22.28 21.80
CA CYS A 66 -10.41 -21.15 20.89
C CYS A 66 -9.15 -21.19 20.03
N PRO A 67 -9.29 -20.86 18.73
CA PRO A 67 -8.16 -20.81 17.81
C PRO A 67 -7.14 -19.74 18.19
N ARG A 68 -5.90 -19.91 17.74
CA ARG A 68 -4.80 -19.02 18.10
C ARG A 68 -5.06 -17.57 17.71
N ARG A 69 -5.64 -17.37 16.53
CA ARG A 69 -5.92 -16.03 16.03
C ARG A 69 -6.92 -15.31 16.92
N VAL A 70 -7.91 -16.05 17.41
CA VAL A 70 -8.90 -15.51 18.33
C VAL A 70 -8.25 -15.10 19.65
N ASN A 71 -7.36 -15.97 20.14
CA ASN A 71 -6.64 -15.70 21.39
C ASN A 71 -5.83 -14.40 21.32
N ARG A 72 -5.10 -14.23 20.22
CA ARG A 72 -4.30 -13.02 20.02
C ARG A 72 -5.20 -11.79 19.93
N GLU A 73 -6.39 -11.97 19.36
CA GLU A 73 -7.37 -10.90 19.26
C GLU A 73 -7.91 -10.53 20.63
N ILE A 74 -8.22 -11.55 21.44
CA ILE A 74 -8.72 -11.33 22.79
C ILE A 74 -7.69 -10.61 23.65
N VAL A 75 -6.45 -11.06 23.59
CA VAL A 75 -5.36 -10.44 24.33
C VAL A 75 -5.16 -9.00 23.89
N GLU A 76 -5.27 -8.76 22.58
CA GLU A 76 -5.12 -7.42 22.04
C GLU A 76 -6.17 -6.47 22.61
N HIS A 77 -7.41 -6.94 22.70
CA HIS A 77 -8.48 -6.18 23.33
C HIS A 77 -8.20 -5.98 24.81
N MET A 78 -7.65 -7.02 25.44
CA MET A 78 -7.37 -7.01 26.86
C MET A 78 -6.30 -5.98 27.21
N VAL A 79 -5.38 -5.74 26.27
CA VAL A 79 -4.28 -4.80 26.49
C VAL A 79 -4.77 -3.35 26.54
N GLN A 80 -5.59 -2.97 25.56
CA GLN A 80 -6.03 -1.59 25.44
C GLN A 80 -7.15 -1.24 26.41
N HIS A 81 -7.98 -2.22 26.75
CA HIS A 81 -9.12 -1.99 27.63
C HIS A 81 -8.74 -2.03 29.11
N PHE A 82 -7.51 -2.44 29.39
CA PHE A 82 -7.02 -2.49 30.76
C PHE A 82 -5.72 -1.71 30.91
N LYS A 83 -5.60 -0.63 30.15
CA LYS A 83 -4.41 0.22 30.19
C LYS A 83 -4.36 1.05 31.47
N THR A 84 -5.54 1.34 32.02
CA THR A 84 -5.64 2.13 33.24
C THR A 84 -5.14 1.36 34.47
N GLN A 85 -5.28 0.03 34.42
CA GLN A 85 -4.87 -0.82 35.53
C GLN A 85 -3.48 -1.40 35.30
N ILE A 86 -3.27 -1.96 34.11
CA ILE A 86 -2.01 -2.60 33.77
C ILE A 86 -1.49 -2.04 32.45
N PHE A 87 -0.34 -2.53 31.99
CA PHE A 87 0.21 -2.22 30.67
C PHE A 87 0.49 -0.73 30.49
N GLY A 88 1.31 -0.17 31.37
CA GLY A 88 1.67 1.23 31.30
C GLY A 88 2.70 1.51 30.22
N LYS A 91 3.14 -2.95 26.63
CA LYS A 91 3.08 -3.52 25.29
C LYS A 91 3.68 -4.93 25.28
N PRO A 92 2.86 -5.94 25.59
CA PRO A 92 3.29 -7.33 25.72
C PRO A 92 3.27 -8.11 24.41
N VAL A 93 3.88 -9.29 24.41
CA VAL A 93 3.81 -10.21 23.28
C VAL A 93 3.08 -11.48 23.71
N PHE A 94 2.53 -12.20 22.74
CA PHE A 94 1.68 -13.35 23.04
C PHE A 94 2.05 -14.58 22.21
N ASP A 95 1.86 -15.74 22.81
CA ASP A 95 2.17 -17.02 22.19
C ASP A 95 1.06 -17.45 21.24
N GLY A 96 -0.17 -17.11 21.60
CA GLY A 96 -1.33 -17.60 20.90
C GLY A 96 -1.97 -18.68 21.74
N ARG A 97 -1.24 -19.12 22.76
CA ARG A 97 -1.72 -20.16 23.66
C ARG A 97 -1.13 -20.02 25.06
N LYS A 98 -1.82 -19.25 25.89
CA LYS A 98 -1.61 -19.20 27.34
C LYS A 98 -0.24 -18.70 27.82
N ASN A 99 0.68 -18.44 26.89
CA ASN A 99 1.98 -17.89 27.26
C ASN A 99 2.13 -16.43 26.86
N LEU A 100 2.48 -15.59 27.83
CA LEU A 100 2.61 -14.16 27.60
C LEU A 100 3.90 -13.61 28.22
N TYR A 101 4.52 -12.65 27.53
CA TYR A 101 5.76 -12.05 28.00
C TYR A 101 5.69 -10.53 27.93
N THR A 102 6.38 -9.87 28.86
CA THR A 102 6.46 -8.41 28.87
C THR A 102 7.90 -7.94 29.09
N ALA A 103 8.24 -6.78 28.53
CA ALA A 103 9.56 -6.21 28.71
C ALA A 103 9.74 -5.69 30.13
N MET A 104 8.78 -4.87 30.57
CA MET A 104 8.80 -4.33 31.92
C MET A 104 7.75 -5.04 32.78
N PRO A 105 7.98 -5.09 34.11
CA PRO A 105 7.05 -5.78 35.00
C PRO A 105 5.70 -5.06 35.12
N LEU A 106 4.72 -5.72 35.73
CA LEU A 106 3.39 -5.16 35.88
C LEU A 106 2.84 -5.48 37.27
N PRO A 107 1.79 -4.77 37.71
CA PRO A 107 1.23 -5.04 39.03
C PRO A 107 0.57 -6.42 39.15
N ILE A 108 1.33 -7.40 39.62
CA ILE A 108 0.81 -8.74 39.83
C ILE A 108 1.48 -9.46 41.00
N GLY A 109 1.28 -10.78 41.04
CA GLY A 109 1.91 -11.63 42.03
C GLY A 109 1.73 -13.07 41.60
N ARG A 110 2.15 -14.01 42.43
CA ARG A 110 1.98 -15.42 42.11
C ARG A 110 0.50 -15.81 42.09
N ASP A 111 -0.32 -15.01 42.76
CA ASP A 111 -1.75 -15.23 42.80
C ASP A 111 -2.39 -15.01 41.43
N LYS A 112 -3.49 -15.73 41.18
CA LYS A 112 -4.19 -15.62 39.90
C LYS A 112 -5.08 -14.39 39.85
N VAL A 113 -4.97 -13.63 38.77
CA VAL A 113 -5.79 -12.44 38.57
C VAL A 113 -6.77 -12.65 37.42
N GLU A 114 -8.03 -12.89 37.75
CA GLU A 114 -9.04 -13.18 36.75
C GLU A 114 -9.92 -11.97 36.45
N LEU A 115 -10.20 -11.75 35.17
CA LEU A 115 -11.05 -10.65 34.74
C LEU A 115 -11.93 -11.05 33.57
N GLU A 116 -12.74 -10.12 33.08
CA GLU A 116 -13.67 -10.41 31.99
C GLU A 116 -13.52 -9.42 30.85
N VAL A 117 -13.64 -9.91 29.61
CA VAL A 117 -13.57 -9.06 28.43
C VAL A 117 -14.73 -9.36 27.49
N THR A 118 -14.96 -8.47 26.53
CA THR A 118 -16.04 -8.63 25.57
C THR A 118 -15.59 -8.38 24.13
N LEU A 119 -16.02 -9.27 23.23
CA LEU A 119 -15.68 -9.14 21.82
C LEU A 119 -16.94 -9.08 20.96
N PRO A 120 -17.17 -7.92 20.32
CA PRO A 120 -18.34 -7.72 19.47
C PRO A 120 -18.32 -8.58 18.21
N ILE A 127 -17.04 -12.02 24.70
CA ILE A 127 -17.54 -12.55 25.97
C ILE A 127 -16.63 -13.66 26.47
N PHE A 128 -15.52 -13.29 27.11
CA PHE A 128 -14.54 -14.26 27.60
C PHE A 128 -14.09 -13.96 29.02
N LYS A 129 -13.51 -14.97 29.66
CA LYS A 129 -12.98 -14.82 31.02
C LYS A 129 -11.51 -15.22 31.05
N VAL A 130 -10.64 -14.25 31.31
CA VAL A 130 -9.21 -14.46 31.25
C VAL A 130 -8.54 -14.39 32.62
N SER A 131 -7.67 -15.35 32.90
CA SER A 131 -6.93 -15.38 34.17
C SER A 131 -5.43 -15.25 33.93
N ILE A 132 -4.85 -14.18 34.46
CA ILE A 132 -3.40 -13.95 34.30
C ILE A 132 -2.64 -14.36 35.56
N LYS A 133 -1.64 -15.19 35.38
CA LYS A 133 -0.82 -15.67 36.50
C LYS A 133 0.67 -15.50 36.22
N TRP A 134 1.39 -15.00 37.21
CA TRP A 134 2.85 -14.91 37.14
C TRP A 134 3.48 -16.29 37.08
N VAL A 135 4.56 -16.43 36.33
CA VAL A 135 5.28 -17.70 36.24
C VAL A 135 6.72 -17.56 36.71
N SER A 136 7.55 -16.91 35.89
CA SER A 136 8.97 -16.79 36.19
C SER A 136 9.61 -15.61 35.46
N CYS A 137 10.85 -15.31 35.85
CA CYS A 137 11.65 -14.30 35.16
C CYS A 137 12.61 -14.97 34.19
N VAL A 138 12.74 -14.40 33.00
CA VAL A 138 13.69 -14.91 32.02
C VAL A 138 14.80 -13.88 31.81
N SER A 139 15.94 -14.11 32.47
CA SER A 139 17.06 -13.19 32.42
C SER A 139 17.86 -13.35 31.14
N LEU A 140 18.10 -12.23 30.45
CA LEU A 140 18.91 -12.23 29.24
C LEU A 140 20.38 -12.06 29.59
N GLN A 141 20.65 -11.76 30.86
CA GLN A 141 22.01 -11.72 31.36
C GLN A 141 22.58 -13.14 31.39
N ALA A 142 21.73 -14.08 31.78
CA ALA A 142 22.11 -15.49 31.79
C ALA A 142 22.30 -15.99 30.35
N LEU A 143 21.61 -15.34 29.42
CA LEU A 143 21.75 -15.67 28.01
C LEU A 143 23.15 -15.28 27.52
N HIS A 144 23.59 -14.10 27.93
CA HIS A 144 24.93 -13.63 27.60
C HIS A 144 25.98 -14.52 28.26
N ASP A 145 25.66 -15.02 29.46
CA ASP A 145 26.54 -15.94 30.16
C ASP A 145 26.59 -17.29 29.44
N ALA A 146 25.51 -17.62 28.76
CA ALA A 146 25.43 -18.86 28.00
C ALA A 146 26.17 -18.75 26.68
N LEU A 147 26.04 -17.59 26.04
CA LEU A 147 26.73 -17.34 24.78
C LEU A 147 28.23 -17.14 25.02
N SER A 148 28.57 -16.57 26.17
CA SER A 148 29.96 -16.45 26.57
C SER A 148 30.45 -17.80 27.13
N GLY A 149 31.68 -17.84 27.60
CA GLY A 149 32.26 -19.07 28.10
C GLY A 149 31.83 -19.42 29.50
N ARG A 150 30.92 -18.64 30.07
CA ARG A 150 30.49 -18.83 31.45
C ARG A 150 29.60 -20.06 31.61
N LEU A 151 28.35 -19.97 31.15
CA LEU A 151 27.40 -21.06 31.28
C LEU A 151 27.40 -21.98 30.07
N PRO A 152 27.46 -23.30 30.32
CA PRO A 152 27.51 -24.31 29.26
C PRO A 152 26.16 -24.55 28.59
N SER A 153 25.08 -24.41 29.34
CA SER A 153 23.75 -24.69 28.82
C SER A 153 23.04 -23.43 28.34
N VAL A 154 22.42 -23.52 27.18
CA VAL A 154 21.61 -22.42 26.65
C VAL A 154 20.14 -22.63 27.02
N PRO A 155 19.59 -21.74 27.86
CA PRO A 155 18.22 -21.83 28.36
C PRO A 155 17.18 -21.90 27.24
N PHE A 156 16.48 -23.03 27.14
CA PHE A 156 15.50 -23.24 26.08
C PHE A 156 14.29 -22.32 26.25
N GLU A 157 13.93 -22.03 27.50
CA GLU A 157 12.80 -21.15 27.79
C GLU A 157 13.07 -19.75 27.27
N THR A 158 14.34 -19.34 27.31
CA THR A 158 14.74 -18.03 26.83
C THR A 158 14.60 -17.96 25.31
N ILE A 159 15.07 -19.01 24.63
CA ILE A 159 14.97 -19.11 23.18
C ILE A 159 13.50 -19.08 22.76
N GLN A 160 12.67 -19.79 23.51
CA GLN A 160 11.23 -19.80 23.28
C GLN A 160 10.65 -18.41 23.39
N ALA A 161 11.03 -17.70 24.45
CA ALA A 161 10.52 -16.36 24.72
C ALA A 161 10.90 -15.40 23.59
N LEU A 162 12.18 -15.41 23.21
CA LEU A 162 12.67 -14.56 22.12
C LEU A 162 11.92 -14.86 20.82
N ASP A 163 11.70 -16.13 20.54
CA ASP A 163 11.01 -16.54 19.33
C ASP A 163 9.57 -16.07 19.32
N VAL A 164 8.93 -16.09 20.49
CA VAL A 164 7.56 -15.60 20.63
C VAL A 164 7.49 -14.10 20.35
N VAL A 165 8.48 -13.37 20.84
CA VAL A 165 8.59 -11.94 20.61
C VAL A 165 8.72 -11.63 19.12
N MET A 166 9.67 -12.28 18.46
CA MET A 166 9.95 -12.03 17.05
C MET A 166 8.80 -12.48 16.14
N ARG A 167 7.98 -13.40 16.64
CA ARG A 167 6.88 -13.93 15.84
C ARG A 167 5.53 -13.29 16.17
N HIS A 168 5.49 -12.50 17.24
CA HIS A 168 4.22 -11.93 17.69
C HIS A 168 3.55 -11.03 16.65
N LEU A 169 4.33 -10.15 16.04
CA LEU A 169 3.78 -9.25 15.02
C LEU A 169 3.37 -9.95 13.72
N PRO A 170 4.26 -10.76 13.12
CA PRO A 170 3.84 -11.37 11.85
C PRO A 170 2.75 -12.41 12.03
N SER A 171 2.51 -12.86 13.25
CA SER A 171 1.45 -13.81 13.54
C SER A 171 0.08 -13.17 13.34
N MET A 172 0.04 -11.83 13.43
CA MET A 172 -1.22 -11.10 13.26
C MET A 172 -1.21 -10.32 11.94
N ARG A 173 -0.03 -9.86 11.54
CA ARG A 173 0.10 -9.04 10.34
C ARG A 173 0.11 -9.89 9.07
N TYR A 174 0.85 -10.99 9.10
CA TYR A 174 0.94 -11.88 7.95
C TYR A 174 -0.01 -13.06 8.10
N THR A 175 0.00 -13.95 7.11
CA THR A 175 -0.83 -15.15 7.14
C THR A 175 0.00 -16.36 7.51
N PRO A 176 -0.12 -16.85 8.75
CA PRO A 176 0.69 -17.95 9.26
C PRO A 176 0.33 -19.31 8.65
N VAL A 177 1.32 -20.00 8.11
CA VAL A 177 1.15 -21.36 7.62
C VAL A 177 2.24 -22.26 8.18
N GLY A 178 1.83 -23.20 9.04
CA GLY A 178 2.79 -24.06 9.71
C GLY A 178 3.66 -23.26 10.65
N ARG A 179 4.95 -23.17 10.32
CA ARG A 179 5.90 -22.40 11.10
C ARG A 179 6.39 -21.19 10.32
N SER A 180 5.75 -20.95 9.18
CA SER A 180 6.14 -19.85 8.31
C SER A 180 5.06 -18.77 8.28
N PHE A 181 5.35 -17.66 7.61
CA PHE A 181 4.39 -16.57 7.44
C PHE A 181 4.32 -16.18 5.96
N PHE A 182 3.12 -16.17 5.40
CA PHE A 182 2.94 -15.84 4.00
C PHE A 182 2.16 -14.53 3.80
N THR A 183 2.26 -13.98 2.60
CA THR A 183 1.55 -12.76 2.24
C THR A 183 1.50 -12.59 0.72
N ALA A 184 0.71 -11.63 0.26
CA ALA A 184 0.57 -11.38 -1.17
C ALA A 184 1.76 -10.57 -1.70
N SER A 185 1.68 -10.18 -2.96
CA SER A 185 2.73 -9.37 -3.58
C SER A 185 2.35 -7.89 -3.52
N GLU A 186 3.35 -7.06 -3.26
CA GLU A 186 3.12 -5.62 -3.11
C GLU A 186 2.73 -4.97 -4.44
N GLY A 187 3.45 -5.33 -5.50
CA GLY A 187 3.19 -4.76 -6.81
C GLY A 187 2.78 -5.79 -7.84
N CYS A 188 3.75 -6.49 -8.40
CA CYS A 188 3.50 -7.48 -9.45
C CYS A 188 2.81 -8.72 -8.90
N SER A 189 1.53 -8.88 -9.24
CA SER A 189 0.76 -10.03 -8.79
C SER A 189 0.95 -11.22 -9.73
N ASN A 190 1.66 -12.23 -9.25
CA ASN A 190 1.91 -13.44 -10.04
C ASN A 190 0.70 -14.36 -10.07
N PRO A 191 0.10 -14.54 -11.26
CA PRO A 191 -1.09 -15.38 -11.42
C PRO A 191 -0.75 -16.83 -11.73
N LEU A 192 -1.76 -17.69 -11.68
CA LEU A 192 -1.59 -19.10 -12.00
C LEU A 192 -2.72 -19.61 -12.87
N GLY A 193 -3.75 -18.78 -13.04
CA GLY A 193 -4.96 -19.19 -13.72
C GLY A 193 -5.93 -19.73 -12.70
N GLY A 194 -7.18 -19.92 -13.11
CA GLY A 194 -8.22 -20.32 -12.18
C GLY A 194 -8.39 -19.23 -11.15
N GLY A 195 -8.62 -19.61 -9.90
CA GLY A 195 -8.73 -18.64 -8.82
C GLY A 195 -7.44 -18.52 -8.02
N ARG A 196 -6.36 -19.08 -8.55
CA ARG A 196 -5.10 -19.13 -7.81
C ARG A 196 -4.12 -18.02 -8.19
N GLU A 197 -3.21 -17.74 -7.26
CA GLU A 197 -2.09 -16.84 -7.50
C GLU A 197 -0.94 -17.25 -6.59
N VAL A 198 0.25 -16.69 -6.81
CA VAL A 198 1.42 -17.07 -6.03
C VAL A 198 1.70 -16.11 -4.88
N TRP A 199 1.54 -16.59 -3.66
CA TRP A 199 1.90 -15.82 -2.47
C TRP A 199 3.27 -16.24 -1.98
N PHE A 200 4.08 -15.26 -1.60
CA PHE A 200 5.42 -15.53 -1.09
C PHE A 200 5.43 -15.47 0.43
N GLY A 201 6.40 -16.15 1.05
CA GLY A 201 6.49 -16.18 2.49
C GLY A 201 7.88 -16.52 2.99
N PHE A 202 8.02 -16.61 4.30
CA PHE A 202 9.32 -16.87 4.91
C PHE A 202 9.19 -17.63 6.22
N HIS A 203 10.26 -18.34 6.59
CA HIS A 203 10.31 -19.07 7.85
C HIS A 203 11.38 -18.49 8.76
N GLN A 204 10.96 -17.99 9.93
CA GLN A 204 11.91 -17.41 10.88
C GLN A 204 12.04 -18.26 12.14
N SER A 205 13.21 -18.20 12.76
CA SER A 205 13.48 -18.94 13.98
C SER A 205 14.72 -18.38 14.68
N VAL A 206 14.60 -18.10 15.97
CA VAL A 206 15.72 -17.58 16.75
C VAL A 206 16.66 -18.70 17.18
N ARG A 207 17.92 -18.60 16.78
CA ARG A 207 18.90 -19.64 17.10
C ARG A 207 20.12 -19.08 17.84
N PRO A 208 20.68 -19.87 18.76
CA PRO A 208 21.91 -19.50 19.47
C PRO A 208 23.14 -19.72 18.61
N SER A 209 24.17 -18.90 18.84
CA SER A 209 25.42 -19.02 18.08
C SER A 209 26.62 -18.93 18.99
N LEU A 210 27.81 -18.82 18.40
CA LEU A 210 29.07 -18.84 19.14
C LEU A 210 29.16 -17.70 20.17
N TRP A 211 28.90 -16.48 19.73
CA TRP A 211 28.99 -15.33 20.63
C TRP A 211 27.70 -14.52 20.67
N LYS A 212 27.00 -14.41 19.54
CA LYS A 212 25.81 -13.57 19.46
C LYS A 212 24.60 -14.31 18.93
N MET A 213 23.44 -14.04 19.53
CA MET A 213 22.17 -14.61 19.08
C MET A 213 21.88 -14.22 17.63
N MET A 214 21.30 -15.14 16.87
CA MET A 214 21.02 -14.87 15.47
C MET A 214 19.60 -15.29 15.06
N LEU A 215 19.11 -14.68 13.98
CA LEU A 215 17.77 -14.95 13.48
C LEU A 215 17.83 -15.70 12.15
N ASN A 216 17.48 -16.98 12.17
CA ASN A 216 17.49 -17.79 10.96
C ASN A 216 16.24 -17.56 10.12
N ILE A 217 16.44 -17.19 8.86
CA ILE A 217 15.33 -16.88 7.97
C ILE A 217 15.53 -17.44 6.57
N ASP A 218 14.52 -18.17 6.09
CA ASP A 218 14.58 -18.75 4.74
C ASP A 218 13.24 -18.55 4.03
N VAL A 219 13.29 -18.05 2.79
CA VAL A 219 12.08 -17.72 2.04
C VAL A 219 11.46 -18.95 1.38
N SER A 220 10.20 -18.81 0.99
CA SER A 220 9.46 -19.87 0.30
C SER A 220 8.26 -19.30 -0.42
N ALA A 221 7.56 -20.13 -1.18
CA ALA A 221 6.39 -19.68 -1.94
C ALA A 221 5.36 -20.79 -2.11
N THR A 222 4.10 -20.40 -2.22
CA THR A 222 3.00 -21.34 -2.43
C THR A 222 1.84 -20.68 -3.15
N ALA A 223 0.74 -21.41 -3.31
CA ALA A 223 -0.40 -20.93 -4.08
C ALA A 223 -1.62 -20.63 -3.20
N PHE A 224 -2.06 -19.38 -3.24
CA PHE A 224 -3.25 -18.96 -2.51
C PHE A 224 -4.38 -18.64 -3.49
N TYR A 225 -5.60 -18.50 -2.95
CA TYR A 225 -6.74 -18.13 -3.79
C TYR A 225 -6.87 -16.61 -3.89
N LYS A 226 -6.97 -16.13 -5.12
CA LYS A 226 -7.02 -14.70 -5.40
C LYS A 226 -8.23 -14.02 -4.76
N ALA A 227 -7.98 -12.95 -4.03
CA ALA A 227 -9.06 -12.18 -3.39
C ALA A 227 -9.82 -11.37 -4.44
N GLN A 228 -10.89 -11.94 -4.96
CA GLN A 228 -11.67 -11.32 -6.02
C GLN A 228 -13.14 -11.70 -5.90
N PRO A 229 -14.04 -10.89 -6.48
CA PRO A 229 -15.46 -11.26 -6.53
C PRO A 229 -15.67 -12.63 -7.17
N VAL A 230 -16.60 -13.40 -6.63
CA VAL A 230 -16.87 -14.75 -7.11
C VAL A 230 -17.29 -14.72 -8.58
N ILE A 231 -17.92 -13.62 -8.99
CA ILE A 231 -18.33 -13.45 -10.38
C ILE A 231 -17.12 -13.43 -11.31
N GLU A 232 -15.98 -12.99 -10.79
CA GLU A 232 -14.73 -12.98 -11.56
C GLU A 232 -14.01 -14.32 -11.40
N PHE A 233 -14.27 -14.98 -10.29
CA PHE A 233 -13.74 -16.32 -10.05
C PHE A 233 -14.34 -17.28 -11.08
N VAL A 234 -15.63 -17.09 -11.37
CA VAL A 234 -16.32 -17.85 -12.40
C VAL A 234 -15.69 -17.58 -13.76
N CYS A 235 -15.38 -16.32 -14.02
CA CYS A 235 -14.77 -15.91 -15.29
C CYS A 235 -13.42 -16.58 -15.52
N GLU A 236 -12.61 -16.64 -14.47
CA GLU A 236 -11.26 -17.19 -14.59
C GLU A 236 -11.27 -18.72 -14.61
N VAL A 237 -12.19 -19.32 -13.87
CA VAL A 237 -12.30 -20.78 -13.84
C VAL A 237 -12.86 -21.33 -15.15
N LEU A 238 -13.90 -20.68 -15.67
CA LEU A 238 -14.56 -21.14 -16.88
C LEU A 238 -13.95 -20.52 -18.14
N ASP A 239 -12.77 -19.92 -17.99
CA ASP A 239 -12.03 -19.33 -19.09
C ASP A 239 -12.86 -18.27 -19.82
N PHE A 240 -13.50 -17.39 -19.06
CA PHE A 240 -14.27 -16.28 -19.63
C PHE A 240 -13.46 -14.99 -19.60
N LYS A 241 -13.46 -14.26 -20.72
CA LYS A 241 -12.86 -12.94 -20.75
C LYS A 241 -13.66 -12.01 -19.86
N SER A 242 -14.99 -12.09 -20.00
CA SER A 242 -15.90 -11.33 -19.16
C SER A 242 -17.12 -12.19 -18.81
N ILE A 243 -17.91 -11.73 -17.86
CA ILE A 243 -19.09 -12.47 -17.44
C ILE A 243 -20.21 -12.34 -18.46
N GLU A 244 -20.20 -11.24 -19.21
CA GLU A 244 -21.22 -11.01 -20.22
C GLU A 244 -20.94 -11.77 -21.51
N GLU A 245 -19.95 -12.66 -21.47
CA GLU A 245 -19.67 -13.53 -22.61
C GLU A 245 -20.81 -14.53 -22.80
N GLN A 246 -21.44 -14.93 -21.70
CA GLN A 246 -22.62 -15.77 -21.79
C GLN A 246 -23.76 -15.20 -20.95
N GLN A 247 -24.93 -15.10 -21.55
CA GLN A 247 -26.13 -14.65 -20.84
C GLN A 247 -26.97 -15.86 -20.46
N LYS A 248 -26.63 -17.00 -21.05
CA LYS A 248 -27.30 -18.25 -20.74
C LYS A 248 -26.64 -18.92 -19.53
N PRO A 249 -27.45 -19.60 -18.72
CA PRO A 249 -26.92 -20.28 -17.53
C PRO A 249 -25.88 -21.33 -17.87
N LEU A 250 -25.08 -21.72 -16.88
CA LEU A 250 -24.00 -22.67 -17.06
C LEU A 250 -24.53 -24.05 -17.42
N THR A 251 -23.85 -24.72 -18.36
CA THR A 251 -24.14 -26.10 -18.66
C THR A 251 -23.74 -26.96 -17.46
N ASP A 252 -24.21 -28.20 -17.44
CA ASP A 252 -23.96 -29.09 -16.30
C ASP A 252 -22.47 -29.31 -16.06
N SER A 253 -21.70 -29.37 -17.14
CA SER A 253 -20.25 -29.54 -17.04
C SER A 253 -19.60 -28.32 -16.40
N GLN A 254 -20.09 -27.14 -16.75
CA GLN A 254 -19.58 -25.90 -16.19
C GLN A 254 -19.94 -25.77 -14.70
N ARG A 255 -21.13 -26.22 -14.35
CA ARG A 255 -21.57 -26.23 -12.95
C ARG A 255 -20.67 -27.12 -12.10
N VAL A 256 -20.39 -28.32 -12.62
CA VAL A 256 -19.52 -29.27 -11.92
C VAL A 256 -18.11 -28.71 -11.78
N LYS A 257 -17.59 -28.15 -12.87
CA LYS A 257 -16.25 -27.57 -12.87
C LYS A 257 -16.12 -26.44 -11.87
N PHE A 258 -17.07 -25.51 -11.90
CA PHE A 258 -17.08 -24.38 -10.98
C PHE A 258 -17.27 -24.85 -9.54
N THR A 259 -18.09 -25.88 -9.36
CA THR A 259 -18.32 -26.44 -8.04
C THR A 259 -17.05 -27.10 -7.51
N LYS A 260 -16.38 -27.85 -8.37
CA LYS A 260 -15.13 -28.53 -8.02
C LYS A 260 -14.06 -27.55 -7.53
N GLU A 261 -14.14 -26.31 -8.00
CA GLU A 261 -13.16 -25.29 -7.67
C GLU A 261 -13.52 -24.49 -6.42
N ILE A 262 -14.82 -24.32 -6.17
CA ILE A 262 -15.26 -23.43 -5.11
C ILE A 262 -15.81 -24.17 -3.89
N LYS A 263 -16.14 -25.45 -4.05
CA LYS A 263 -16.66 -26.23 -2.93
C LYS A 263 -15.61 -26.36 -1.82
N GLY A 264 -15.86 -25.69 -0.70
CA GLY A 264 -14.97 -25.74 0.43
C GLY A 264 -14.35 -24.40 0.77
N LEU A 265 -14.32 -23.50 -0.22
CA LEU A 265 -13.73 -22.18 -0.03
C LEU A 265 -14.60 -21.30 0.85
N LYS A 266 -14.00 -20.26 1.41
CA LYS A 266 -14.73 -19.30 2.22
C LYS A 266 -14.96 -18.00 1.44
N VAL A 267 -16.14 -17.41 1.62
CA VAL A 267 -16.48 -16.17 0.93
C VAL A 267 -17.08 -15.16 1.90
N GLU A 268 -16.83 -13.87 1.64
CA GLU A 268 -17.39 -12.80 2.46
C GLU A 268 -18.48 -12.07 1.69
N ILE A 269 -19.49 -11.60 2.42
CA ILE A 269 -20.64 -10.95 1.81
C ILE A 269 -20.43 -9.44 1.72
N THR A 270 -21.10 -8.81 0.75
CA THR A 270 -20.91 -7.38 0.51
C THR A 270 -22.20 -6.61 0.26
N HIS A 271 -23.13 -6.69 1.22
CA HIS A 271 -24.33 -5.86 1.18
C HIS A 271 -24.85 -5.57 2.59
N CYS A 272 -23.91 -5.47 3.53
CA CYS A 272 -24.25 -5.15 4.91
C CYS A 272 -23.22 -4.20 5.51
N LYS A 276 -18.61 -8.45 4.86
CA LYS A 276 -18.59 -8.47 6.32
C LYS A 276 -18.65 -9.89 6.86
N ARG A 277 -19.84 -10.48 6.85
CA ARG A 277 -20.02 -11.83 7.36
C ARG A 277 -19.33 -12.86 6.47
N LYS A 278 -18.43 -13.63 7.06
CA LYS A 278 -17.70 -14.66 6.33
C LYS A 278 -18.48 -15.98 6.31
N TYR A 279 -18.55 -16.59 5.15
CA TYR A 279 -19.31 -17.82 4.96
C TYR A 279 -18.45 -18.92 4.35
N ARG A 280 -18.90 -20.17 4.45
CA ARG A 280 -18.19 -21.29 3.85
C ARG A 280 -19.07 -22.02 2.85
N VAL A 281 -18.67 -21.98 1.58
CA VAL A 281 -19.42 -22.63 0.52
C VAL A 281 -19.40 -24.14 0.63
N CYS A 282 -20.56 -24.75 0.76
CA CYS A 282 -20.65 -26.21 0.87
C CYS A 282 -21.10 -26.85 -0.43
N ASN A 283 -21.79 -26.09 -1.27
CA ASN A 283 -22.27 -26.60 -2.55
C ASN A 283 -22.71 -25.48 -3.49
N VAL A 284 -22.99 -25.84 -4.75
CA VAL A 284 -23.48 -24.90 -5.75
C VAL A 284 -24.83 -25.36 -6.28
N THR A 285 -25.80 -24.43 -6.30
CA THR A 285 -27.16 -24.76 -6.73
C THR A 285 -27.22 -25.15 -8.20
N ARG A 286 -28.22 -25.96 -8.54
CA ARG A 286 -28.43 -26.40 -9.91
C ARG A 286 -29.24 -25.37 -10.68
N ARG A 287 -30.20 -24.77 -9.99
CA ARG A 287 -31.10 -23.79 -10.60
C ARG A 287 -30.54 -22.37 -10.48
N PRO A 288 -30.87 -21.51 -11.46
CA PRO A 288 -30.45 -20.11 -11.46
C PRO A 288 -30.93 -19.35 -10.23
N ALA A 289 -30.40 -18.15 -10.03
CA ALA A 289 -30.76 -17.32 -8.89
C ALA A 289 -32.19 -16.82 -8.98
N SER A 290 -32.74 -16.83 -10.19
CA SER A 290 -34.09 -16.34 -10.43
C SER A 290 -35.14 -17.38 -10.07
N HIS A 291 -34.70 -18.63 -9.91
CA HIS A 291 -35.63 -19.73 -9.65
C HIS A 291 -35.27 -20.55 -8.41
N GLN A 292 -34.08 -20.32 -7.87
CA GLN A 292 -33.66 -21.02 -6.66
C GLN A 292 -34.52 -20.59 -5.46
N THR A 293 -35.31 -21.53 -4.95
CA THR A 293 -36.27 -21.22 -3.90
C THR A 293 -35.80 -21.67 -2.51
N PHE A 294 -36.44 -21.13 -1.47
CA PHE A 294 -36.12 -21.46 -0.09
C PHE A 294 -37.24 -21.04 0.84
N PRO A 295 -37.42 -21.75 1.97
CA PRO A 295 -38.39 -21.36 2.99
C PRO A 295 -38.08 -19.98 3.56
N LEU A 296 -38.95 -19.00 3.34
CA LEU A 296 -38.68 -17.62 3.70
C LEU A 296 -38.85 -17.37 5.20
N GLN A 297 -39.78 -18.09 5.82
CA GLN A 297 -40.09 -17.94 7.25
C GLN A 297 -40.25 -16.47 7.64
N GLN A 298 -41.19 -15.79 6.98
CA GLN A 298 -41.43 -14.37 7.21
C GLN A 298 -42.13 -14.13 8.55
N GLU A 299 -41.34 -14.09 9.61
CA GLU A 299 -41.85 -13.90 10.97
C GLU A 299 -42.88 -14.98 11.31
N SER A 300 -44.10 -14.56 11.60
CA SER A 300 -45.19 -15.49 11.87
C SER A 300 -45.76 -16.04 10.57
N GLY A 301 -46.50 -17.13 10.66
CA GLY A 301 -47.08 -17.76 9.48
C GLY A 301 -46.10 -18.72 8.84
N GLN A 302 -44.94 -18.88 9.48
CA GLN A 302 -43.91 -19.80 9.02
C GLN A 302 -43.43 -19.54 7.59
N THR A 303 -43.17 -20.63 6.87
CA THR A 303 -42.45 -20.55 5.60
C THR A 303 -43.34 -20.26 4.39
N VAL A 304 -42.76 -19.53 3.43
CA VAL A 304 -43.37 -19.35 2.12
C VAL A 304 -42.29 -19.51 1.05
N GLU A 305 -42.63 -20.19 -0.05
CA GLU A 305 -41.67 -20.43 -1.12
C GLU A 305 -41.26 -19.13 -1.81
N CYS A 306 -39.99 -18.76 -1.67
CA CYS A 306 -39.49 -17.53 -2.25
C CYS A 306 -38.17 -17.75 -2.98
N THR A 307 -38.01 -17.12 -4.14
CA THR A 307 -36.78 -17.22 -4.90
C THR A 307 -35.73 -16.25 -4.37
N VAL A 308 -34.46 -16.59 -4.56
CA VAL A 308 -33.34 -15.79 -4.06
C VAL A 308 -33.35 -14.38 -4.64
N ALA A 309 -33.58 -14.29 -5.94
CA ALA A 309 -33.58 -12.99 -6.62
C ALA A 309 -34.69 -12.09 -6.10
N GLN A 310 -35.86 -12.67 -5.85
CA GLN A 310 -36.99 -11.93 -5.31
C GLN A 310 -36.70 -11.47 -3.89
N TYR A 311 -35.96 -12.30 -3.15
CA TYR A 311 -35.61 -11.98 -1.77
C TYR A 311 -34.69 -10.77 -1.70
N PHE A 312 -33.62 -10.80 -2.49
CA PHE A 312 -32.65 -9.70 -2.51
C PHE A 312 -33.25 -8.43 -3.10
N LYS A 313 -34.31 -8.59 -3.88
CA LYS A 313 -35.01 -7.44 -4.46
C LYS A 313 -35.92 -6.78 -3.42
N ASP A 314 -36.56 -7.60 -2.60
CA ASP A 314 -37.47 -7.11 -1.57
C ASP A 314 -36.73 -6.76 -0.28
N ARG A 315 -36.01 -7.74 0.26
CA ARG A 315 -35.36 -7.59 1.57
C ARG A 315 -34.20 -6.60 1.54
N HIS A 316 -33.24 -6.81 0.64
CA HIS A 316 -32.05 -5.98 0.61
C HIS A 316 -32.11 -4.90 -0.45
N LYS A 317 -33.27 -4.76 -1.09
CA LYS A 317 -33.50 -3.75 -2.13
C LYS A 317 -32.43 -3.79 -3.22
N LEU A 318 -32.05 -5.01 -3.61
CA LEU A 318 -31.00 -5.19 -4.61
C LEU A 318 -31.46 -6.06 -5.77
N VAL A 319 -31.50 -5.50 -6.96
CA VAL A 319 -31.80 -6.28 -8.15
C VAL A 319 -30.55 -6.98 -8.65
N LEU A 320 -30.67 -8.27 -8.95
CA LEU A 320 -29.53 -9.05 -9.38
C LEU A 320 -29.14 -8.71 -10.82
N ARG A 321 -27.89 -8.31 -11.00
CA ARG A 321 -27.37 -7.94 -12.31
C ARG A 321 -27.19 -9.17 -13.18
N TYR A 322 -26.95 -10.31 -12.54
CA TYR A 322 -26.77 -11.57 -13.24
C TYR A 322 -27.57 -12.69 -12.60
N PRO A 323 -28.90 -12.69 -12.82
CA PRO A 323 -29.80 -13.65 -12.18
C PRO A 323 -29.74 -15.05 -12.80
N HIS A 324 -29.11 -15.18 -13.96
CA HIS A 324 -29.09 -16.44 -14.68
C HIS A 324 -27.98 -17.37 -14.20
N LEU A 325 -27.12 -16.87 -13.32
CA LEU A 325 -26.06 -17.69 -12.75
C LEU A 325 -26.55 -18.38 -11.47
N PRO A 326 -26.00 -19.57 -11.17
CA PRO A 326 -26.42 -20.32 -9.96
C PRO A 326 -26.01 -19.62 -8.67
N CYS A 327 -26.37 -20.22 -7.54
CA CYS A 327 -26.07 -19.65 -6.23
C CYS A 327 -25.09 -20.51 -5.43
N LEU A 328 -24.50 -19.92 -4.42
CA LEU A 328 -23.61 -20.65 -3.51
C LEU A 328 -24.40 -21.16 -2.30
N GLN A 329 -24.47 -22.47 -2.14
CA GLN A 329 -25.11 -23.03 -0.96
C GLN A 329 -24.14 -22.92 0.21
N VAL A 330 -24.58 -22.26 1.28
CA VAL A 330 -23.71 -21.93 2.38
C VAL A 330 -24.23 -22.49 3.70
N GLY A 331 -23.32 -23.03 4.51
CA GLY A 331 -23.66 -23.50 5.85
C GLY A 331 -24.16 -24.92 5.85
N GLN A 332 -25.31 -25.12 6.49
CA GLN A 332 -25.90 -26.44 6.60
C GLN A 332 -26.91 -26.69 5.48
N GLU A 333 -26.91 -27.90 4.94
CA GLU A 333 -27.82 -28.25 3.85
C GLU A 333 -29.26 -28.22 4.33
N GLN A 334 -29.46 -28.47 5.63
CA GLN A 334 -30.79 -28.42 6.23
C GLN A 334 -31.22 -26.99 6.48
N LYS A 335 -30.27 -26.07 6.46
CA LYS A 335 -30.53 -24.67 6.75
C LYS A 335 -31.05 -23.93 5.52
N HIS A 336 -30.70 -24.45 4.34
CA HIS A 336 -31.10 -23.86 3.06
C HIS A 336 -30.70 -22.39 2.96
N THR A 337 -29.39 -22.13 2.98
CA THR A 337 -28.88 -20.77 2.86
C THR A 337 -28.10 -20.61 1.56
N TYR A 338 -28.61 -19.75 0.68
CA TYR A 338 -28.04 -19.58 -0.64
C TYR A 338 -27.59 -18.13 -0.87
N LEU A 339 -26.60 -17.95 -1.74
CA LEU A 339 -26.06 -16.62 -2.00
C LEU A 339 -25.75 -16.41 -3.49
N PRO A 340 -26.27 -15.31 -4.07
CA PRO A 340 -25.90 -14.93 -5.43
C PRO A 340 -24.42 -14.60 -5.53
N LEU A 341 -23.83 -14.83 -6.69
CA LEU A 341 -22.39 -14.67 -6.86
C LEU A 341 -21.94 -13.21 -6.77
N GLU A 342 -22.84 -12.30 -7.10
CA GLU A 342 -22.48 -10.89 -7.20
C GLU A 342 -22.47 -10.17 -5.85
N VAL A 343 -22.75 -10.90 -4.77
CA VAL A 343 -22.66 -10.33 -3.43
C VAL A 343 -21.59 -11.04 -2.62
N CYS A 344 -20.85 -11.93 -3.27
CA CYS A 344 -19.82 -12.70 -2.59
C CYS A 344 -18.43 -12.43 -3.15
N ASN A 345 -17.47 -12.21 -2.26
CA ASN A 345 -16.07 -12.10 -2.62
C ASN A 345 -15.25 -13.18 -1.92
N ILE A 346 -14.28 -13.73 -2.62
CA ILE A 346 -13.42 -14.75 -2.03
C ILE A 346 -12.41 -14.12 -1.07
N VAL A 347 -12.46 -14.53 0.18
CA VAL A 347 -11.58 -13.98 1.22
C VAL A 347 -10.14 -14.44 1.00
N ALA A 348 -9.21 -13.51 1.15
CA ALA A 348 -7.79 -13.80 0.97
C ALA A 348 -7.25 -14.61 2.15
N GLY A 349 -6.08 -15.20 1.96
CA GLY A 349 -5.46 -16.01 3.01
C GLY A 349 -5.82 -17.48 2.89
N GLN A 350 -6.44 -17.84 1.78
CA GLN A 350 -6.83 -19.23 1.54
C GLN A 350 -5.85 -19.94 0.62
N ARG A 351 -5.01 -20.79 1.20
CA ARG A 351 -4.05 -21.56 0.43
C ARG A 351 -4.74 -22.65 -0.38
N CYS A 352 -4.24 -22.92 -1.58
CA CYS A 352 -4.82 -23.92 -2.45
C CYS A 352 -4.31 -25.32 -2.11
N ILE A 353 -5.17 -26.31 -2.29
CA ILE A 353 -4.81 -27.70 -2.03
C ILE A 353 -5.03 -28.54 -3.29
N LYS A 354 -5.86 -28.02 -4.19
CA LYS A 354 -6.20 -28.71 -5.43
C LYS A 354 -4.97 -29.00 -6.29
N LYS A 355 -5.11 -29.96 -7.20
CA LYS A 355 -4.03 -30.34 -8.10
C LYS A 355 -3.65 -29.16 -9.00
N LEU A 356 -2.36 -29.05 -9.31
CA LEU A 356 -1.87 -27.98 -10.16
C LEU A 356 -1.59 -28.49 -11.57
N THR A 357 -2.09 -27.77 -12.58
CA THR A 357 -1.88 -28.16 -13.96
C THR A 357 -0.45 -27.89 -14.39
N ASP A 358 -0.14 -28.17 -15.66
CA ASP A 358 1.20 -28.01 -16.18
C ASP A 358 1.68 -26.57 -16.11
N ASN A 359 0.83 -25.64 -16.54
CA ASN A 359 1.18 -24.22 -16.55
C ASN A 359 1.32 -23.66 -15.13
N GLN A 360 0.51 -24.17 -14.22
CA GLN A 360 0.52 -23.71 -12.84
C GLN A 360 1.78 -24.18 -12.11
N THR A 361 2.09 -25.46 -12.25
CA THR A 361 3.29 -26.03 -11.63
C THR A 361 4.54 -25.42 -12.26
N SER A 362 4.49 -25.19 -13.57
CA SER A 362 5.59 -24.54 -14.28
C SER A 362 5.85 -23.16 -13.72
N THR A 363 4.82 -22.31 -13.78
CA THR A 363 4.90 -20.93 -13.29
C THR A 363 5.33 -20.88 -11.82
N MET A 364 4.98 -21.92 -11.07
CA MET A 364 5.40 -22.04 -9.69
C MET A 364 6.92 -22.17 -9.60
N ILE A 365 7.45 -23.23 -10.20
CA ILE A 365 8.89 -23.48 -10.19
C ILE A 365 9.64 -22.47 -11.05
N ARG A 366 8.92 -21.78 -11.93
CA ARG A 366 9.50 -20.71 -12.74
C ARG A 366 9.51 -19.41 -11.95
N ALA A 367 9.09 -19.49 -10.69
CA ALA A 367 9.08 -18.33 -9.80
C ALA A 367 9.60 -18.70 -8.42
N THR A 368 9.83 -19.99 -8.19
CA THR A 368 10.40 -20.46 -6.94
C THR A 368 11.54 -21.44 -7.22
N ALA A 369 12.25 -21.84 -6.17
CA ALA A 369 13.40 -22.75 -6.29
C ALA A 369 14.42 -22.21 -7.27
N ARG A 370 14.63 -20.90 -7.23
CA ARG A 370 15.54 -20.23 -8.15
C ARG A 370 16.99 -20.51 -7.81
N SER A 371 17.91 -19.94 -8.60
CA SER A 371 19.34 -20.11 -8.38
C SER A 371 19.75 -19.49 -7.04
N ALA A 372 20.91 -19.91 -6.54
CA ALA A 372 21.42 -19.44 -5.26
C ALA A 372 21.54 -17.91 -5.16
N PRO A 373 22.03 -17.23 -6.22
CA PRO A 373 22.05 -15.77 -6.10
C PRO A 373 20.65 -15.16 -6.04
N ASP A 374 19.71 -15.75 -6.77
CA ASP A 374 18.34 -15.26 -6.78
C ASP A 374 17.68 -15.40 -5.41
N ARG A 375 17.80 -16.58 -4.82
CA ARG A 375 17.29 -16.83 -3.47
C ARG A 375 17.97 -15.91 -2.46
N GLN A 376 19.27 -15.70 -2.66
CA GLN A 376 20.05 -14.80 -1.81
C GLN A 376 19.47 -13.40 -1.81
N GLU A 377 19.20 -12.87 -2.99
CA GLU A 377 18.62 -11.53 -3.12
C GLU A 377 17.19 -11.49 -2.61
N GLU A 378 16.49 -12.61 -2.73
CA GLU A 378 15.11 -12.71 -2.23
C GLU A 378 15.08 -12.58 -0.71
N ILE A 379 16.01 -13.25 -0.05
CA ILE A 379 16.11 -13.19 1.41
C ILE A 379 16.52 -11.79 1.84
N SER A 380 17.46 -11.20 1.11
CA SER A 380 17.90 -9.84 1.37
C SER A 380 16.75 -8.85 1.19
N LYS A 381 16.04 -8.98 0.08
CA LYS A 381 14.88 -8.13 -0.19
C LYS A 381 13.84 -8.27 0.90
N LEU A 382 13.62 -9.51 1.33
CA LEU A 382 12.68 -9.80 2.40
C LEU A 382 13.07 -9.12 3.69
N MET A 383 14.35 -9.25 4.07
CA MET A 383 14.85 -8.67 5.31
C MET A 383 14.82 -7.14 5.26
N ARG A 384 14.78 -6.61 4.05
CA ARG A 384 14.72 -5.16 3.84
C ARG A 384 13.29 -4.66 4.01
N SER A 385 12.33 -5.42 3.48
CA SER A 385 10.94 -5.01 3.46
C SER A 385 10.17 -5.46 4.70
N ALA A 386 10.75 -6.41 5.45
CA ALA A 386 10.14 -6.87 6.70
C ALA A 386 10.34 -5.82 7.78
N ASP A 387 11.55 -5.25 7.81
CA ASP A 387 11.89 -4.14 8.70
C ASP A 387 11.60 -4.47 10.17
N PHE A 388 12.43 -5.34 10.74
CA PHE A 388 12.27 -5.74 12.14
C PHE A 388 12.65 -4.64 13.11
N ASN A 389 13.47 -3.69 12.66
CA ASN A 389 14.00 -2.64 13.52
C ASN A 389 13.03 -1.49 13.74
N THR A 390 11.87 -1.54 13.09
CA THR A 390 10.89 -0.47 13.23
C THR A 390 9.59 -0.98 13.83
N ASP A 391 9.44 -2.29 13.91
CA ASP A 391 8.25 -2.91 14.49
C ASP A 391 8.21 -2.66 16.00
N PRO A 392 7.03 -2.27 16.52
CA PRO A 392 6.88 -1.84 17.91
C PRO A 392 7.19 -2.93 18.93
N TYR A 393 6.81 -4.17 18.64
CA TYR A 393 7.00 -5.26 19.58
C TYR A 393 8.47 -5.67 19.67
N VAL A 394 9.21 -5.47 18.59
CA VAL A 394 10.64 -5.72 18.60
C VAL A 394 11.36 -4.60 19.34
N ARG A 395 10.96 -3.36 19.05
CA ARG A 395 11.56 -2.19 19.67
C ARG A 395 11.24 -2.12 21.16
N GLU A 396 10.12 -2.74 21.54
CA GLU A 396 9.70 -2.79 22.94
C GLU A 396 10.74 -3.48 23.81
N PHE A 397 11.32 -4.56 23.28
CA PHE A 397 12.32 -5.34 24.03
C PHE A 397 13.73 -4.89 23.71
N GLY A 398 13.86 -3.77 22.99
CA GLY A 398 15.16 -3.22 22.66
C GLY A 398 16.03 -4.16 21.85
N ILE A 399 15.42 -4.85 20.89
CA ILE A 399 16.14 -5.81 20.06
C ILE A 399 16.50 -5.23 18.71
N MET A 400 17.75 -5.43 18.30
CA MET A 400 18.23 -4.92 17.02
C MET A 400 18.71 -6.06 16.13
N VAL A 401 18.16 -6.14 14.92
CA VAL A 401 18.55 -7.17 13.97
C VAL A 401 19.29 -6.59 12.77
N LYS A 402 20.47 -7.14 12.49
CA LYS A 402 21.29 -6.68 11.38
C LYS A 402 20.61 -6.97 10.04
N ASP A 403 20.57 -5.96 9.16
CA ASP A 403 19.85 -6.08 7.90
C ASP A 403 20.68 -6.75 6.81
N GLU A 404 21.93 -7.07 7.12
CA GLU A 404 22.78 -7.79 6.18
C GLU A 404 23.04 -9.21 6.67
N MET A 405 23.11 -10.16 5.74
CA MET A 405 23.39 -11.55 6.09
C MET A 405 24.75 -11.69 6.76
N THR A 406 24.88 -12.71 7.59
CA THR A 406 26.10 -12.94 8.35
C THR A 406 27.22 -13.49 7.46
N ASP A 407 28.33 -12.76 7.40
CA ASP A 407 29.51 -13.23 6.71
C ASP A 407 30.15 -14.37 7.49
N VAL A 408 30.50 -15.45 6.81
CA VAL A 408 31.17 -16.57 7.46
C VAL A 408 32.34 -17.05 6.59
N THR A 409 33.44 -17.42 7.22
CA THR A 409 34.66 -17.77 6.50
C THR A 409 34.49 -19.00 5.60
N GLY A 410 34.27 -20.16 6.21
CA GLY A 410 34.07 -21.38 5.43
C GLY A 410 35.33 -21.87 4.75
N ARG A 411 35.32 -23.13 4.32
CA ARG A 411 36.49 -23.74 3.70
C ARG A 411 36.12 -24.99 2.89
N VAL A 412 36.69 -25.11 1.70
CA VAL A 412 36.41 -26.25 0.83
C VAL A 412 37.42 -27.36 1.01
N LEU A 413 36.95 -28.51 1.49
CA LEU A 413 37.81 -29.66 1.71
C LEU A 413 38.33 -30.23 0.40
N GLN A 414 39.35 -31.08 0.49
CA GLN A 414 39.99 -31.64 -0.70
C GLN A 414 39.41 -32.99 -1.06
N PRO A 415 38.89 -33.12 -2.29
CA PRO A 415 38.29 -34.36 -2.79
C PRO A 415 39.28 -35.52 -2.82
N PRO A 416 38.83 -36.71 -2.40
CA PRO A 416 39.69 -37.90 -2.39
C PRO A 416 39.88 -38.50 -3.77
N SER A 417 41.07 -39.03 -4.04
CA SER A 417 41.36 -39.68 -5.30
C SER A 417 40.66 -41.03 -5.38
N ILE A 418 39.88 -41.24 -6.43
CA ILE A 418 39.15 -42.49 -6.62
C ILE A 418 39.95 -43.44 -7.50
N LEU A 419 40.31 -44.60 -6.96
CA LEU A 419 41.16 -45.55 -7.65
C LEU A 419 40.36 -46.63 -8.38
N TYR A 420 40.45 -46.62 -9.71
CA TYR A 420 39.87 -47.69 -10.51
C TYR A 420 40.93 -48.73 -10.82
N GLY A 421 40.51 -49.94 -11.17
CA GLY A 421 41.44 -51.04 -11.34
C GLY A 421 41.30 -51.84 -12.61
N GLY A 422 41.50 -51.18 -13.75
CA GLY A 422 41.51 -51.88 -15.03
C GLY A 422 42.89 -52.48 -15.27
N ARG A 423 43.27 -52.63 -16.53
CA ARG A 423 44.62 -53.07 -16.86
C ARG A 423 45.62 -51.98 -16.50
N ASN A 424 45.23 -50.73 -16.75
CA ASN A 424 46.10 -49.59 -16.47
C ASN A 424 45.93 -49.07 -15.06
N LYS A 425 44.80 -49.41 -14.44
CA LYS A 425 44.46 -48.95 -13.10
C LYS A 425 44.52 -47.44 -12.97
N ALA A 426 43.81 -46.74 -13.85
CA ALA A 426 43.81 -45.28 -13.86
C ALA A 426 43.14 -44.71 -12.61
N ILE A 427 43.32 -43.41 -12.40
CA ILE A 427 42.73 -42.73 -11.26
C ILE A 427 41.76 -41.63 -11.70
N ALA A 428 40.65 -41.51 -10.99
CA ALA A 428 39.69 -40.44 -11.25
C ALA A 428 39.74 -39.40 -10.14
N THR A 429 39.98 -38.15 -10.52
CA THR A 429 39.99 -37.05 -9.54
C THR A 429 38.71 -36.24 -9.64
N PRO A 430 37.91 -36.26 -8.57
CA PRO A 430 36.63 -35.54 -8.50
C PRO A 430 36.79 -34.04 -8.74
N VAL A 431 36.38 -33.58 -9.92
CA VAL A 431 36.40 -32.16 -10.23
C VAL A 431 35.01 -31.58 -10.06
N GLN A 432 34.89 -30.61 -9.15
CA GLN A 432 33.62 -29.96 -8.83
C GLN A 432 32.58 -30.98 -8.33
N GLY A 433 33.06 -32.06 -7.70
CA GLY A 433 32.20 -33.05 -7.11
C GLY A 433 31.75 -34.17 -8.06
N VAL A 434 32.26 -34.14 -9.29
CA VAL A 434 31.88 -35.14 -10.29
C VAL A 434 33.11 -35.72 -10.99
N TRP A 435 33.10 -37.02 -11.22
CA TRP A 435 34.14 -37.67 -12.02
C TRP A 435 33.53 -38.65 -13.01
N ASP A 436 34.35 -39.27 -13.84
CA ASP A 436 33.86 -40.21 -14.85
C ASP A 436 34.81 -41.40 -15.02
N MET A 437 34.33 -42.44 -15.71
CA MET A 437 35.12 -43.63 -15.93
C MET A 437 35.73 -43.65 -17.34
N ARG A 438 35.94 -42.47 -17.91
CA ARG A 438 36.56 -42.37 -19.23
C ARG A 438 37.95 -42.95 -19.21
N ASN A 439 38.17 -43.96 -20.05
CA ASN A 439 39.43 -44.71 -20.10
C ASN A 439 39.73 -45.38 -18.76
N LYS A 440 38.69 -45.75 -18.04
CA LYS A 440 38.83 -46.38 -16.73
C LYS A 440 37.94 -47.62 -16.62
N GLN A 441 38.41 -48.62 -15.88
CA GLN A 441 37.66 -49.84 -15.66
C GLN A 441 37.54 -50.14 -14.16
N PHE A 442 36.50 -50.89 -13.79
CA PHE A 442 36.19 -51.19 -12.39
C PHE A 442 37.38 -51.77 -11.62
N HIS A 443 37.43 -51.47 -10.32
CA HIS A 443 38.48 -51.99 -9.44
C HIS A 443 38.45 -53.51 -9.42
N THR A 444 37.26 -54.07 -9.44
CA THR A 444 37.08 -55.51 -9.55
C THR A 444 35.89 -55.80 -10.46
N GLY A 445 36.17 -55.97 -11.75
CA GLY A 445 35.13 -56.23 -12.72
C GLY A 445 34.72 -57.69 -12.74
N ILE A 446 33.45 -57.94 -12.99
CA ILE A 446 32.93 -59.31 -13.02
C ILE A 446 32.57 -59.73 -14.44
N GLU A 447 33.15 -60.84 -14.89
CA GLU A 447 32.82 -61.38 -16.20
C GLU A 447 31.46 -62.06 -16.17
N ILE A 448 30.44 -61.37 -16.65
CA ILE A 448 29.09 -61.91 -16.70
C ILE A 448 28.96 -62.89 -17.85
N LYS A 449 28.73 -64.17 -17.52
CA LYS A 449 28.65 -65.21 -18.53
C LYS A 449 27.23 -65.76 -18.68
N VAL A 450 26.49 -65.82 -17.58
CA VAL A 450 25.13 -66.34 -17.61
C VAL A 450 24.14 -65.32 -17.03
N TRP A 451 23.19 -64.90 -17.86
CA TRP A 451 22.17 -63.94 -17.44
C TRP A 451 20.89 -64.10 -18.25
N ALA A 452 19.78 -63.58 -17.72
CA ALA A 452 18.47 -63.79 -18.35
C ALA A 452 17.72 -62.48 -18.59
N ILE A 453 16.71 -62.55 -19.45
CA ILE A 453 15.86 -61.41 -19.77
C ILE A 453 14.39 -61.77 -19.64
N ALA A 454 13.68 -61.06 -18.78
CA ALA A 454 12.25 -61.31 -18.58
C ALA A 454 11.45 -60.02 -18.68
N CYS A 455 10.97 -59.71 -19.88
CA CYS A 455 10.21 -58.49 -20.13
C CYS A 455 8.75 -58.64 -19.74
N PHE A 456 8.26 -57.76 -18.88
CA PHE A 456 6.87 -57.79 -18.44
C PHE A 456 6.04 -56.75 -19.20
N ALA A 457 6.71 -55.99 -20.06
CA ALA A 457 6.04 -55.03 -20.92
C ALA A 457 5.43 -55.73 -22.13
N PRO A 458 4.31 -55.21 -22.65
CA PRO A 458 3.68 -55.80 -23.83
C PRO A 458 4.61 -55.77 -25.05
N GLN A 459 4.66 -56.88 -25.77
CA GLN A 459 5.53 -57.01 -26.94
C GLN A 459 5.12 -56.05 -28.05
N ARG A 460 3.86 -55.62 -28.01
CA ARG A 460 3.32 -54.68 -28.99
C ARG A 460 4.08 -53.35 -28.98
N GLN A 461 4.45 -52.88 -27.80
CA GLN A 461 5.17 -51.62 -27.67
C GLN A 461 6.66 -51.85 -27.37
N CYS A 462 7.03 -53.12 -27.17
CA CYS A 462 8.42 -53.46 -26.90
C CYS A 462 8.85 -54.65 -27.77
N THR A 463 9.33 -54.35 -28.96
CA THR A 463 9.68 -55.39 -29.93
C THR A 463 10.96 -56.13 -29.54
N GLU A 464 11.24 -57.21 -30.25
CA GLU A 464 12.45 -57.99 -30.02
C GLU A 464 13.67 -57.23 -30.53
N VAL A 465 13.45 -56.33 -31.50
CA VAL A 465 14.50 -55.48 -32.03
C VAL A 465 15.03 -54.55 -30.94
N HIS A 466 14.11 -54.05 -30.13
CA HIS A 466 14.47 -53.20 -29.00
C HIS A 466 15.34 -53.95 -28.00
N LEU A 467 14.99 -55.20 -27.75
CA LEU A 467 15.72 -56.03 -26.78
C LEU A 467 17.12 -56.36 -27.27
N LYS A 468 17.26 -56.61 -28.57
CA LYS A 468 18.55 -56.96 -29.14
C LYS A 468 19.47 -55.74 -29.20
N SER A 469 18.89 -54.59 -29.57
CA SER A 469 19.64 -53.34 -29.60
C SER A 469 20.09 -52.95 -28.21
N PHE A 470 19.19 -53.10 -27.25
CA PHE A 470 19.50 -52.87 -25.84
C PHE A 470 20.60 -53.80 -25.37
N THR A 471 20.54 -55.04 -25.84
CA THR A 471 21.54 -56.04 -25.49
C THR A 471 22.92 -55.65 -26.02
N GLU A 472 22.98 -55.29 -27.29
CA GLU A 472 24.23 -54.86 -27.92
C GLU A 472 24.84 -53.67 -27.19
N GLN A 473 24.04 -52.64 -26.97
CA GLN A 473 24.48 -51.43 -26.29
C GLN A 473 24.96 -51.73 -24.88
N LEU A 474 24.23 -52.59 -24.18
CA LEU A 474 24.60 -52.96 -22.82
C LEU A 474 25.92 -53.72 -22.81
N ARG A 475 26.08 -54.65 -23.74
CA ARG A 475 27.30 -55.46 -23.82
C ARG A 475 28.53 -54.59 -24.06
N LYS A 476 28.40 -53.59 -24.93
CA LYS A 476 29.51 -52.69 -25.23
C LYS A 476 29.91 -51.87 -24.01
N ILE A 477 28.92 -51.20 -23.41
CA ILE A 477 29.14 -50.40 -22.21
C ILE A 477 29.71 -51.24 -21.08
N SER A 478 29.19 -52.45 -20.95
CA SER A 478 29.63 -53.39 -19.92
C SER A 478 31.11 -53.74 -20.07
N ARG A 479 31.50 -54.14 -21.28
CA ARG A 479 32.87 -54.54 -21.54
C ARG A 479 33.83 -53.37 -21.37
N ASP A 480 33.36 -52.17 -21.74
CA ASP A 480 34.15 -50.96 -21.59
C ASP A 480 34.34 -50.60 -20.12
N ALA A 481 33.36 -50.94 -19.30
CA ALA A 481 33.39 -50.60 -17.88
C ALA A 481 34.28 -51.54 -17.08
N GLY A 482 34.62 -52.68 -17.68
CA GLY A 482 35.43 -53.67 -16.99
C GLY A 482 34.59 -54.83 -16.49
N MET A 483 33.29 -54.75 -16.75
CA MET A 483 32.35 -55.81 -16.41
C MET A 483 31.78 -56.42 -17.68
N PRO A 484 32.57 -57.25 -18.37
CA PRO A 484 32.22 -57.70 -19.72
C PRO A 484 31.07 -58.71 -19.78
N ILE A 485 30.15 -58.49 -20.71
CA ILE A 485 29.14 -59.49 -21.03
C ILE A 485 29.73 -60.46 -22.04
N GLN A 486 29.98 -61.69 -21.60
CA GLN A 486 30.72 -62.66 -22.42
C GLN A 486 29.87 -63.27 -23.53
N GLY A 487 28.59 -62.94 -23.57
CA GLY A 487 27.72 -63.45 -24.61
C GLY A 487 26.24 -63.18 -24.44
N GLN A 488 25.45 -63.67 -25.37
CA GLN A 488 24.00 -63.47 -25.38
C GLN A 488 23.33 -64.11 -24.17
N PRO A 489 22.16 -63.59 -23.78
CA PRO A 489 21.43 -64.16 -22.63
C PRO A 489 20.97 -65.59 -22.87
N CYS A 490 20.98 -66.40 -21.81
CA CYS A 490 20.56 -67.80 -21.90
C CYS A 490 19.05 -67.90 -21.87
N PHE A 491 18.38 -66.78 -21.64
CA PHE A 491 16.93 -66.74 -21.54
C PHE A 491 16.39 -65.38 -21.96
N CYS A 492 15.28 -65.38 -22.68
CA CYS A 492 14.66 -64.15 -23.14
C CYS A 492 13.20 -64.37 -23.51
N LYS A 493 12.29 -64.00 -22.61
CA LYS A 493 10.86 -64.20 -22.83
C LYS A 493 10.02 -63.06 -22.29
N TYR A 494 8.90 -62.79 -22.96
CA TYR A 494 7.93 -61.82 -22.49
C TYR A 494 7.04 -62.44 -21.43
N ALA A 495 6.42 -61.62 -20.60
CA ALA A 495 5.53 -62.09 -19.55
C ALA A 495 4.55 -61.00 -19.11
N GLN A 496 3.67 -61.34 -18.19
CA GLN A 496 2.69 -60.40 -17.68
C GLN A 496 2.11 -60.90 -16.35
N GLY A 497 1.79 -59.96 -15.47
CA GLY A 497 1.22 -60.30 -14.17
C GLY A 497 2.28 -60.67 -13.16
N ALA A 498 2.08 -60.23 -11.92
CA ALA A 498 3.02 -60.50 -10.84
C ALA A 498 3.02 -61.97 -10.45
N ASP A 499 1.92 -62.65 -10.73
CA ASP A 499 1.77 -64.06 -10.37
C ASP A 499 2.70 -64.96 -11.19
N SER A 500 3.29 -64.39 -12.25
CA SER A 500 4.18 -65.14 -13.11
C SER A 500 5.62 -65.08 -12.62
N VAL A 501 5.89 -64.17 -11.69
CA VAL A 501 7.25 -63.92 -11.21
C VAL A 501 7.83 -65.10 -10.44
N GLU A 502 7.20 -65.44 -9.31
CA GLU A 502 7.69 -66.49 -8.43
C GLU A 502 7.89 -67.85 -9.12
N PRO A 503 6.92 -68.31 -9.95
CA PRO A 503 7.16 -69.60 -10.60
C PRO A 503 8.31 -69.57 -11.61
N MET A 504 8.35 -68.54 -12.44
CA MET A 504 9.37 -68.44 -13.49
C MET A 504 10.79 -68.43 -12.92
N PHE A 505 10.98 -67.65 -11.86
CA PHE A 505 12.29 -67.52 -11.22
C PHE A 505 12.80 -68.86 -10.71
N ARG A 506 11.89 -69.68 -10.17
CA ARG A 506 12.24 -71.02 -9.72
C ARG A 506 12.72 -71.86 -10.89
N HIS A 507 11.98 -71.80 -12.00
CA HIS A 507 12.34 -72.49 -13.23
C HIS A 507 13.68 -72.00 -13.76
N LEU A 508 13.90 -70.70 -13.70
CA LEU A 508 15.15 -70.10 -14.15
C LEU A 508 16.32 -70.56 -13.29
N LYS A 509 16.08 -70.68 -11.99
CA LYS A 509 17.13 -71.06 -11.05
C LYS A 509 17.51 -72.53 -11.20
N ASN A 510 16.55 -73.35 -11.62
CA ASN A 510 16.77 -74.79 -11.74
C ASN A 510 17.25 -75.21 -13.12
N THR A 511 17.06 -74.34 -14.11
CA THR A 511 17.41 -74.66 -15.49
C THR A 511 18.87 -74.35 -15.81
N TYR A 512 19.27 -73.11 -15.59
CA TYR A 512 20.60 -72.66 -15.96
C TYR A 512 21.57 -72.72 -14.78
N ALA A 513 22.64 -73.48 -14.95
CA ALA A 513 23.61 -73.71 -13.87
C ALA A 513 24.48 -72.48 -13.62
N GLY A 514 24.28 -71.84 -12.47
CA GLY A 514 25.10 -70.72 -12.06
C GLY A 514 24.83 -69.44 -12.81
N LEU A 515 23.57 -69.02 -12.85
CA LEU A 515 23.22 -67.73 -13.44
C LEU A 515 23.64 -66.61 -12.50
N GLN A 516 23.95 -65.45 -13.04
CA GLN A 516 24.48 -64.35 -12.24
C GLN A 516 23.49 -63.20 -12.10
N LEU A 517 22.61 -63.04 -13.09
CA LEU A 517 21.73 -61.90 -13.13
C LEU A 517 20.41 -62.18 -13.85
N VAL A 518 19.34 -61.56 -13.38
CA VAL A 518 18.05 -61.61 -14.06
C VAL A 518 17.54 -60.19 -14.30
N VAL A 519 17.52 -59.78 -15.56
CA VAL A 519 17.07 -58.43 -15.92
C VAL A 519 15.57 -58.41 -16.19
N VAL A 520 14.86 -57.55 -15.47
CA VAL A 520 13.40 -57.48 -15.56
C VAL A 520 12.92 -56.16 -16.14
N ILE A 521 12.46 -56.19 -17.39
CA ILE A 521 11.96 -54.99 -18.04
C ILE A 521 10.52 -54.69 -17.60
N LEU A 522 10.30 -53.49 -17.07
CA LEU A 522 8.98 -53.10 -16.58
C LEU A 522 8.41 -51.94 -17.39
N PRO A 523 7.09 -51.96 -17.62
CA PRO A 523 6.40 -50.92 -18.40
C PRO A 523 5.98 -49.71 -17.57
N GLY A 524 6.69 -49.46 -16.46
CA GLY A 524 6.36 -48.36 -15.59
C GLY A 524 5.95 -48.83 -14.22
N LYS A 525 5.22 -47.98 -13.49
CA LYS A 525 4.78 -48.30 -12.14
C LYS A 525 3.85 -49.51 -12.14
N THR A 526 4.27 -50.57 -11.47
CA THR A 526 3.53 -51.82 -11.45
C THR A 526 3.82 -52.62 -10.19
N PRO A 527 2.81 -53.35 -9.68
CA PRO A 527 2.97 -54.25 -8.53
C PRO A 527 3.92 -55.41 -8.82
N VAL A 528 4.32 -55.57 -10.09
CA VAL A 528 5.26 -56.62 -10.47
C VAL A 528 6.62 -56.43 -9.80
N TYR A 529 7.09 -55.19 -9.78
CA TYR A 529 8.38 -54.85 -9.20
C TYR A 529 8.53 -55.32 -7.75
N ALA A 530 7.50 -55.05 -6.95
CA ALA A 530 7.53 -55.40 -5.54
C ALA A 530 7.68 -56.90 -5.31
N GLU A 531 7.03 -57.69 -6.17
CA GLU A 531 7.13 -59.14 -6.05
C GLU A 531 8.46 -59.65 -6.61
N VAL A 532 8.97 -58.98 -7.65
CA VAL A 532 10.27 -59.32 -8.21
C VAL A 532 11.36 -59.16 -7.14
N LYS A 533 11.30 -58.07 -6.40
CA LYS A 533 12.26 -57.80 -5.33
C LYS A 533 12.02 -58.71 -4.14
N ARG A 534 10.75 -59.07 -3.90
CA ARG A 534 10.42 -59.98 -2.82
C ARG A 534 10.99 -61.37 -3.08
N VAL A 535 10.67 -61.92 -4.24
CA VAL A 535 11.17 -63.24 -4.63
C VAL A 535 12.68 -63.21 -4.82
N GLY A 536 13.18 -62.14 -5.43
CA GLY A 536 14.59 -62.02 -5.73
C GLY A 536 15.49 -61.86 -4.51
N ASP A 537 15.17 -60.91 -3.65
CA ASP A 537 16.03 -60.58 -2.52
C ASP A 537 15.85 -61.53 -1.33
N THR A 538 14.61 -61.96 -1.08
CA THR A 538 14.33 -62.74 0.11
C THR A 538 14.19 -64.24 -0.16
N VAL A 539 13.36 -64.59 -1.14
CA VAL A 539 13.01 -65.99 -1.37
C VAL A 539 14.16 -66.83 -1.95
N LEU A 540 14.64 -66.44 -3.12
CA LEU A 540 15.60 -67.26 -3.86
C LEU A 540 17.04 -66.78 -3.73
N GLY A 541 17.22 -65.46 -3.57
CA GLY A 541 18.54 -64.89 -3.46
C GLY A 541 19.20 -64.69 -4.81
N MET A 542 18.40 -64.32 -5.79
CA MET A 542 18.90 -64.11 -7.15
C MET A 542 19.11 -62.62 -7.43
N ALA A 543 20.27 -62.30 -7.98
CA ALA A 543 20.59 -60.91 -8.33
C ALA A 543 19.68 -60.43 -9.45
N THR A 544 18.81 -59.49 -9.13
CA THR A 544 17.87 -58.95 -10.12
C THR A 544 18.13 -57.48 -10.39
N GLN A 545 17.95 -57.09 -11.65
CA GLN A 545 18.10 -55.69 -12.03
C GLN A 545 16.98 -55.27 -12.98
N CYS A 546 16.05 -54.46 -12.45
CA CYS A 546 14.91 -54.00 -13.24
C CYS A 546 15.26 -52.78 -14.08
N VAL A 547 14.71 -52.74 -15.29
CA VAL A 547 14.90 -51.61 -16.20
C VAL A 547 13.56 -51.12 -16.72
N GLN A 548 13.33 -49.82 -16.67
CA GLN A 548 12.08 -49.25 -17.17
C GLN A 548 11.99 -49.44 -18.68
N MET A 549 10.76 -49.49 -19.19
CA MET A 549 10.49 -49.80 -20.59
C MET A 549 11.16 -48.85 -21.58
N LYS A 550 11.09 -47.55 -21.29
CA LYS A 550 11.60 -46.53 -22.21
C LYS A 550 13.12 -46.60 -22.39
N ASN A 551 13.82 -47.03 -21.36
CA ASN A 551 15.28 -47.13 -21.41
C ASN A 551 15.74 -48.35 -22.21
N VAL A 552 14.78 -49.19 -22.60
CA VAL A 552 15.08 -50.33 -23.45
C VAL A 552 14.87 -49.94 -24.91
N GLN A 553 13.91 -49.05 -25.14
CA GLN A 553 13.63 -48.56 -26.48
C GLN A 553 14.73 -47.63 -26.98
N ARG A 554 14.97 -46.55 -26.25
CA ARG A 554 16.05 -45.63 -26.57
C ARG A 554 17.13 -45.69 -25.50
N THR A 555 18.34 -46.06 -25.90
CA THR A 555 19.43 -46.30 -24.95
C THR A 555 20.57 -45.29 -25.09
N THR A 556 20.88 -44.61 -23.99
CA THR A 556 22.04 -43.72 -23.93
C THR A 556 23.14 -44.37 -23.12
N PRO A 557 24.41 -44.13 -23.51
CA PRO A 557 25.55 -44.76 -22.84
C PRO A 557 25.65 -44.40 -21.35
N GLN A 558 25.16 -43.22 -20.98
CA GLN A 558 25.19 -42.78 -19.59
C GLN A 558 24.29 -43.64 -18.71
N THR A 559 23.06 -43.84 -19.16
CA THR A 559 22.09 -44.66 -18.45
C THR A 559 22.60 -46.09 -18.26
N LEU A 560 23.11 -46.66 -19.33
CA LEU A 560 23.64 -48.02 -19.29
C LEU A 560 24.87 -48.12 -18.39
N SER A 561 25.63 -47.03 -18.33
CA SER A 561 26.83 -46.98 -17.49
C SER A 561 26.46 -47.08 -16.02
N ASN A 562 25.57 -46.19 -15.57
CA ASN A 562 25.10 -46.22 -14.20
C ASN A 562 24.42 -47.55 -13.88
N LEU A 563 23.80 -48.14 -14.89
CA LEU A 563 23.17 -49.44 -14.75
C LEU A 563 24.24 -50.50 -14.52
N CYS A 564 25.35 -50.39 -15.24
CA CYS A 564 26.47 -51.30 -15.07
C CYS A 564 27.07 -51.19 -13.67
N LEU A 565 27.08 -49.98 -13.13
CA LEU A 565 27.53 -49.75 -11.76
C LEU A 565 26.70 -50.57 -10.78
N LYS A 566 25.38 -50.53 -10.96
CA LYS A 566 24.47 -51.25 -10.10
C LYS A 566 24.65 -52.75 -10.22
N ILE A 567 24.76 -53.23 -11.46
CA ILE A 567 24.95 -54.65 -11.72
C ILE A 567 26.22 -55.19 -11.06
N ASN A 568 27.34 -54.51 -11.32
CA ASN A 568 28.63 -54.93 -10.81
C ASN A 568 28.66 -55.00 -9.29
N VAL A 569 27.90 -54.12 -8.64
CA VAL A 569 27.79 -54.11 -7.20
C VAL A 569 26.86 -55.22 -6.73
N LYS A 570 25.75 -55.41 -7.44
CA LYS A 570 24.78 -56.43 -7.08
C LYS A 570 25.33 -57.85 -7.21
N LEU A 571 26.39 -58.00 -8.02
CA LEU A 571 26.96 -59.31 -8.26
C LEU A 571 28.17 -59.58 -7.37
N GLY A 572 28.47 -58.65 -6.47
CA GLY A 572 29.53 -58.84 -5.50
C GLY A 572 30.87 -58.23 -5.91
N GLY A 573 30.87 -57.49 -7.01
CA GLY A 573 32.09 -56.85 -7.49
C GLY A 573 32.36 -55.52 -6.83
N VAL A 574 33.50 -54.93 -7.15
CA VAL A 574 33.89 -53.64 -6.58
C VAL A 574 34.08 -52.60 -7.67
N ASN A 575 33.17 -51.63 -7.72
CA ASN A 575 33.24 -50.55 -8.69
C ASN A 575 34.51 -49.71 -8.52
N ASN A 576 34.61 -49.06 -7.37
CA ASN A 576 35.77 -48.22 -7.07
C ASN A 576 36.03 -48.11 -5.57
N ILE A 577 37.27 -47.83 -5.22
CA ILE A 577 37.64 -47.67 -3.81
C ILE A 577 38.35 -46.34 -3.58
N LEU A 578 38.35 -45.90 -2.33
CA LEU A 578 39.13 -44.73 -1.93
C LEU A 578 40.60 -45.07 -2.07
N LEU A 579 41.42 -44.06 -2.39
CA LEU A 579 42.86 -44.25 -2.47
C LEU A 579 43.39 -44.61 -1.08
N PRO A 580 43.91 -45.85 -0.94
CA PRO A 580 44.36 -46.40 0.34
C PRO A 580 45.36 -45.50 1.06
N GLN A 581 46.31 -44.95 0.31
CA GLN A 581 47.33 -44.07 0.88
C GLN A 581 46.74 -42.70 1.23
N GLY A 582 45.57 -42.40 0.68
CA GLY A 582 44.93 -41.12 0.90
C GLY A 582 43.71 -41.20 1.80
N ARG A 583 43.91 -41.71 3.02
CA ARG A 583 42.83 -41.85 3.98
C ARG A 583 43.23 -41.28 5.33
N PRO A 584 42.25 -40.76 6.09
CA PRO A 584 42.50 -40.28 7.46
C PRO A 584 43.07 -41.38 8.35
N PRO A 585 43.84 -41.01 9.38
CA PRO A 585 44.55 -41.97 10.24
C PRO A 585 43.63 -42.91 11.01
N VAL A 586 42.32 -42.71 10.91
CA VAL A 586 41.35 -43.57 11.57
C VAL A 586 41.41 -44.98 10.97
N PHE A 587 41.83 -45.07 9.71
CA PHE A 587 41.89 -46.35 9.00
C PHE A 587 43.12 -47.18 9.38
N GLN A 588 44.01 -46.59 10.17
CA GLN A 588 45.22 -47.28 10.59
C GLN A 588 44.89 -48.47 11.50
N GLN A 589 43.71 -48.43 12.11
CA GLN A 589 43.22 -49.53 12.93
C GLN A 589 41.86 -49.98 12.41
N PRO A 590 41.52 -51.27 12.61
CA PRO A 590 40.23 -51.81 12.18
C PRO A 590 39.04 -50.99 12.67
N VAL A 591 38.31 -50.40 11.74
CA VAL A 591 37.17 -49.55 12.08
C VAL A 591 35.96 -49.90 11.21
N ILE A 592 34.79 -49.97 11.84
CA ILE A 592 33.55 -50.28 11.12
C ILE A 592 32.67 -49.03 11.02
N PHE A 593 32.03 -48.87 9.87
CA PHE A 593 31.15 -47.72 9.65
C PHE A 593 29.70 -48.16 9.57
N LEU A 594 28.85 -47.56 10.40
CA LEU A 594 27.44 -47.91 10.47
C LEU A 594 26.54 -46.79 9.98
N GLY A 595 25.46 -47.15 9.30
CA GLY A 595 24.46 -46.20 8.87
C GLY A 595 23.08 -46.68 9.29
N ALA A 596 22.23 -45.75 9.72
CA ALA A 596 20.91 -46.12 10.24
C ALA A 596 19.81 -45.15 9.80
N ASP A 597 18.69 -45.71 9.35
CA ASP A 597 17.52 -44.92 8.98
C ASP A 597 16.25 -45.69 9.30
N VAL A 598 15.16 -44.98 9.52
CA VAL A 598 13.87 -45.59 9.85
C VAL A 598 12.78 -45.11 8.91
N THR A 599 11.95 -46.04 8.45
CA THR A 599 10.83 -45.70 7.56
C THR A 599 9.50 -46.04 8.22
N HIS A 600 8.53 -45.14 8.10
CA HIS A 600 7.23 -45.29 8.75
C HIS A 600 6.12 -45.53 7.72
N PRO A 601 5.07 -46.27 8.12
CA PRO A 601 3.94 -46.61 7.25
C PRO A 601 3.07 -45.42 6.90
N PRO A 602 2.25 -45.53 5.85
CA PRO A 602 1.29 -44.48 5.48
C PRO A 602 0.27 -44.23 6.58
N LYS A 607 -2.56 -48.16 9.62
CA LYS A 607 -1.76 -48.71 10.71
C LYS A 607 -0.99 -49.95 10.27
N LYS A 608 0.33 -49.82 10.23
CA LYS A 608 1.22 -50.94 9.91
C LYS A 608 2.53 -50.76 10.69
N PRO A 609 3.31 -51.84 10.83
CA PRO A 609 4.59 -51.70 11.54
C PRO A 609 5.60 -50.84 10.79
N SER A 610 6.48 -50.16 11.53
CA SER A 610 7.59 -49.43 10.94
C SER A 610 8.78 -50.37 10.79
N ILE A 611 9.76 -49.95 10.00
CA ILE A 611 10.96 -50.77 9.80
C ILE A 611 12.24 -49.93 9.92
N ALA A 612 13.18 -50.44 10.71
CA ALA A 612 14.46 -49.76 10.91
C ALA A 612 15.58 -50.52 10.19
N ALA A 613 16.44 -49.78 9.51
CA ALA A 613 17.52 -50.40 8.74
C ALA A 613 18.89 -49.92 9.22
N VAL A 614 19.78 -50.87 9.50
CA VAL A 614 21.14 -50.54 9.92
C VAL A 614 22.16 -51.31 9.09
N VAL A 615 23.02 -50.58 8.38
CA VAL A 615 24.04 -51.21 7.56
C VAL A 615 25.42 -51.06 8.18
N GLY A 616 26.38 -51.85 7.68
CA GLY A 616 27.73 -51.81 8.20
C GLY A 616 28.76 -52.18 7.16
N SER A 617 29.89 -51.48 7.17
CA SER A 617 30.97 -51.76 6.23
C SER A 617 31.56 -53.14 6.51
N MET A 618 32.04 -53.80 5.47
CA MET A 618 32.55 -55.16 5.60
C MET A 618 33.97 -55.30 5.05
N ASP A 619 34.61 -54.17 4.77
CA ASP A 619 36.02 -54.16 4.38
C ASP A 619 36.69 -52.85 4.77
N ALA A 620 37.94 -52.68 4.37
CA ALA A 620 38.74 -51.54 4.79
C ALA A 620 38.88 -50.49 3.69
N HIS A 621 38.03 -50.56 2.68
CA HIS A 621 38.12 -49.63 1.56
C HIS A 621 37.51 -48.25 1.86
N PRO A 622 36.28 -48.18 2.40
CA PRO A 622 35.24 -49.18 2.66
C PRO A 622 34.16 -49.19 1.57
N ASN A 623 34.09 -50.27 0.80
CA ASN A 623 33.16 -50.34 -0.32
C ASN A 623 31.96 -51.26 -0.05
N ARG A 624 32.22 -52.45 0.46
CA ARG A 624 31.17 -53.44 0.65
C ARG A 624 30.42 -53.23 1.96
N TYR A 625 29.09 -53.29 1.89
CA TYR A 625 28.25 -53.11 3.07
C TYR A 625 27.27 -54.27 3.23
N CYS A 626 26.99 -54.65 4.47
CA CYS A 626 25.99 -55.67 4.77
C CYS A 626 24.78 -55.03 5.43
N ALA A 627 23.59 -55.51 5.07
CA ALA A 627 22.35 -54.87 5.52
C ALA A 627 21.59 -55.70 6.55
N THR A 628 21.16 -55.05 7.62
CA THR A 628 20.28 -55.65 8.62
C THR A 628 19.00 -54.84 8.73
N VAL A 629 17.86 -55.52 8.78
CA VAL A 629 16.57 -54.85 8.82
C VAL A 629 15.65 -55.48 9.86
N ARG A 630 14.93 -54.63 10.60
CA ARG A 630 13.99 -55.10 11.61
C ARG A 630 12.63 -54.42 11.47
N VAL A 631 11.63 -54.96 12.16
CA VAL A 631 10.31 -54.33 12.21
C VAL A 631 10.07 -53.73 13.59
N GLN A 632 9.27 -52.67 13.65
CA GLN A 632 9.08 -51.95 14.92
C GLN A 632 7.68 -51.40 15.13
N GLN A 633 7.52 -50.71 16.26
CA GLN A 633 6.30 -50.01 16.60
C GLN A 633 6.00 -48.90 15.59
N HIS A 634 4.74 -48.52 15.47
CA HIS A 634 4.32 -47.51 14.51
C HIS A 634 4.97 -46.16 14.76
N ARG A 635 5.66 -45.66 13.74
CA ARG A 635 6.26 -44.32 13.77
C ARG A 635 7.25 -44.12 14.93
N GLN A 636 7.88 -45.19 15.37
CA GLN A 636 8.92 -45.10 16.40
C GLN A 636 10.28 -45.02 15.74
N GLU A 637 10.89 -43.84 15.77
CA GLU A 637 12.16 -43.62 15.10
C GLU A 637 13.32 -44.21 15.91
N ILE A 638 13.11 -44.36 17.21
CA ILE A 638 14.12 -44.95 18.08
C ILE A 638 14.25 -46.44 17.77
N ILE A 639 15.40 -46.82 17.21
CA ILE A 639 15.63 -48.21 16.84
C ILE A 639 15.74 -49.09 18.08
N GLN A 640 14.72 -49.93 18.29
CA GLN A 640 14.63 -50.76 19.48
C GLN A 640 15.64 -51.89 19.50
N ASP A 641 15.58 -52.76 18.49
CA ASP A 641 16.43 -53.96 18.45
C ASP A 641 17.80 -53.67 17.85
N LEU A 642 18.22 -52.41 17.91
CA LEU A 642 19.49 -51.98 17.33
C LEU A 642 20.68 -52.81 17.82
N ALA A 643 20.67 -53.16 19.09
CA ALA A 643 21.74 -53.93 19.71
C ALA A 643 22.02 -55.22 18.95
N ALA A 644 20.98 -56.00 18.70
CA ALA A 644 21.11 -57.26 17.98
C ALA A 644 21.58 -57.03 16.54
N MET A 645 21.12 -55.94 15.95
CA MET A 645 21.49 -55.59 14.57
C MET A 645 22.97 -55.26 14.47
N VAL A 646 23.44 -54.48 15.44
CA VAL A 646 24.86 -54.13 15.52
C VAL A 646 25.70 -55.38 15.73
N ARG A 647 25.19 -56.30 16.55
CA ARG A 647 25.86 -57.56 16.85
C ARG A 647 26.09 -58.36 15.57
N GLU A 648 25.05 -58.48 14.75
CA GLU A 648 25.15 -59.18 13.47
C GLU A 648 26.23 -58.58 12.58
N LEU A 649 26.19 -57.26 12.42
CA LEU A 649 27.14 -56.53 11.59
C LEU A 649 28.57 -56.68 12.09
N LEU A 650 28.74 -56.60 13.40
CA LEU A 650 30.06 -56.75 14.01
C LEU A 650 30.63 -58.15 13.75
N ILE A 651 29.81 -59.16 14.02
CA ILE A 651 30.19 -60.55 13.76
C ILE A 651 30.54 -60.76 12.30
N GLN A 652 29.67 -60.26 11.42
CA GLN A 652 29.87 -60.38 9.98
C GLN A 652 31.13 -59.65 9.53
N PHE A 653 31.43 -58.53 10.19
CA PHE A 653 32.64 -57.78 9.91
C PHE A 653 33.87 -58.64 10.19
N TYR A 654 33.88 -59.31 11.33
CA TYR A 654 34.98 -60.15 11.73
C TYR A 654 35.13 -61.34 10.77
N LYS A 655 34.01 -61.90 10.35
CA LYS A 655 34.01 -63.00 9.41
C LYS A 655 34.55 -62.58 8.04
N SER A 656 34.42 -61.30 7.73
CA SER A 656 34.82 -60.79 6.42
C SER A 656 36.21 -60.14 6.44
N THR A 657 36.69 -59.79 7.62
CA THR A 657 37.95 -59.08 7.74
C THR A 657 39.00 -59.81 8.59
N ARG A 658 38.52 -60.70 9.46
CA ARG A 658 39.36 -61.37 10.46
C ARG A 658 40.02 -60.35 11.39
N PHE A 659 39.35 -59.21 11.55
CA PHE A 659 39.80 -58.16 12.46
C PHE A 659 38.65 -57.72 13.36
N LYS A 660 38.98 -57.34 14.59
CA LYS A 660 37.99 -56.81 15.51
C LYS A 660 38.02 -55.29 15.48
N PRO A 661 36.86 -54.67 15.21
CA PRO A 661 36.74 -53.21 15.09
C PRO A 661 37.17 -52.47 16.35
N THR A 662 38.27 -51.73 16.26
CA THR A 662 38.74 -50.93 17.38
C THR A 662 37.91 -49.66 17.50
N ARG A 663 37.21 -49.32 16.43
CA ARG A 663 36.39 -48.11 16.38
C ARG A 663 35.04 -48.37 15.72
N ILE A 664 34.02 -47.64 16.14
CA ILE A 664 32.70 -47.73 15.53
C ILE A 664 32.16 -46.35 15.20
N ILE A 665 31.95 -46.10 13.90
CA ILE A 665 31.42 -44.82 13.44
C ILE A 665 29.96 -44.96 13.04
N PHE A 666 29.07 -44.37 13.84
CA PHE A 666 27.64 -44.56 13.67
C PHE A 666 26.95 -43.32 13.09
N TYR A 667 26.62 -43.36 11.81
CA TYR A 667 25.91 -42.27 11.16
C TYR A 667 24.39 -42.46 11.25
N ARG A 668 23.78 -41.78 12.21
CA ARG A 668 22.33 -41.85 12.40
C ARG A 668 21.62 -40.83 11.52
N ALA A 669 20.67 -41.30 10.71
CA ALA A 669 19.96 -40.43 9.78
C ALA A 669 18.45 -40.51 9.96
N GLY A 670 17.81 -39.36 10.08
CA GLY A 670 16.36 -39.30 10.18
C GLY A 670 15.84 -38.66 11.44
N VAL A 671 16.70 -38.49 12.44
CA VAL A 671 16.27 -37.93 13.72
C VAL A 671 16.51 -36.41 13.77
N SER A 672 15.64 -35.72 14.49
CA SER A 672 15.75 -34.27 14.63
C SER A 672 16.29 -33.90 16.00
N GLU A 673 16.42 -32.60 16.26
CA GLU A 673 17.00 -32.12 17.52
C GLU A 673 16.17 -32.49 18.73
N GLY A 674 14.84 -32.44 18.59
CA GLY A 674 13.94 -32.74 19.68
C GLY A 674 13.96 -34.19 20.13
N GLN A 675 14.65 -35.03 19.37
CA GLN A 675 14.71 -36.46 19.65
C GLN A 675 16.10 -36.89 20.13
N PHE A 676 17.04 -35.95 20.13
CA PHE A 676 18.43 -36.24 20.46
C PHE A 676 18.61 -36.91 21.81
N GLN A 677 18.07 -36.30 22.86
CA GLN A 677 18.21 -36.83 24.22
C GLN A 677 17.70 -38.27 24.32
N GLN A 678 16.59 -38.54 23.64
CA GLN A 678 15.98 -39.86 23.65
C GLN A 678 16.82 -40.88 22.89
N VAL A 679 17.06 -40.58 21.61
CA VAL A 679 17.81 -41.46 20.72
C VAL A 679 19.22 -41.76 21.25
N LEU A 680 19.96 -40.71 21.59
CA LEU A 680 21.32 -40.86 22.09
C LEU A 680 21.38 -41.70 23.36
N HIS A 681 20.34 -41.61 24.19
CA HIS A 681 20.31 -42.37 25.43
C HIS A 681 20.18 -43.87 25.17
N HIS A 682 19.22 -44.24 24.33
CA HIS A 682 18.93 -45.65 24.07
C HIS A 682 19.91 -46.29 23.08
N GLU A 683 20.00 -45.70 21.89
CA GLU A 683 20.74 -46.29 20.79
C GLU A 683 22.24 -46.42 21.06
N LEU A 684 22.81 -45.46 21.77
CA LEU A 684 24.23 -45.52 22.12
C LEU A 684 24.51 -46.68 23.07
N LEU A 685 23.64 -46.85 24.06
CA LEU A 685 23.73 -47.97 24.98
C LEU A 685 23.54 -49.28 24.23
N ALA A 686 22.59 -49.27 23.29
CA ALA A 686 22.30 -50.44 22.47
C ALA A 686 23.55 -50.89 21.70
N ILE A 687 24.31 -49.91 21.22
CA ILE A 687 25.57 -50.20 20.53
C ILE A 687 26.60 -50.75 21.52
N ARG A 688 26.74 -50.07 22.64
CA ARG A 688 27.67 -50.47 23.68
C ARG A 688 27.31 -51.83 24.26
N GLU A 689 26.02 -52.08 24.41
CA GLU A 689 25.52 -53.36 24.90
C GLU A 689 25.91 -54.50 23.98
N ALA A 690 25.82 -54.25 22.67
CA ALA A 690 26.15 -55.24 21.67
C ALA A 690 27.63 -55.63 21.74
N CYS A 691 28.47 -54.69 22.16
CA CYS A 691 29.90 -54.92 22.26
C CYS A 691 30.26 -55.71 23.52
N ILE A 692 29.36 -55.71 24.50
CA ILE A 692 29.61 -56.41 25.75
C ILE A 692 29.10 -57.85 25.70
N LYS A 693 27.87 -58.03 25.24
CA LYS A 693 27.27 -59.35 25.16
C LYS A 693 27.94 -60.23 24.10
N LEU A 694 28.73 -59.60 23.23
CA LEU A 694 29.40 -60.33 22.17
C LEU A 694 30.58 -61.13 22.71
N GLU A 695 31.66 -60.43 23.08
CA GLU A 695 32.85 -61.09 23.59
C GLU A 695 33.51 -60.33 24.76
N LYS A 696 33.61 -61.02 25.89
CA LYS A 696 34.40 -60.55 27.05
C LYS A 696 34.20 -59.08 27.40
N ASP A 697 35.32 -58.37 27.50
CA ASP A 697 35.33 -56.95 27.81
C ASP A 697 35.79 -56.12 26.63
N TYR A 698 35.21 -56.39 25.47
CA TYR A 698 35.56 -55.69 24.23
C TYR A 698 34.73 -54.43 24.07
N GLN A 699 35.35 -53.27 24.32
CA GLN A 699 34.65 -52.00 24.25
C GLN A 699 35.39 -50.99 23.38
N PRO A 700 35.07 -50.96 22.08
CA PRO A 700 35.67 -50.00 21.14
C PRO A 700 35.04 -48.61 21.28
N GLY A 701 35.69 -47.61 20.69
CA GLY A 701 35.20 -46.25 20.75
C GLY A 701 34.06 -46.00 19.79
N ILE A 702 32.93 -45.54 20.34
CA ILE A 702 31.76 -45.23 19.52
C ILE A 702 31.69 -43.75 19.20
N THR A 703 31.47 -43.43 17.92
CA THR A 703 31.29 -42.04 17.49
C THR A 703 29.90 -41.85 16.89
N PHE A 704 28.99 -41.36 17.72
CA PHE A 704 27.59 -41.19 17.30
C PHE A 704 27.38 -39.87 16.57
N ILE A 705 27.07 -39.96 15.28
CA ILE A 705 26.87 -38.77 14.45
C ILE A 705 25.46 -38.75 13.86
N VAL A 706 24.83 -37.58 13.89
CA VAL A 706 23.50 -37.42 13.32
C VAL A 706 23.52 -36.59 12.04
N VAL A 707 23.14 -37.21 10.93
CA VAL A 707 23.07 -36.52 9.66
C VAL A 707 21.69 -35.88 9.50
N GLN A 708 21.67 -34.64 9.00
CA GLN A 708 20.41 -33.92 8.85
C GLN A 708 20.42 -33.08 7.56
N LYS A 709 19.52 -33.43 6.64
CA LYS A 709 19.41 -32.71 5.37
C LYS A 709 18.25 -31.72 5.42
N ARG A 710 17.33 -31.94 6.35
CA ARG A 710 16.15 -31.10 6.49
C ARG A 710 16.36 -29.98 7.51
N HIS A 711 16.75 -28.81 7.02
CA HIS A 711 16.91 -27.63 7.87
C HIS A 711 16.87 -26.36 7.04
N HIS A 712 16.62 -25.24 7.70
CA HIS A 712 16.47 -23.96 7.01
C HIS A 712 17.77 -23.17 7.03
N THR A 713 18.87 -23.83 6.68
CA THR A 713 20.17 -23.16 6.62
C THR A 713 20.70 -23.14 5.19
N ARG A 714 20.96 -21.94 4.69
CA ARG A 714 21.47 -21.75 3.33
C ARG A 714 22.86 -21.12 3.35
N LEU A 715 23.65 -21.42 2.32
CA LEU A 715 24.99 -20.85 2.21
C LEU A 715 25.23 -20.29 0.82
N PHE A 716 25.80 -19.10 0.75
CA PHE A 716 26.03 -18.43 -0.54
C PHE A 716 27.45 -17.91 -0.67
N CYS A 717 27.96 -17.90 -1.90
CA CYS A 717 29.29 -17.39 -2.17
C CYS A 717 29.31 -15.87 -2.14
N THR A 718 30.24 -15.30 -1.40
CA THR A 718 30.37 -13.85 -1.33
C THR A 718 30.91 -13.29 -2.64
N ASP A 719 31.96 -13.93 -3.16
CA ASP A 719 32.51 -13.55 -4.45
C ASP A 719 31.70 -14.15 -5.59
N LYS A 720 31.38 -13.33 -6.58
CA LYS A 720 30.58 -13.76 -7.72
C LYS A 720 31.31 -14.80 -8.56
N ASN A 721 32.64 -14.76 -8.51
CA ASN A 721 33.47 -15.69 -9.26
C ASN A 721 33.52 -17.07 -8.61
N GLU A 722 33.12 -17.13 -7.34
CA GLU A 722 33.15 -18.39 -6.59
C GLU A 722 31.91 -19.23 -6.84
N ARG A 723 30.90 -18.64 -7.47
CA ARG A 723 29.67 -19.36 -7.79
C ARG A 723 29.97 -20.52 -8.74
N VAL A 724 29.21 -21.61 -8.61
CA VAL A 724 29.47 -22.81 -9.39
C VAL A 724 28.27 -23.23 -10.22
N GLY A 725 28.47 -23.32 -11.53
CA GLY A 725 27.43 -23.77 -12.44
C GLY A 725 26.33 -22.76 -12.66
N LYS A 726 25.27 -23.21 -13.34
CA LYS A 726 24.11 -22.37 -13.61
C LYS A 726 23.40 -21.98 -12.32
N SER A 727 23.23 -22.95 -11.43
CA SER A 727 22.56 -22.73 -10.16
C SER A 727 23.35 -21.76 -9.26
N GLY A 728 24.65 -21.68 -9.52
CA GLY A 728 25.51 -20.75 -8.80
C GLY A 728 25.62 -21.05 -7.32
N ASN A 729 25.72 -22.34 -6.99
CA ASN A 729 25.87 -22.75 -5.60
C ASN A 729 27.32 -22.84 -5.16
N ILE A 730 27.52 -23.06 -3.87
CA ILE A 730 28.84 -23.22 -3.30
C ILE A 730 29.48 -24.51 -3.82
N PRO A 731 30.82 -24.50 -3.98
CA PRO A 731 31.53 -25.68 -4.50
C PRO A 731 31.43 -26.89 -3.59
N ALA A 732 31.39 -28.09 -4.17
CA ALA A 732 31.26 -29.32 -3.42
C ALA A 732 32.45 -29.55 -2.50
N GLY A 733 32.19 -29.68 -1.21
CA GLY A 733 33.24 -29.85 -0.22
C GLY A 733 33.29 -28.70 0.76
N THR A 734 32.39 -27.74 0.57
CA THR A 734 32.31 -26.57 1.43
C THR A 734 31.99 -26.95 2.87
N THR A 735 32.87 -26.57 3.79
CA THR A 735 32.71 -26.93 5.20
C THR A 735 32.65 -25.70 6.09
N VAL A 736 31.64 -25.67 6.97
CA VAL A 736 31.47 -24.56 7.90
C VAL A 736 31.24 -25.07 9.32
N ASP A 737 32.12 -24.67 10.25
CA ASP A 737 31.95 -25.04 11.65
C ASP A 737 32.12 -23.81 12.55
N THR A 738 31.76 -22.64 12.04
CA THR A 738 31.90 -21.39 12.77
C THR A 738 30.69 -20.47 12.63
N LYS A 739 30.57 -19.54 13.58
CA LYS A 739 29.57 -18.48 13.56
C LYS A 739 28.12 -18.95 13.58
N ILE A 740 27.73 -19.78 12.60
CA ILE A 740 26.34 -20.20 12.52
C ILE A 740 26.11 -21.56 13.17
N THR A 741 27.17 -22.16 13.70
CA THR A 741 27.07 -23.47 14.33
C THR A 741 26.81 -23.35 15.83
N HIS A 742 26.67 -24.50 16.49
CA HIS A 742 26.37 -24.54 17.92
C HIS A 742 27.50 -23.91 18.73
N PRO A 743 27.14 -23.17 19.80
CA PRO A 743 28.12 -22.45 20.63
C PRO A 743 29.15 -23.36 21.31
N THR A 744 28.72 -24.51 21.82
CA THR A 744 29.60 -25.35 22.63
C THR A 744 29.80 -26.76 22.08
N GLU A 745 28.76 -27.31 21.47
CA GLU A 745 28.78 -28.72 21.05
C GLU A 745 29.46 -28.94 19.70
N PHE A 746 29.70 -30.21 19.38
CA PHE A 746 30.42 -30.60 18.17
C PHE A 746 29.48 -30.79 16.99
N ASP A 747 29.37 -29.76 16.15
CA ASP A 747 28.55 -29.84 14.94
C ASP A 747 29.19 -29.06 13.80
N PHE A 748 28.86 -29.43 12.57
CA PHE A 748 29.39 -28.73 11.40
C PHE A 748 28.51 -28.94 10.16
N TYR A 749 28.45 -27.91 9.32
CA TYR A 749 27.77 -28.02 8.03
C TYR A 749 28.77 -28.49 6.98
N LEU A 750 28.34 -29.43 6.14
CA LEU A 750 29.17 -29.89 5.04
C LEU A 750 28.37 -30.07 3.77
N CYS A 751 28.58 -29.18 2.81
CA CYS A 751 27.99 -29.32 1.49
C CYS A 751 28.89 -30.20 0.63
N SER A 752 28.58 -31.49 0.59
CA SER A 752 29.46 -32.47 -0.05
C SER A 752 29.11 -32.72 -1.52
N HIS A 753 28.01 -32.12 -1.99
CA HIS A 753 27.56 -32.35 -3.35
C HIS A 753 27.50 -31.06 -4.17
N ALA A 754 27.55 -31.20 -5.49
CA ALA A 754 27.42 -30.06 -6.39
C ALA A 754 25.96 -29.80 -6.69
N GLY A 755 25.56 -28.53 -6.61
CA GLY A 755 24.18 -28.15 -6.86
C GLY A 755 23.80 -28.24 -8.32
N ILE A 756 22.87 -29.14 -8.63
CA ILE A 756 22.38 -29.30 -10.00
C ILE A 756 21.32 -28.25 -10.30
N GLN A 757 20.42 -28.04 -9.33
CA GLN A 757 19.31 -27.11 -9.50
C GLN A 757 19.02 -26.36 -8.21
N GLY A 758 18.54 -25.12 -8.34
CA GLY A 758 18.13 -24.34 -7.20
C GLY A 758 19.26 -23.97 -6.26
N THR A 759 19.00 -24.06 -4.96
CA THR A 759 19.99 -23.75 -3.95
C THR A 759 20.31 -24.98 -3.11
N SER A 760 21.59 -25.32 -3.02
CA SER A 760 22.03 -26.52 -2.31
C SER A 760 21.67 -26.51 -0.84
N ARG A 761 21.32 -27.68 -0.31
CA ARG A 761 21.10 -27.86 1.12
C ARG A 761 22.31 -28.54 1.74
N PRO A 762 23.18 -27.76 2.40
CA PRO A 762 24.36 -28.32 3.05
C PRO A 762 23.99 -29.26 4.19
N SER A 763 24.38 -30.52 4.07
CA SER A 763 24.06 -31.52 5.09
C SER A 763 24.69 -31.16 6.43
N HIS A 764 23.89 -31.20 7.49
CA HIS A 764 24.36 -30.88 8.82
C HIS A 764 24.72 -32.15 9.60
N TYR A 765 25.86 -32.12 10.27
CA TYR A 765 26.31 -33.27 11.04
C TYR A 765 26.54 -32.87 12.49
N HIS A 766 25.81 -33.52 13.40
CA HIS A 766 25.91 -33.21 14.82
C HIS A 766 26.42 -34.43 15.60
N VAL A 767 27.61 -34.28 16.18
CA VAL A 767 28.21 -35.37 16.94
C VAL A 767 27.64 -35.45 18.34
N LEU A 768 26.80 -36.46 18.58
CA LEU A 768 26.17 -36.65 19.88
C LEU A 768 27.07 -37.40 20.86
N TRP A 769 28.10 -38.06 20.32
CA TRP A 769 29.04 -38.81 21.15
C TRP A 769 30.32 -39.11 20.39
N ASP A 770 31.44 -39.13 21.11
CA ASP A 770 32.74 -39.40 20.50
C ASP A 770 33.77 -39.89 21.51
N ASP A 771 34.03 -41.18 21.51
CA ASP A 771 35.02 -41.77 22.42
C ASP A 771 36.41 -41.74 21.81
N ASN A 772 36.47 -41.61 20.48
CA ASN A 772 37.74 -41.68 19.77
C ASN A 772 38.46 -40.33 19.72
N ARG A 773 37.79 -39.29 20.21
CA ARG A 773 38.34 -37.93 20.21
C ARG A 773 38.80 -37.49 18.82
N PHE A 774 37.86 -37.46 17.87
CA PHE A 774 38.16 -36.96 16.53
C PHE A 774 38.46 -35.47 16.56
N SER A 775 39.33 -35.03 15.66
CA SER A 775 39.53 -33.61 15.44
C SER A 775 38.51 -33.14 14.40
N SER A 776 38.28 -31.83 14.35
CA SER A 776 37.31 -31.28 13.41
C SER A 776 37.68 -31.62 11.98
N ASP A 777 38.94 -31.40 11.63
CA ASP A 777 39.42 -31.66 10.28
C ASP A 777 39.30 -33.13 9.91
N GLU A 778 39.70 -34.02 10.82
CA GLU A 778 39.71 -35.45 10.53
C GLU A 778 38.32 -36.00 10.26
N LEU A 779 37.36 -35.65 11.12
CA LEU A 779 36.00 -36.18 11.00
C LEU A 779 35.30 -35.61 9.78
N GLN A 780 35.55 -34.35 9.47
CA GLN A 780 34.95 -33.70 8.31
C GLN A 780 35.48 -34.30 7.01
N ILE A 781 36.79 -34.52 6.96
CA ILE A 781 37.41 -35.14 5.79
C ILE A 781 36.94 -36.58 5.66
N LEU A 782 36.85 -37.29 6.78
CA LEU A 782 36.36 -38.66 6.78
C LEU A 782 34.93 -38.74 6.26
N THR A 783 34.09 -37.80 6.72
CA THR A 783 32.70 -37.74 6.27
C THR A 783 32.62 -37.43 4.78
N TYR A 784 33.32 -36.38 4.36
CA TYR A 784 33.32 -35.96 2.96
C TYR A 784 33.90 -37.04 2.06
N GLN A 785 34.80 -37.86 2.61
CA GLN A 785 35.41 -38.93 1.86
C GLN A 785 34.44 -40.11 1.71
N LEU A 786 33.63 -40.33 2.74
CA LEU A 786 32.62 -41.38 2.70
C LEU A 786 31.47 -41.00 1.76
N CYS A 787 31.43 -39.73 1.36
CA CYS A 787 30.46 -39.25 0.40
C CYS A 787 30.90 -39.59 -1.02
N HIS A 788 32.09 -40.17 -1.14
CA HIS A 788 32.63 -40.56 -2.44
C HIS A 788 32.59 -42.08 -2.61
N THR A 789 32.20 -42.78 -1.56
CA THR A 789 32.12 -44.24 -1.60
C THR A 789 30.75 -44.72 -2.06
N TYR A 790 29.94 -43.80 -2.57
CA TYR A 790 28.62 -44.15 -3.10
C TYR A 790 28.80 -44.87 -4.43
N VAL A 791 28.22 -46.06 -4.55
CA VAL A 791 28.52 -46.96 -5.66
C VAL A 791 27.53 -46.89 -6.82
N ARG A 792 26.52 -46.03 -6.71
CA ARG A 792 25.48 -45.97 -7.73
C ARG A 792 25.76 -44.90 -8.78
N CYS A 793 26.74 -44.05 -8.51
CA CYS A 793 27.12 -43.00 -9.45
C CYS A 793 28.55 -42.53 -9.23
N THR A 794 29.14 -41.95 -10.26
CA THR A 794 30.51 -41.42 -10.18
C THR A 794 30.49 -39.96 -9.72
N ARG A 795 29.74 -39.68 -8.67
CA ARG A 795 29.60 -38.33 -8.15
C ARG A 795 29.74 -38.30 -6.63
N SER A 796 29.81 -37.11 -6.07
CA SER A 796 29.80 -36.94 -4.62
C SER A 796 28.36 -36.69 -4.16
N VAL A 797 27.90 -37.48 -3.20
CA VAL A 797 26.52 -37.38 -2.73
C VAL A 797 26.41 -36.46 -1.51
N SER A 798 25.18 -36.03 -1.22
CA SER A 798 24.93 -35.04 -0.16
C SER A 798 25.18 -35.60 1.24
N ILE A 799 24.86 -36.87 1.44
CA ILE A 799 25.07 -37.52 2.73
C ILE A 799 26.02 -38.71 2.58
N PRO A 800 26.70 -39.11 3.67
CA PRO A 800 27.62 -40.25 3.62
C PRO A 800 26.95 -41.53 3.12
N ALA A 801 27.74 -42.39 2.48
CA ALA A 801 27.23 -43.63 1.90
C ALA A 801 26.50 -44.57 2.87
N PRO A 802 27.03 -44.76 4.10
CA PRO A 802 26.29 -45.65 5.02
C PRO A 802 24.87 -45.17 5.32
N ALA A 803 24.70 -43.87 5.53
CA ALA A 803 23.38 -43.30 5.81
C ALA A 803 22.47 -43.45 4.59
N TYR A 804 23.03 -43.24 3.40
CA TYR A 804 22.27 -43.35 2.16
C TYR A 804 21.83 -44.79 1.93
N TYR A 805 22.74 -45.73 2.14
CA TYR A 805 22.44 -47.15 1.98
C TYR A 805 21.36 -47.60 2.94
N ALA A 806 21.47 -47.16 4.20
CA ALA A 806 20.49 -47.51 5.22
C ALA A 806 19.10 -47.05 4.84
N HIS A 807 19.03 -45.88 4.20
CA HIS A 807 17.76 -45.37 3.71
C HIS A 807 17.25 -46.23 2.57
N LEU A 808 18.17 -46.72 1.74
CA LEU A 808 17.82 -47.57 0.62
C LEU A 808 17.35 -48.94 1.09
N VAL A 809 18.02 -49.46 2.13
CA VAL A 809 17.65 -50.75 2.70
C VAL A 809 16.25 -50.71 3.28
N ALA A 810 15.97 -49.63 4.02
CA ALA A 810 14.65 -49.44 4.61
C ALA A 810 13.58 -49.35 3.52
N PHE A 811 13.82 -48.50 2.52
CA PHE A 811 12.86 -48.30 1.45
C PHE A 811 12.71 -49.55 0.58
N ARG A 812 13.72 -50.41 0.58
CA ARG A 812 13.63 -51.68 -0.12
C ARG A 812 12.78 -52.67 0.69
N ALA A 813 12.96 -52.64 2.00
CA ALA A 813 12.18 -53.49 2.89
C ALA A 813 10.71 -53.07 2.90
N ARG A 814 10.46 -51.86 2.42
CA ARG A 814 9.10 -51.35 2.29
C ARG A 814 8.33 -52.16 1.24
N TYR A 815 9.04 -52.61 0.22
CA TYR A 815 8.44 -53.36 -0.87
C TYR A 815 8.26 -54.84 -0.51
N HIS A 816 9.07 -55.33 0.42
CA HIS A 816 9.00 -56.72 0.83
C HIS A 816 7.72 -57.02 1.61
N LEU A 817 7.21 -56.02 2.32
CA LEU A 817 5.99 -56.19 3.10
C LEU A 817 4.75 -56.21 2.21
N VAL A 818 4.86 -55.62 1.02
CA VAL A 818 3.74 -55.58 0.09
C VAL A 818 3.93 -56.58 -1.03
N ASP A 838 0.23 -61.07 14.05
CA ASP A 838 0.56 -60.89 12.65
C ASP A 838 1.89 -60.15 12.50
N HIS A 839 2.34 -59.52 13.58
CA HIS A 839 3.57 -58.75 13.57
C HIS A 839 4.80 -59.65 13.44
N GLN A 840 4.83 -60.74 14.21
CA GLN A 840 5.95 -61.68 14.17
C GLN A 840 5.97 -62.43 12.85
N ALA A 841 4.84 -62.45 12.16
CA ALA A 841 4.73 -63.09 10.86
C ALA A 841 5.42 -62.24 9.79
N LEU A 842 5.12 -60.95 9.77
CA LEU A 842 5.71 -60.03 8.80
C LEU A 842 7.15 -59.70 9.19
N ALA A 843 7.54 -60.05 10.41
CA ALA A 843 8.89 -59.82 10.89
C ALA A 843 9.89 -60.65 10.09
N LYS A 844 9.44 -61.78 9.57
CA LYS A 844 10.30 -62.67 8.80
C LYS A 844 10.23 -62.36 7.31
N ALA A 845 9.37 -61.42 6.94
CA ALA A 845 9.20 -61.04 5.54
C ALA A 845 10.34 -60.14 5.08
N VAL A 846 10.94 -59.43 6.02
CA VAL A 846 12.04 -58.52 5.70
C VAL A 846 13.38 -59.25 5.74
N GLN A 847 13.39 -60.45 6.31
CA GLN A 847 14.60 -61.26 6.39
C GLN A 847 15.04 -61.69 4.99
N VAL A 848 16.05 -61.02 4.45
CA VAL A 848 16.54 -61.32 3.11
C VAL A 848 17.21 -62.68 3.04
N HIS A 849 17.56 -63.11 1.82
CA HIS A 849 18.10 -64.43 1.59
C HIS A 849 19.50 -64.60 2.17
N GLN A 850 19.92 -65.85 2.35
CA GLN A 850 21.24 -66.18 2.85
C GLN A 850 22.34 -65.65 1.94
N ASP A 851 22.15 -65.80 0.64
CA ASP A 851 23.14 -65.35 -0.34
C ASP A 851 23.01 -63.87 -0.63
N THR A 852 21.80 -63.34 -0.44
CA THR A 852 21.54 -61.92 -0.67
C THR A 852 22.19 -61.07 0.41
N LEU A 853 22.24 -61.60 1.63
CA LEU A 853 22.85 -60.92 2.77
C LEU A 853 24.30 -60.51 2.49
N ARG A 854 25.03 -61.38 1.80
CA ARG A 854 26.45 -61.13 1.52
C ARG A 854 26.64 -60.24 0.30
N THR A 855 25.57 -59.54 -0.09
CA THR A 855 25.62 -58.64 -1.25
C THR A 855 24.95 -57.31 -0.94
N MET A 856 25.13 -56.35 -1.85
CA MET A 856 24.47 -55.06 -1.73
C MET A 856 23.28 -54.99 -2.68
N TYR A 857 22.26 -55.77 -2.37
CA TYR A 857 21.04 -55.84 -3.18
C TYR A 857 20.30 -54.51 -3.23
N PHE A 858 20.44 -53.73 -2.16
CA PHE A 858 19.73 -52.47 -2.01
C PHE A 858 20.21 -51.41 -2.99
N ALA A 859 21.41 -51.61 -3.53
CA ALA A 859 21.98 -50.68 -4.50
C ALA A 859 21.14 -50.62 -5.76
N ALA B 22 0.96 23.58 21.18
CA ALA B 22 0.05 23.75 20.06
C ALA B 22 -0.88 24.95 20.29
N PHE B 23 -0.37 25.95 20.99
CA PHE B 23 -1.16 27.13 21.31
C PHE B 23 -0.62 28.39 20.64
N LYS B 24 0.64 28.71 20.91
CA LYS B 24 1.23 29.96 20.44
C LYS B 24 2.14 29.77 19.24
N PRO B 25 1.86 30.49 18.13
CA PRO B 25 2.68 30.48 16.92
C PRO B 25 4.10 31.01 17.18
N PRO B 26 5.08 30.52 16.41
CA PRO B 26 6.48 30.93 16.58
C PRO B 26 6.73 32.36 16.08
N PRO B 27 7.63 33.09 16.76
CA PRO B 27 7.99 34.46 16.35
C PRO B 27 8.87 34.47 15.11
N ARG B 28 8.91 35.61 14.42
CA ARG B 28 9.71 35.76 13.21
C ARG B 28 11.20 35.57 13.50
N PRO B 29 11.81 34.55 12.89
CA PRO B 29 13.22 34.22 13.14
C PRO B 29 14.17 35.31 12.66
N ASP B 30 13.97 35.79 11.44
CA ASP B 30 14.85 36.82 10.87
C ASP B 30 14.16 37.52 9.72
N PHE B 31 14.90 38.41 9.05
CA PHE B 31 14.42 39.06 7.84
C PHE B 31 15.25 38.61 6.65
N GLY B 32 14.56 38.20 5.59
CA GLY B 32 15.21 37.66 4.41
C GLY B 32 16.16 38.61 3.73
N THR B 33 17.24 38.05 3.17
CA THR B 33 18.23 38.85 2.45
C THR B 33 18.59 38.19 1.12
N SER B 34 17.90 37.11 0.79
CA SER B 34 18.17 36.38 -0.45
C SER B 34 17.39 36.95 -1.62
N GLY B 35 18.04 37.04 -2.77
CA GLY B 35 17.42 37.57 -3.98
C GLY B 35 17.75 39.03 -4.21
N ARG B 36 17.43 39.54 -5.40
CA ARG B 36 17.70 40.94 -5.71
C ARG B 36 16.54 41.81 -5.24
N THR B 37 16.88 43.00 -4.75
CA THR B 37 15.88 43.91 -4.20
C THR B 37 15.12 44.63 -5.31
N ILE B 38 13.85 44.90 -5.06
CA ILE B 38 13.01 45.62 -6.02
C ILE B 38 12.04 46.55 -5.27
N LYS B 39 12.07 47.83 -5.62
CA LYS B 39 11.22 48.80 -4.93
C LYS B 39 9.75 48.58 -5.25
N LEU B 40 8.95 48.48 -4.20
CA LEU B 40 7.52 48.19 -4.36
C LEU B 40 6.63 49.18 -3.61
N GLN B 41 5.35 49.15 -3.95
CA GLN B 41 4.34 49.90 -3.21
C GLN B 41 3.15 49.00 -2.91
N ALA B 42 2.77 48.92 -1.65
CA ALA B 42 1.64 48.11 -1.24
C ALA B 42 0.38 48.97 -1.09
N ASN B 43 -0.78 48.33 -1.14
CA ASN B 43 -2.04 49.04 -0.98
C ASN B 43 -2.40 49.27 0.48
N PHE B 44 -1.37 49.46 1.30
CA PHE B 44 -1.55 49.80 2.70
C PHE B 44 -1.25 51.27 2.92
N PHE B 45 -2.04 51.92 3.76
CA PHE B 45 -1.82 53.33 4.06
C PHE B 45 -1.59 53.54 5.56
N GLU B 46 -0.47 54.18 5.88
CA GLU B 46 -0.04 54.34 7.26
C GLU B 46 -1.02 55.14 8.10
N MET B 47 -1.33 54.64 9.30
CA MET B 47 -2.26 55.29 10.19
C MET B 47 -1.54 55.82 11.44
N ASP B 48 -1.84 57.06 11.80
CA ASP B 48 -1.30 57.64 13.03
C ASP B 48 -2.34 57.53 14.15
N ILE B 49 -2.04 56.70 15.15
CA ILE B 49 -3.00 56.43 16.21
C ILE B 49 -2.46 56.82 17.58
N PRO B 50 -3.22 57.65 18.32
CA PRO B 50 -2.84 58.14 19.64
C PRO B 50 -2.79 57.03 20.70
N LYS B 51 -2.22 57.33 21.85
CA LYS B 51 -2.09 56.36 22.94
C LYS B 51 -3.26 56.48 23.91
N ILE B 52 -4.27 57.24 23.51
CA ILE B 52 -5.43 57.54 24.36
C ILE B 52 -6.29 56.30 24.55
N ASP B 53 -7.11 56.30 25.60
CA ASP B 53 -8.03 55.20 25.86
C ASP B 53 -9.44 55.53 25.36
N ILE B 54 -9.98 54.67 24.51
CA ILE B 54 -11.34 54.85 24.03
C ILE B 54 -12.31 54.04 24.88
N TYR B 55 -13.55 54.51 24.97
CA TYR B 55 -14.53 53.92 25.86
C TYR B 55 -15.60 53.15 25.10
N HIS B 56 -15.86 51.92 25.52
CA HIS B 56 -16.78 51.03 24.82
C HIS B 56 -18.11 50.91 25.55
N TYR B 57 -19.19 50.94 24.79
CA TYR B 57 -20.54 50.84 25.35
C TYR B 57 -21.40 49.85 24.57
N GLU B 58 -22.30 49.17 25.27
CA GLU B 58 -23.25 48.28 24.62
C GLU B 58 -24.61 48.96 24.48
N LEU B 59 -25.17 48.90 23.28
CA LEU B 59 -26.50 49.43 23.04
C LEU B 59 -27.53 48.31 23.04
N ASP B 60 -28.79 48.66 23.28
CA ASP B 60 -29.87 47.69 23.28
C ASP B 60 -31.12 48.27 22.65
N ILE B 61 -31.45 47.78 21.45
CA ILE B 61 -32.64 48.22 20.75
C ILE B 61 -33.66 47.09 20.65
N LYS B 62 -34.81 47.28 21.28
CA LYS B 62 -35.85 46.26 21.30
C LYS B 62 -36.96 46.51 20.27
N PRO B 63 -37.50 47.74 20.19
CA PRO B 63 -38.53 47.92 19.16
C PRO B 63 -37.94 47.92 17.75
N CYS B 66 -34.62 44.83 13.27
CA CYS B 66 -34.44 46.09 12.56
C CYS B 66 -33.09 46.13 11.87
N PRO B 67 -33.07 46.58 10.60
CA PRO B 67 -31.84 46.65 9.80
C PRO B 67 -30.77 47.54 10.43
N ARG B 68 -29.51 47.26 10.10
CA ARG B 68 -28.38 47.93 10.72
C ARG B 68 -28.32 49.43 10.43
N ARG B 69 -28.72 49.82 9.22
CA ARG B 69 -28.68 51.23 8.84
C ARG B 69 -29.74 52.02 9.61
N VAL B 70 -30.88 51.38 9.87
CA VAL B 70 -31.92 51.99 10.68
C VAL B 70 -31.39 52.23 12.09
N ASN B 71 -30.66 51.26 12.63
CA ASN B 71 -30.01 51.40 13.92
C ASN B 71 -29.08 52.60 13.94
N ARG B 72 -28.37 52.81 12.85
CA ARG B 72 -27.47 53.95 12.72
C ARG B 72 -28.25 55.27 12.78
N GLU B 73 -29.42 55.27 12.14
CA GLU B 73 -30.27 56.46 12.14
C GLU B 73 -30.83 56.74 13.55
N ILE B 74 -31.22 55.67 14.23
CA ILE B 74 -31.73 55.77 15.59
C ILE B 74 -30.67 56.35 16.53
N VAL B 75 -29.44 55.87 16.38
CA VAL B 75 -28.32 56.38 17.15
C VAL B 75 -28.09 57.86 16.84
N GLU B 76 -28.14 58.19 15.56
CA GLU B 76 -27.98 59.57 15.11
C GLU B 76 -29.01 60.48 15.76
N HIS B 77 -30.27 60.04 15.79
CA HIS B 77 -31.34 60.80 16.41
C HIS B 77 -31.18 60.87 17.93
N MET B 78 -30.68 59.78 18.52
CA MET B 78 -30.47 59.73 19.95
C MET B 78 -29.36 60.67 20.38
N VAL B 79 -28.33 60.78 19.53
CA VAL B 79 -27.22 61.67 19.81
C VAL B 79 -27.66 63.14 19.77
N GLN B 80 -28.38 63.51 18.72
CA GLN B 80 -28.81 64.89 18.54
C GLN B 80 -29.88 65.32 19.55
N HIS B 81 -30.60 64.36 20.11
CA HIS B 81 -31.68 64.65 21.04
C HIS B 81 -31.21 64.63 22.50
N PHE B 82 -29.98 64.19 22.72
CA PHE B 82 -29.45 64.07 24.08
C PHE B 82 -28.06 64.69 24.22
N LYS B 83 -27.82 65.77 23.49
CA LYS B 83 -26.55 66.49 23.59
C LYS B 83 -26.49 67.36 24.84
N THR B 84 -27.67 67.70 25.36
CA THR B 84 -27.75 68.55 26.55
C THR B 84 -27.40 67.79 27.81
N GLN B 85 -27.67 66.49 27.81
CA GLN B 85 -27.44 65.65 28.98
C GLN B 85 -26.09 64.94 28.91
N ILE B 86 -25.85 64.27 27.79
CA ILE B 86 -24.59 63.55 27.58
C ILE B 86 -23.96 64.02 26.27
N PHE B 87 -22.86 63.37 25.87
CA PHE B 87 -22.16 63.64 24.62
C PHE B 87 -21.61 65.07 24.58
N GLY B 88 -20.85 65.43 25.62
CA GLY B 88 -20.25 66.76 25.69
C GLY B 88 -19.04 66.90 24.80
N LYS B 91 -19.08 63.06 20.15
CA LYS B 91 -19.11 62.46 18.82
C LYS B 91 -18.70 60.99 18.88
N PRO B 92 -19.68 60.10 19.06
CA PRO B 92 -19.46 58.65 19.12
C PRO B 92 -19.49 57.98 17.74
N VAL B 93 -18.96 56.76 17.66
CA VAL B 93 -19.02 55.98 16.43
C VAL B 93 -19.86 54.73 16.65
N PHE B 94 -20.41 54.19 15.57
CA PHE B 94 -21.34 53.08 15.65
C PHE B 94 -21.13 52.08 14.51
N ASP B 95 -21.09 50.80 14.85
CA ASP B 95 -20.87 49.74 13.86
C ASP B 95 -22.19 49.15 13.39
N GLY B 96 -23.25 49.43 14.13
CA GLY B 96 -24.53 48.78 13.91
C GLY B 96 -24.79 47.82 15.05
N ARG B 97 -26.05 47.44 15.22
CA ARG B 97 -26.46 46.46 16.23
C ARG B 97 -26.17 46.91 17.67
N LYS B 98 -25.21 46.28 18.32
CA LYS B 98 -25.08 46.40 19.77
C LYS B 98 -23.85 47.18 20.28
N ASN B 99 -22.86 47.41 19.42
CA ASN B 99 -21.60 47.99 19.87
C ASN B 99 -21.41 49.45 19.49
N LEU B 100 -20.99 50.26 20.47
CA LEU B 100 -20.75 51.68 20.26
C LEU B 100 -19.48 52.13 20.99
N TYR B 101 -18.74 53.05 20.38
CA TYR B 101 -17.49 53.54 20.96
C TYR B 101 -17.46 55.08 21.02
N THR B 102 -16.78 55.61 22.03
CA THR B 102 -16.59 57.05 22.16
C THR B 102 -15.12 57.37 22.45
N ALA B 103 -14.68 58.54 22.00
CA ALA B 103 -13.30 58.98 22.26
C ALA B 103 -13.16 59.48 23.69
N MET B 104 -14.14 60.27 24.13
CA MET B 104 -14.15 60.79 25.48
C MET B 104 -15.17 60.06 26.34
N PRO B 105 -14.92 59.97 27.67
CA PRO B 105 -15.85 59.29 28.56
C PRO B 105 -17.16 60.05 28.74
N LEU B 106 -18.16 59.38 29.28
CA LEU B 106 -19.48 59.98 29.48
C LEU B 106 -19.92 59.83 30.93
N PRO B 107 -20.87 60.67 31.38
CA PRO B 107 -21.45 60.46 32.71
C PRO B 107 -22.29 59.18 32.78
N ILE B 108 -21.62 58.06 33.01
CA ILE B 108 -22.30 56.75 33.08
C ILE B 108 -21.62 55.82 34.08
N GLY B 109 -22.02 54.55 34.03
CA GLY B 109 -21.44 53.52 34.88
C GLY B 109 -21.81 52.14 34.35
N ARG B 110 -21.44 51.11 35.09
CA ARG B 110 -21.75 49.74 34.69
C ARG B 110 -23.26 49.49 34.75
N ASP B 111 -23.97 50.33 35.50
CA ASP B 111 -25.43 50.24 35.60
C ASP B 111 -26.08 50.57 34.26
N LYS B 112 -27.22 49.96 34.00
CA LYS B 112 -27.93 50.15 32.74
C LYS B 112 -28.67 51.49 32.72
N VAL B 113 -28.47 52.26 31.66
CA VAL B 113 -29.14 53.55 31.50
C VAL B 113 -30.06 53.51 30.29
N GLU B 114 -31.36 53.40 30.54
CA GLU B 114 -32.33 53.27 29.46
C GLU B 114 -33.12 54.56 29.22
N LEU B 115 -33.34 54.87 27.95
CA LEU B 115 -34.09 56.06 27.58
C LEU B 115 -34.98 55.80 26.37
N GLU B 116 -35.73 56.82 25.95
CA GLU B 116 -36.66 56.67 24.83
C GLU B 116 -36.48 57.77 23.78
N VAL B 117 -36.59 57.38 22.51
CA VAL B 117 -36.53 58.33 21.41
C VAL B 117 -37.66 58.04 20.41
N THR B 118 -37.89 58.97 19.49
CA THR B 118 -38.95 58.80 18.51
C THR B 118 -38.52 59.23 17.10
N LEU B 119 -38.83 58.39 16.12
CA LEU B 119 -38.53 58.67 14.72
C LEU B 119 -39.78 58.59 13.87
N PRO B 120 -40.20 59.72 13.31
CA PRO B 120 -41.40 59.80 12.46
C PRO B 120 -41.28 58.92 11.21
N ILE B 127 -40.15 55.91 17.15
CA ILE B 127 -40.79 55.33 18.33
C ILE B 127 -40.01 54.12 18.82
N PHE B 128 -38.91 54.37 19.53
CA PHE B 128 -38.04 53.30 20.00
C PHE B 128 -37.56 53.52 21.43
N LYS B 129 -37.10 52.44 22.06
CA LYS B 129 -36.55 52.51 23.41
C LYS B 129 -35.14 51.90 23.43
N VAL B 130 -34.16 52.74 23.75
CA VAL B 130 -32.76 52.32 23.68
C VAL B 130 -32.11 52.26 25.06
N SER B 131 -31.32 51.23 25.31
CA SER B 131 -30.63 51.06 26.58
C SER B 131 -29.12 51.13 26.40
N ILE B 132 -28.49 52.14 27.00
CA ILE B 132 -27.04 52.30 26.92
C ILE B 132 -26.37 51.84 28.22
N LYS B 133 -25.36 50.99 28.08
CA LYS B 133 -24.62 50.48 29.23
C LYS B 133 -23.12 50.41 28.95
N TRP B 134 -22.33 50.83 29.93
CA TRP B 134 -20.87 50.74 29.85
C TRP B 134 -20.43 49.28 29.81
N VAL B 135 -19.36 49.01 29.08
CA VAL B 135 -18.82 47.66 28.99
C VAL B 135 -17.38 47.60 29.49
N SER B 136 -16.46 48.10 28.68
CA SER B 136 -15.04 48.05 29.02
C SER B 136 -14.27 49.21 28.40
N CYS B 137 -13.03 49.38 28.83
CA CYS B 137 -12.17 50.43 28.29
C CYS B 137 -11.12 49.82 27.38
N VAL B 138 -10.96 50.39 26.19
CA VAL B 138 -9.99 49.89 25.23
C VAL B 138 -8.80 50.82 25.11
N SER B 139 -7.68 50.44 25.72
CA SER B 139 -6.48 51.26 25.71
C SER B 139 -5.68 51.08 24.43
N LEU B 140 -5.29 52.19 23.81
CA LEU B 140 -4.49 52.15 22.60
C LEU B 140 -3.01 52.11 22.93
N GLN B 141 -2.69 52.33 24.20
CA GLN B 141 -1.31 52.20 24.68
C GLN B 141 -0.91 50.73 24.64
N ALA B 142 -1.86 49.86 24.96
CA ALA B 142 -1.65 48.43 24.88
C ALA B 142 -1.44 47.99 23.44
N LEU B 143 -1.99 48.76 22.51
CA LEU B 143 -1.83 48.48 21.09
C LEU B 143 -0.41 48.81 20.64
N HIS B 144 0.12 49.94 21.11
CA HIS B 144 1.49 50.33 20.81
C HIS B 144 2.47 49.32 21.43
N ASP B 145 2.10 48.79 22.58
CA ASP B 145 2.91 47.77 23.24
C ASP B 145 2.75 46.43 22.53
N ALA B 146 1.62 46.25 21.84
CA ALA B 146 1.34 45.02 21.11
C ALA B 146 2.08 45.00 19.77
N LEU B 147 2.07 46.13 19.08
CA LEU B 147 2.77 46.26 17.81
C LEU B 147 4.27 46.13 18.04
N SER B 148 4.76 46.79 19.08
CA SER B 148 6.17 46.67 19.48
C SER B 148 6.41 45.30 20.11
N GLY B 149 7.65 45.05 20.55
CA GLY B 149 8.01 43.77 21.10
C GLY B 149 7.57 43.54 22.54
N ARG B 150 6.90 44.53 23.12
CA ARG B 150 6.49 44.47 24.52
C ARG B 150 5.40 43.42 24.75
N LEU B 151 4.21 43.68 24.23
CA LEU B 151 3.09 42.74 24.36
C LEU B 151 3.02 41.84 23.12
N PRO B 152 3.00 40.52 23.34
CA PRO B 152 2.99 39.55 22.24
C PRO B 152 1.66 39.50 21.49
N SER B 153 0.55 39.65 22.23
CA SER B 153 -0.77 39.55 21.63
C SER B 153 -1.34 40.90 21.22
N VAL B 154 -1.87 40.96 20.00
CA VAL B 154 -2.55 42.17 19.53
C VAL B 154 -4.04 42.05 19.81
N PRO B 155 -4.56 42.89 20.72
CA PRO B 155 -5.96 42.86 21.15
C PRO B 155 -6.94 43.00 19.98
N PHE B 156 -7.69 41.94 19.69
CA PHE B 156 -8.63 41.93 18.58
C PHE B 156 -9.74 42.97 18.77
N GLU B 157 -10.19 43.13 20.01
CA GLU B 157 -11.25 44.09 20.32
C GLU B 157 -10.81 45.51 20.00
N THR B 158 -9.51 45.78 20.14
CA THR B 158 -8.96 47.08 19.81
C THR B 158 -9.00 47.33 18.31
N ILE B 159 -8.53 46.34 17.55
CA ILE B 159 -8.54 46.43 16.09
C ILE B 159 -9.97 46.56 15.57
N GLN B 160 -10.88 45.82 16.18
CA GLN B 160 -12.30 45.89 15.84
C GLN B 160 -12.82 47.31 16.06
N ALA B 161 -12.49 47.87 17.21
CA ALA B 161 -12.91 49.22 17.57
C ALA B 161 -12.44 50.25 16.55
N LEU B 162 -11.15 50.18 16.21
CA LEU B 162 -10.57 51.07 15.22
C LEU B 162 -11.24 50.90 13.88
N ASP B 163 -11.56 49.66 13.53
CA ASP B 163 -12.25 49.36 12.28
C ASP B 163 -13.63 50.00 12.26
N VAL B 164 -14.30 49.99 13.41
CA VAL B 164 -15.61 50.61 13.54
C VAL B 164 -15.53 52.12 13.33
N VAL B 165 -14.49 52.73 13.90
CA VAL B 165 -14.27 54.16 13.76
C VAL B 165 -14.07 54.56 12.30
N MET B 166 -13.18 53.83 11.62
CA MET B 166 -12.88 54.12 10.22
C MET B 166 -14.07 53.84 9.31
N ARG B 167 -14.99 53.01 9.78
CA ARG B 167 -16.13 52.62 8.96
C ARG B 167 -17.39 53.42 9.24
N HIS B 168 -17.39 54.21 10.32
CA HIS B 168 -18.58 54.94 10.72
C HIS B 168 -19.04 55.94 9.66
N LEU B 169 -18.09 56.67 9.07
CA LEU B 169 -18.42 57.65 8.04
C LEU B 169 -18.93 57.01 6.74
N PRO B 170 -18.15 56.07 6.14
CA PRO B 170 -18.63 55.58 4.84
C PRO B 170 -19.83 54.64 4.94
N SER B 171 -20.12 54.12 6.13
CA SER B 171 -21.25 53.21 6.30
C SER B 171 -22.57 53.95 6.12
N MET B 172 -22.56 55.26 6.38
CA MET B 172 -23.76 56.07 6.24
C MET B 172 -23.74 56.87 4.93
N ARG B 173 -22.54 57.26 4.51
CA ARG B 173 -22.38 58.07 3.32
C ARG B 173 -22.39 57.25 2.03
N TYR B 174 -21.75 56.08 2.08
CA TYR B 174 -21.69 55.19 0.92
C TYR B 174 -22.69 54.05 1.05
N THR B 175 -22.67 53.15 0.07
CA THR B 175 -23.57 51.99 0.06
C THR B 175 -22.79 50.72 0.37
N PRO B 176 -22.83 50.28 1.62
CA PRO B 176 -22.03 49.13 2.10
C PRO B 176 -22.48 47.80 1.51
N VAL B 177 -21.52 47.04 0.99
CA VAL B 177 -21.76 45.68 0.52
C VAL B 177 -20.70 44.75 1.11
N GLY B 178 -21.11 43.86 1.99
CA GLY B 178 -20.18 43.01 2.71
C GLY B 178 -19.33 43.85 3.63
N ARG B 179 -18.06 44.05 3.25
CA ARG B 179 -17.16 44.90 4.01
C ARG B 179 -16.55 45.97 3.11
N SER B 180 -17.17 46.17 1.95
CA SER B 180 -16.75 47.19 1.01
C SER B 180 -17.79 48.31 0.96
N PHE B 181 -17.45 49.41 0.29
CA PHE B 181 -18.37 50.53 0.13
C PHE B 181 -18.47 50.95 -1.34
N PHE B 182 -19.68 50.94 -1.88
CA PHE B 182 -19.90 51.30 -3.27
C PHE B 182 -20.69 52.59 -3.41
N THR B 183 -20.77 53.11 -4.63
CA THR B 183 -21.50 54.34 -4.90
C THR B 183 -21.86 54.45 -6.38
N ALA B 184 -22.73 55.41 -6.71
CA ALA B 184 -23.18 55.61 -8.08
C ALA B 184 -22.16 56.41 -8.88
N SER B 189 -21.91 57.43 -16.14
CA SER B 189 -22.70 56.27 -15.74
C SER B 189 -22.49 55.10 -16.70
N ASN B 190 -21.70 54.12 -16.27
CA ASN B 190 -21.45 52.92 -17.06
C ASN B 190 -22.65 51.99 -17.06
N PRO B 191 -23.29 51.81 -18.22
CA PRO B 191 -24.51 51.01 -18.35
C PRO B 191 -24.23 49.54 -18.63
N LEU B 192 -25.29 48.72 -18.61
CA LEU B 192 -25.17 47.32 -18.94
C LEU B 192 -26.30 46.90 -19.88
N GLY B 193 -27.31 47.74 -20.00
CA GLY B 193 -28.40 47.48 -20.92
C GLY B 193 -29.67 46.97 -20.26
N GLY B 194 -29.59 45.82 -19.62
CA GLY B 194 -30.76 45.19 -19.02
C GLY B 194 -31.21 45.85 -17.73
N GLY B 195 -31.36 47.18 -17.76
CA GLY B 195 -31.75 47.93 -16.59
C GLY B 195 -30.67 47.95 -15.53
N ARG B 196 -29.46 47.56 -15.91
CA ARG B 196 -28.35 47.48 -14.98
C ARG B 196 -27.27 48.51 -15.31
N GLU B 197 -26.42 48.77 -14.32
CA GLU B 197 -25.30 49.68 -14.50
C GLU B 197 -24.12 49.26 -13.61
N VAL B 198 -22.94 49.81 -13.90
CA VAL B 198 -21.74 49.42 -13.16
C VAL B 198 -21.42 50.42 -12.05
N TRP B 199 -21.49 49.95 -10.81
CA TRP B 199 -21.11 50.75 -9.66
C TRP B 199 -19.70 50.42 -9.20
N PHE B 200 -18.89 51.45 -8.95
CA PHE B 200 -17.55 51.26 -8.45
C PHE B 200 -17.52 51.40 -6.93
N GLY B 201 -16.49 50.82 -6.32
CA GLY B 201 -16.36 50.88 -4.87
C GLY B 201 -14.98 50.48 -4.40
N PHE B 202 -14.84 50.34 -3.09
CA PHE B 202 -13.55 50.02 -2.50
C PHE B 202 -13.72 49.22 -1.21
N HIS B 203 -12.71 48.41 -0.89
CA HIS B 203 -12.71 47.64 0.35
C HIS B 203 -11.67 48.18 1.32
N GLN B 204 -12.11 48.61 2.50
CA GLN B 204 -11.19 49.07 3.53
C GLN B 204 -11.20 48.12 4.72
N SER B 205 -10.05 48.02 5.39
CA SER B 205 -9.90 47.17 6.56
C SER B 205 -8.65 47.57 7.35
N VAL B 206 -8.78 47.66 8.67
CA VAL B 206 -7.67 48.08 9.52
C VAL B 206 -6.77 46.91 9.87
N ARG B 207 -5.51 47.02 9.49
CA ARG B 207 -4.55 45.94 9.68
C ARG B 207 -3.36 46.37 10.53
N PRO B 208 -2.87 45.48 11.40
CA PRO B 208 -1.70 45.76 12.23
C PRO B 208 -0.38 45.56 11.48
N SER B 209 0.66 46.29 11.87
CA SER B 209 1.98 46.11 11.28
C SER B 209 3.04 46.15 12.37
N LEU B 210 4.30 46.28 11.96
CA LEU B 210 5.42 46.21 12.90
C LEU B 210 5.40 47.34 13.93
N TRP B 211 5.25 48.57 13.45
CA TRP B 211 5.31 49.73 14.35
C TRP B 211 4.16 50.70 14.10
N LYS B 212 3.57 50.64 12.92
CA LYS B 212 2.52 51.56 12.55
C LYS B 212 1.29 50.83 12.02
N MET B 213 0.14 51.08 12.63
CA MET B 213 -1.12 50.53 12.15
C MET B 213 -1.36 50.93 10.70
N MET B 214 -1.86 50.00 9.89
CA MET B 214 -2.03 50.24 8.47
C MET B 214 -3.49 50.15 8.04
N LEU B 215 -3.84 50.90 7.00
CA LEU B 215 -5.19 50.86 6.44
C LEU B 215 -5.16 50.20 5.07
N ASN B 216 -5.69 48.97 4.99
CA ASN B 216 -5.69 48.23 3.74
C ASN B 216 -6.86 48.62 2.85
N ILE B 217 -6.55 49.11 1.65
CA ILE B 217 -7.59 49.55 0.72
C ILE B 217 -7.37 49.02 -0.69
N ASP B 218 -8.40 48.36 -1.23
CA ASP B 218 -8.35 47.84 -2.59
C ASP B 218 -9.67 48.10 -3.30
N VAL B 219 -9.61 48.68 -4.49
CA VAL B 219 -10.81 49.03 -5.24
C VAL B 219 -11.48 47.80 -5.86
N SER B 220 -12.77 47.93 -6.16
CA SER B 220 -13.53 46.86 -6.80
C SER B 220 -14.78 47.44 -7.44
N ALA B 221 -15.54 46.59 -8.13
CA ALA B 221 -16.76 47.03 -8.79
C ALA B 221 -17.80 45.91 -8.88
N THR B 222 -19.06 46.29 -8.98
CA THR B 222 -20.14 45.33 -9.13
C THR B 222 -21.30 45.92 -9.93
N ALA B 223 -22.35 45.13 -10.11
CA ALA B 223 -23.48 45.54 -10.94
C ALA B 223 -24.73 45.83 -10.12
N PHE B 224 -25.25 47.04 -10.25
CA PHE B 224 -26.49 47.43 -9.58
C PHE B 224 -27.62 47.60 -10.60
N TYR B 225 -28.85 47.72 -10.11
CA TYR B 225 -29.97 48.02 -10.98
C TYR B 225 -30.11 49.53 -11.15
N LYS B 226 -30.19 49.97 -12.39
CA LYS B 226 -30.25 51.40 -12.69
C LYS B 226 -31.50 52.06 -12.13
N ALA B 227 -31.31 53.15 -11.39
CA ALA B 227 -32.43 53.90 -10.81
C ALA B 227 -33.20 54.62 -11.91
N GLN B 228 -34.20 53.93 -12.47
CA GLN B 228 -34.97 54.47 -13.58
C GLN B 228 -36.44 54.06 -13.49
N PRO B 229 -37.33 54.82 -14.14
CA PRO B 229 -38.74 54.42 -14.22
C PRO B 229 -38.90 53.04 -14.84
N VAL B 230 -39.83 52.25 -14.30
CA VAL B 230 -40.05 50.89 -14.78
C VAL B 230 -40.45 50.90 -16.26
N ILE B 231 -41.08 52.00 -16.69
CA ILE B 231 -41.38 52.22 -18.10
C ILE B 231 -40.11 52.11 -18.94
N GLU B 232 -39.08 52.84 -18.54
CA GLU B 232 -37.81 52.80 -19.25
C GLU B 232 -37.07 51.51 -18.98
N PHE B 233 -37.38 50.87 -17.85
CA PHE B 233 -36.83 49.56 -17.54
C PHE B 233 -37.34 48.56 -18.57
N VAL B 234 -38.61 48.68 -18.92
CA VAL B 234 -39.20 47.86 -19.97
C VAL B 234 -38.54 48.15 -21.32
N CYS B 235 -38.32 49.44 -21.58
CA CYS B 235 -37.69 49.87 -22.82
C CYS B 235 -36.30 49.27 -23.00
N GLU B 236 -35.54 49.22 -21.91
CA GLU B 236 -34.18 48.70 -21.94
C GLU B 236 -34.17 47.17 -22.01
N VAL B 237 -35.10 46.53 -21.33
CA VAL B 237 -35.18 45.07 -21.31
C VAL B 237 -35.65 44.51 -22.65
N LEU B 238 -36.71 45.09 -23.19
CA LEU B 238 -37.30 44.61 -24.43
C LEU B 238 -36.70 45.26 -25.67
N ASP B 239 -35.53 45.87 -25.50
CA ASP B 239 -34.81 46.53 -26.59
C ASP B 239 -35.64 47.58 -27.32
N PHE B 240 -36.32 48.43 -26.55
CA PHE B 240 -37.10 49.52 -27.12
C PHE B 240 -36.29 50.81 -27.15
N LYS B 241 -36.38 51.53 -28.26
CA LYS B 241 -35.74 52.84 -28.37
C LYS B 241 -36.39 53.79 -27.37
N SER B 242 -37.70 53.67 -27.25
CA SER B 242 -38.48 54.47 -26.31
C SER B 242 -39.76 53.74 -25.96
N ILE B 243 -40.57 54.35 -25.09
CA ILE B 243 -41.89 53.82 -24.80
C ILE B 243 -42.76 54.03 -26.04
N GLU B 244 -43.88 53.31 -26.11
CA GLU B 244 -44.77 53.31 -27.28
C GLU B 244 -44.09 52.70 -28.50
N GLU B 245 -42.99 51.98 -28.26
CA GLU B 245 -42.45 51.09 -29.28
C GLU B 245 -43.47 50.00 -29.51
N GLN B 246 -44.18 49.66 -28.44
CA GLN B 246 -45.38 48.85 -28.51
C GLN B 246 -46.53 49.56 -27.82
N GLN B 247 -47.39 50.20 -28.61
CA GLN B 247 -48.58 50.84 -28.05
C GLN B 247 -49.66 49.79 -27.83
N LYS B 248 -49.52 48.65 -28.49
CA LYS B 248 -50.38 47.50 -28.24
C LYS B 248 -49.74 46.65 -27.14
N PRO B 249 -50.56 46.01 -26.29
CA PRO B 249 -50.12 45.23 -25.14
C PRO B 249 -48.98 44.26 -25.45
N LEU B 250 -48.13 44.02 -24.47
CA LEU B 250 -46.97 43.15 -24.64
C LEU B 250 -47.39 41.71 -24.92
N THR B 251 -46.62 41.03 -25.77
CA THR B 251 -46.84 39.62 -26.03
C THR B 251 -46.52 38.82 -24.77
N ASP B 252 -47.05 37.61 -24.70
CA ASP B 252 -46.84 36.76 -23.53
C ASP B 252 -45.36 36.44 -23.31
N SER B 253 -44.62 36.31 -24.41
CA SER B 253 -43.20 36.06 -24.34
C SER B 253 -42.46 37.24 -23.72
N GLN B 254 -42.91 38.45 -24.05
CA GLN B 254 -42.30 39.67 -23.54
C GLN B 254 -42.74 39.94 -22.10
N ARG B 255 -43.92 39.44 -21.73
CA ARG B 255 -44.37 39.49 -20.35
C ARG B 255 -43.43 38.66 -19.49
N VAL B 256 -43.10 37.47 -19.99
CA VAL B 256 -42.17 36.56 -19.31
C VAL B 256 -40.79 37.19 -19.19
N LYS B 257 -40.31 37.77 -20.28
CA LYS B 257 -38.99 38.39 -20.31
C LYS B 257 -38.88 39.54 -19.31
N PHE B 258 -39.94 40.33 -19.22
CA PHE B 258 -39.97 41.46 -18.29
C PHE B 258 -40.19 40.99 -16.85
N THR B 259 -40.97 39.93 -16.69
CA THR B 259 -41.26 39.39 -15.36
C THR B 259 -40.01 38.76 -14.75
N LYS B 260 -39.25 38.05 -15.57
CA LYS B 260 -38.02 37.39 -15.12
C LYS B 260 -36.99 38.40 -14.59
N GLU B 261 -37.08 39.63 -15.07
CA GLU B 261 -36.12 40.66 -14.70
C GLU B 261 -36.58 41.50 -13.50
N ILE B 262 -37.89 41.70 -13.38
CA ILE B 262 -38.44 42.63 -12.41
C ILE B 262 -38.91 41.95 -11.12
N LYS B 263 -39.13 40.64 -11.17
CA LYS B 263 -39.65 39.91 -10.02
C LYS B 263 -38.65 39.88 -8.86
N GLY B 264 -38.97 40.61 -7.79
CA GLY B 264 -38.15 40.62 -6.60
C GLY B 264 -37.56 41.98 -6.28
N LEU B 265 -37.52 42.87 -7.27
CA LEU B 265 -36.96 44.20 -7.08
C LEU B 265 -37.89 45.10 -6.28
N LYS B 266 -37.33 46.14 -5.69
CA LYS B 266 -38.13 47.13 -4.95
C LYS B 266 -38.40 48.34 -5.83
N VAL B 267 -39.59 48.91 -5.70
CA VAL B 267 -39.98 50.06 -6.51
C VAL B 267 -40.50 51.21 -5.65
N GLU B 268 -40.37 52.42 -6.17
CA GLU B 268 -40.81 53.62 -5.46
C GLU B 268 -42.03 54.23 -6.14
N ILE B 269 -42.98 54.71 -5.35
CA ILE B 269 -44.21 55.28 -5.89
C ILE B 269 -44.12 56.80 -5.95
N THR B 270 -44.92 57.41 -6.81
CA THR B 270 -44.89 58.86 -6.99
C THR B 270 -46.28 59.48 -6.91
N HIS B 271 -46.84 59.52 -5.69
CA HIS B 271 -48.14 60.13 -5.45
C HIS B 271 -48.06 61.17 -4.34
N LYS B 276 -41.68 58.40 -1.82
CA LYS B 276 -42.83 58.32 -0.91
C LYS B 276 -42.95 56.92 -0.32
N ARG B 277 -43.49 55.98 -1.10
CA ARG B 277 -43.69 54.63 -0.63
C ARG B 277 -42.86 53.62 -1.41
N LYS B 278 -42.10 52.81 -0.70
CA LYS B 278 -41.33 51.74 -1.33
C LYS B 278 -42.09 50.41 -1.22
N TYR B 279 -42.24 49.73 -2.35
CA TYR B 279 -42.94 48.46 -2.39
C TYR B 279 -42.06 47.37 -3.00
N ARG B 280 -42.42 46.12 -2.75
CA ARG B 280 -41.66 44.99 -3.27
C ARG B 280 -42.47 44.21 -4.30
N VAL B 281 -42.04 44.26 -5.55
CA VAL B 281 -42.70 43.55 -6.63
C VAL B 281 -42.56 42.04 -6.46
N CYS B 282 -43.68 41.35 -6.30
CA CYS B 282 -43.67 39.90 -6.13
C CYS B 282 -44.04 39.18 -7.43
N ASN B 283 -44.83 39.84 -8.27
CA ASN B 283 -45.27 39.26 -9.53
C ASN B 283 -45.74 40.31 -10.54
N VAL B 284 -46.00 39.87 -11.76
CA VAL B 284 -46.50 40.75 -12.81
C VAL B 284 -47.84 40.25 -13.34
N THR B 285 -48.82 41.14 -13.44
CA THR B 285 -50.14 40.79 -13.94
C THR B 285 -50.10 40.38 -15.40
N ARG B 286 -51.00 39.48 -15.77
CA ARG B 286 -51.10 39.03 -17.16
C ARG B 286 -52.00 39.96 -17.95
N ARG B 287 -52.98 40.54 -17.27
CA ARG B 287 -53.95 41.43 -17.90
C ARG B 287 -53.52 42.88 -17.78
N PRO B 288 -53.84 43.71 -18.78
CA PRO B 288 -53.49 45.13 -18.81
C PRO B 288 -54.03 45.91 -17.62
N ALA B 289 -53.57 47.14 -17.45
CA ALA B 289 -54.00 47.99 -16.35
C ALA B 289 -55.44 48.44 -16.51
N SER B 290 -55.96 48.33 -17.73
CA SER B 290 -57.32 48.73 -18.04
C SER B 290 -58.32 47.64 -17.71
N HIS B 291 -57.82 46.46 -17.38
CA HIS B 291 -58.69 45.31 -17.13
C HIS B 291 -58.34 44.56 -15.84
N GLN B 292 -57.16 44.84 -15.29
CA GLN B 292 -56.73 44.21 -14.05
C GLN B 292 -57.60 44.67 -12.88
N THR B 293 -58.37 43.76 -12.31
CA THR B 293 -59.35 44.11 -11.29
C THR B 293 -58.90 43.79 -9.86
N PHE B 294 -59.61 44.36 -8.89
CA PHE B 294 -59.33 44.15 -7.48
C PHE B 294 -60.52 44.64 -6.64
N PRO B 295 -60.71 44.04 -5.45
CA PRO B 295 -61.73 44.53 -4.52
C PRO B 295 -61.46 45.97 -4.08
N LEU B 296 -62.34 46.90 -4.42
CA LEU B 296 -62.10 48.31 -4.16
C LEU B 296 -62.18 48.66 -2.68
N GLN B 297 -63.05 47.96 -1.95
CA GLN B 297 -63.22 48.17 -0.51
C GLN B 297 -63.45 49.65 -0.18
N GLN B 298 -64.58 50.19 -0.60
CA GLN B 298 -64.87 51.60 -0.40
C GLN B 298 -65.26 51.93 1.03
N GLU B 299 -65.79 53.13 1.24
CA GLU B 299 -66.11 53.61 2.58
C GLU B 299 -67.19 52.80 3.26
N SER B 300 -68.04 52.16 2.46
CA SER B 300 -69.16 51.38 2.98
C SER B 300 -68.71 50.05 3.56
N GLY B 301 -67.48 49.65 3.25
CA GLY B 301 -66.96 48.37 3.69
C GLY B 301 -67.31 47.27 2.72
N GLN B 302 -68.05 47.62 1.67
CA GLN B 302 -68.42 46.67 0.63
C GLN B 302 -67.40 46.66 -0.50
N THR B 303 -66.91 45.47 -0.83
CA THR B 303 -65.91 45.32 -1.89
C THR B 303 -66.56 45.38 -3.27
N VAL B 304 -65.92 46.09 -4.19
CA VAL B 304 -66.41 46.19 -5.56
C VAL B 304 -65.28 45.92 -6.56
N GLU B 305 -65.56 45.09 -7.55
CA GLU B 305 -64.58 44.79 -8.60
C GLU B 305 -64.27 46.03 -9.42
N CYS B 306 -63.04 46.52 -9.30
CA CYS B 306 -62.63 47.72 -10.01
C CYS B 306 -61.28 47.53 -10.70
N THR B 307 -61.16 48.07 -11.92
CA THR B 307 -59.91 47.98 -12.65
C THR B 307 -58.93 49.02 -12.15
N VAL B 308 -57.64 48.74 -12.28
CA VAL B 308 -56.58 49.61 -11.78
C VAL B 308 -56.62 50.98 -12.45
N ALA B 309 -56.81 51.00 -13.77
CA ALA B 309 -56.86 52.24 -14.54
C ALA B 309 -58.01 53.13 -14.07
N GLN B 310 -59.15 52.52 -13.78
CA GLN B 310 -60.32 53.26 -13.32
C GLN B 310 -60.10 53.81 -11.93
N TYR B 311 -59.37 53.07 -11.10
CA TYR B 311 -59.08 53.50 -9.74
C TYR B 311 -58.17 54.72 -9.73
N PHE B 312 -57.11 54.67 -10.52
CA PHE B 312 -56.17 55.78 -10.62
C PHE B 312 -56.82 56.98 -11.29
N LYS B 313 -57.83 56.74 -12.10
CA LYS B 313 -58.57 57.81 -12.76
C LYS B 313 -59.50 58.50 -11.78
N ASP B 314 -60.06 57.74 -10.85
CA ASP B 314 -60.99 58.27 -9.86
C ASP B 314 -60.28 58.74 -8.60
N ARG B 315 -59.57 57.83 -7.95
CA ARG B 315 -58.93 58.10 -6.67
C ARG B 315 -57.81 59.14 -6.75
N HIS B 316 -56.82 58.88 -7.59
CA HIS B 316 -55.65 59.74 -7.67
C HIS B 316 -55.76 60.78 -8.78
N LYS B 317 -56.92 60.82 -9.44
CA LYS B 317 -57.18 61.74 -10.55
C LYS B 317 -56.10 61.66 -11.62
N LEU B 318 -55.60 60.44 -11.86
CA LEU B 318 -54.50 60.24 -12.78
C LEU B 318 -54.88 59.31 -13.92
N VAL B 319 -54.88 59.85 -15.14
CA VAL B 319 -55.13 59.05 -16.33
C VAL B 319 -53.85 58.36 -16.78
N LEU B 320 -53.92 57.04 -16.93
CA LEU B 320 -52.76 56.27 -17.36
C LEU B 320 -52.40 56.55 -18.81
N ARG B 321 -51.15 56.96 -19.04
CA ARG B 321 -50.68 57.25 -20.39
C ARG B 321 -50.46 55.97 -21.18
N TYR B 322 -50.19 54.88 -20.45
CA TYR B 322 -49.99 53.58 -21.08
C TYR B 322 -50.77 52.48 -20.38
N PRO B 323 -52.11 52.47 -20.57
CA PRO B 323 -52.99 51.49 -19.91
C PRO B 323 -52.84 50.10 -20.52
N HIS B 324 -52.24 50.02 -21.71
CA HIS B 324 -52.07 48.75 -22.41
C HIS B 324 -50.99 47.88 -21.76
N LEU B 325 -50.19 48.49 -20.87
CA LEU B 325 -49.12 47.78 -20.20
C LEU B 325 -49.62 47.07 -18.94
N PRO B 326 -49.04 45.90 -18.62
CA PRO B 326 -49.41 45.15 -17.42
C PRO B 326 -49.04 45.88 -16.13
N CYS B 327 -49.32 45.26 -14.99
CA CYS B 327 -49.07 45.88 -13.70
C CYS B 327 -48.08 45.09 -12.86
N LEU B 328 -47.48 45.77 -11.88
CA LEU B 328 -46.62 45.11 -10.92
C LEU B 328 -47.42 44.80 -9.66
N GLN B 329 -47.44 43.53 -9.25
CA GLN B 329 -48.11 43.15 -8.02
C GLN B 329 -47.16 43.31 -6.85
N VAL B 330 -47.49 44.23 -5.94
CA VAL B 330 -46.63 44.52 -4.80
C VAL B 330 -47.28 44.09 -3.50
N GLY B 331 -46.56 44.29 -2.39
CA GLY B 331 -47.05 43.90 -1.09
C GLY B 331 -47.13 42.40 -0.93
N GLN B 332 -48.20 41.94 -0.29
CA GLN B 332 -48.39 40.51 -0.05
C GLN B 332 -49.14 39.86 -1.21
N GLU B 333 -48.69 38.68 -1.61
CA GLU B 333 -49.30 37.95 -2.72
C GLU B 333 -50.72 37.50 -2.38
N GLN B 334 -51.01 37.38 -1.09
CA GLN B 334 -52.34 37.00 -0.62
C GLN B 334 -53.29 38.18 -0.75
N LYS B 335 -52.78 39.38 -0.55
CA LYS B 335 -53.57 40.60 -0.70
C LYS B 335 -53.55 41.03 -2.17
N HIS B 336 -54.48 41.90 -2.55
CA HIS B 336 -54.60 42.36 -3.93
C HIS B 336 -54.15 43.81 -4.09
N THR B 337 -52.83 44.01 -4.19
CA THR B 337 -52.29 45.34 -4.39
C THR B 337 -51.49 45.41 -5.69
N TYR B 338 -51.92 46.26 -6.60
CA TYR B 338 -51.29 46.36 -7.92
C TYR B 338 -50.86 47.78 -8.25
N LEU B 339 -49.86 47.91 -9.11
CA LEU B 339 -49.35 49.22 -9.51
C LEU B 339 -49.02 49.26 -11.00
N PRO B 340 -49.53 50.28 -11.70
CA PRO B 340 -49.16 50.48 -13.11
C PRO B 340 -47.68 50.83 -13.24
N LEU B 341 -47.10 50.53 -14.40
CA LEU B 341 -45.67 50.73 -14.61
C LEU B 341 -45.27 52.20 -14.59
N GLU B 342 -46.17 53.07 -15.02
CA GLU B 342 -45.86 54.48 -15.21
C GLU B 342 -45.84 55.29 -13.91
N VAL B 343 -46.07 54.62 -12.78
CA VAL B 343 -45.99 55.28 -11.49
C VAL B 343 -44.95 54.61 -10.60
N CYS B 344 -44.19 53.69 -11.19
CA CYS B 344 -43.17 52.96 -10.44
C CYS B 344 -41.77 53.26 -10.97
N ASN B 345 -40.85 53.48 -10.04
CA ASN B 345 -39.44 53.69 -10.37
C ASN B 345 -38.56 52.69 -9.63
N ILE B 346 -37.55 52.16 -10.32
CA ILE B 346 -36.58 51.27 -9.69
C ILE B 346 -35.75 52.01 -8.66
N VAL B 347 -35.83 51.59 -7.41
CA VAL B 347 -35.06 52.24 -6.35
C VAL B 347 -33.58 51.93 -6.48
N ALA B 348 -32.74 52.91 -6.15
CA ALA B 348 -31.30 52.75 -6.25
C ALA B 348 -30.75 52.01 -5.06
N GLY B 349 -29.57 51.42 -5.23
CA GLY B 349 -28.91 50.71 -4.15
C GLY B 349 -29.20 49.22 -4.14
N GLN B 350 -29.84 48.73 -5.21
CA GLN B 350 -30.17 47.33 -5.31
C GLN B 350 -29.14 46.58 -6.16
N ARG B 351 -28.30 45.78 -5.49
CA ARG B 351 -27.26 45.02 -6.17
C ARG B 351 -27.86 43.85 -6.95
N CYS B 352 -27.28 43.57 -8.11
CA CYS B 352 -27.76 42.48 -8.97
C CYS B 352 -27.04 41.17 -8.69
N ILE B 353 -27.72 40.06 -8.92
CA ILE B 353 -27.16 38.74 -8.72
C ILE B 353 -27.25 37.91 -10.01
N LYS B 354 -28.21 38.27 -10.85
CA LYS B 354 -28.45 37.54 -12.10
C LYS B 354 -27.25 37.58 -13.04
N LYS B 355 -27.20 36.60 -13.95
CA LYS B 355 -26.07 36.47 -14.86
C LYS B 355 -26.10 37.51 -15.97
N LEU B 356 -24.92 37.96 -16.37
CA LEU B 356 -24.79 38.96 -17.43
C LEU B 356 -24.58 38.29 -18.79
N THR B 357 -25.11 38.90 -19.85
CA THR B 357 -24.89 38.40 -21.19
C THR B 357 -23.49 38.75 -21.67
N ASP B 358 -23.20 38.44 -22.94
CA ASP B 358 -21.87 38.67 -23.50
C ASP B 358 -21.47 40.14 -23.46
N ASN B 359 -22.35 41.01 -23.96
CA ASN B 359 -22.06 42.44 -24.01
C ASN B 359 -21.98 43.06 -22.61
N GLN B 360 -22.78 42.53 -21.69
CA GLN B 360 -22.81 43.04 -20.32
C GLN B 360 -21.55 42.66 -19.55
N THR B 361 -21.18 41.38 -19.64
CA THR B 361 -19.96 40.90 -18.99
C THR B 361 -18.74 41.57 -19.60
N SER B 362 -18.79 41.81 -20.90
CA SER B 362 -17.71 42.51 -21.60
C SER B 362 -17.56 43.93 -21.06
N THR B 363 -18.67 44.66 -21.01
CA THR B 363 -18.68 46.03 -20.52
C THR B 363 -18.19 46.10 -19.08
N MET B 364 -18.43 45.04 -18.32
CA MET B 364 -17.99 44.97 -16.94
C MET B 364 -16.49 44.74 -16.84
N ILE B 365 -16.00 43.74 -17.58
CA ILE B 365 -14.59 43.39 -17.57
C ILE B 365 -13.77 44.44 -18.33
N ARG B 366 -14.46 45.29 -19.08
CA ARG B 366 -13.82 46.40 -19.78
C ARG B 366 -13.84 47.63 -18.88
N ALA B 367 -14.26 47.41 -17.63
CA ALA B 367 -14.29 48.48 -16.63
C ALA B 367 -13.73 47.97 -15.31
N THR B 368 -13.32 46.71 -15.29
CA THR B 368 -12.74 46.08 -14.10
C THR B 368 -11.57 45.19 -14.52
N ALA B 369 -10.82 44.71 -13.54
CA ALA B 369 -9.67 43.84 -13.78
C ALA B 369 -8.64 44.51 -14.70
N ARG B 370 -8.44 45.82 -14.50
CA ARG B 370 -7.50 46.56 -15.31
C ARG B 370 -6.06 46.19 -14.96
N SER B 371 -5.11 46.73 -15.72
CA SER B 371 -3.70 46.42 -15.52
C SER B 371 -3.22 46.88 -14.15
N ALA B 372 -2.10 46.31 -13.70
CA ALA B 372 -1.53 46.67 -12.41
C ALA B 372 -1.23 48.17 -12.25
N PRO B 373 -0.66 48.82 -13.29
CA PRO B 373 -0.49 50.27 -13.13
C PRO B 373 -1.82 51.01 -13.06
N ASP B 374 -2.83 50.54 -13.78
CA ASP B 374 -4.15 51.14 -13.74
C ASP B 374 -4.77 50.96 -12.36
N ARG B 375 -4.68 49.74 -11.83
CA ARG B 375 -5.14 49.43 -10.48
C ARG B 375 -4.43 50.30 -9.45
N GLN B 376 -3.11 50.39 -9.58
CA GLN B 376 -2.29 51.19 -8.68
C GLN B 376 -2.69 52.66 -8.70
N GLU B 377 -2.80 53.22 -9.90
CA GLU B 377 -3.16 54.62 -10.05
C GLU B 377 -4.57 54.89 -9.53
N GLU B 378 -5.47 53.93 -9.72
CA GLU B 378 -6.85 54.06 -9.25
C GLU B 378 -6.93 54.10 -7.73
N ILE B 379 -6.14 53.26 -7.07
CA ILE B 379 -6.10 53.22 -5.61
C ILE B 379 -5.53 54.52 -5.06
N SER B 380 -4.45 54.98 -5.68
CA SER B 380 -3.83 56.26 -5.29
C SER B 380 -4.80 57.41 -5.53
N LYS B 381 -5.39 57.45 -6.71
CA LYS B 381 -6.35 58.49 -7.08
C LYS B 381 -7.55 58.49 -6.12
N LEU B 382 -8.00 57.30 -5.75
CA LEU B 382 -9.08 57.15 -4.79
C LEU B 382 -8.70 57.74 -3.44
N MET B 383 -7.47 57.47 -3.01
CA MET B 383 -7.01 57.86 -1.69
C MET B 383 -6.79 59.37 -1.59
N ARG B 384 -6.62 60.03 -2.73
CA ARG B 384 -6.49 61.48 -2.77
C ARG B 384 -7.85 62.13 -2.60
N SER B 385 -8.87 61.52 -3.17
CA SER B 385 -10.24 62.00 -3.05
C SER B 385 -11.02 61.21 -2.00
N ALA B 386 -10.29 60.71 -1.00
CA ALA B 386 -10.87 59.79 -0.02
C ALA B 386 -11.53 60.50 1.15
N ASP B 387 -11.01 61.67 1.50
CA ASP B 387 -11.54 62.47 2.62
C ASP B 387 -11.50 61.71 3.95
N PHE B 388 -10.36 61.08 4.25
CA PHE B 388 -10.21 60.34 5.50
C PHE B 388 -9.73 61.24 6.64
N ASN B 389 -9.04 62.31 6.30
CA ASN B 389 -8.44 63.19 7.30
C ASN B 389 -9.32 64.39 7.64
N THR B 390 -10.53 64.42 7.10
CA THR B 390 -11.39 65.59 7.25
C THR B 390 -12.69 65.29 7.99
N ASP B 391 -13.13 64.03 7.96
CA ASP B 391 -14.39 63.67 8.61
C ASP B 391 -14.28 63.79 10.13
N PRO B 392 -15.33 64.32 10.77
CA PRO B 392 -15.33 64.67 12.19
C PRO B 392 -15.18 63.46 13.13
N TYR B 393 -15.77 62.33 12.78
CA TYR B 393 -15.74 61.17 13.65
C TYR B 393 -14.33 60.58 13.78
N VAL B 394 -13.54 60.70 12.72
CA VAL B 394 -12.15 60.25 12.77
C VAL B 394 -11.29 61.26 13.51
N ARG B 395 -11.51 62.55 13.23
CA ARG B 395 -10.81 63.63 13.90
C ARG B 395 -11.06 63.60 15.41
N GLU B 396 -12.22 63.10 15.80
CA GLU B 396 -12.59 62.95 17.19
C GLU B 396 -11.62 62.02 17.92
N PHE B 397 -11.18 60.98 17.22
CA PHE B 397 -10.26 60.01 17.78
C PHE B 397 -8.81 60.34 17.42
N GLY B 398 -8.61 61.49 16.79
CA GLY B 398 -7.28 61.97 16.44
C GLY B 398 -6.48 61.03 15.57
N ILE B 399 -7.13 60.50 14.53
CA ILE B 399 -6.49 59.56 13.63
C ILE B 399 -6.10 60.22 12.30
N MET B 400 -4.88 59.95 11.85
CA MET B 400 -4.39 60.51 10.60
C MET B 400 -3.96 59.40 9.65
N VAL B 401 -4.49 59.41 8.43
CA VAL B 401 -4.14 58.41 7.43
C VAL B 401 -3.31 59.02 6.30
N LYS B 402 -2.15 58.42 6.04
CA LYS B 402 -1.26 58.90 4.99
C LYS B 402 -1.90 58.70 3.62
N ASP B 403 -1.96 59.76 2.82
CA ASP B 403 -2.62 59.73 1.53
C ASP B 403 -1.78 59.06 0.45
N GLU B 404 -0.56 58.67 0.81
CA GLU B 404 0.32 57.98 -0.12
C GLU B 404 0.44 56.50 0.25
N MET B 405 0.60 55.65 -0.74
CA MET B 405 0.77 54.22 -0.49
C MET B 405 2.08 53.95 0.24
N THR B 406 2.11 52.87 1.00
CA THR B 406 3.28 52.50 1.77
C THR B 406 4.38 51.92 0.90
N ASP B 407 5.56 52.53 0.95
CA ASP B 407 6.73 52.01 0.26
C ASP B 407 7.27 50.79 0.98
N VAL B 408 7.58 49.75 0.25
CA VAL B 408 8.12 48.52 0.84
C VAL B 408 9.21 47.92 -0.05
N THR B 409 10.32 47.52 0.56
CA THR B 409 11.42 46.92 -0.17
C THR B 409 11.10 45.48 -0.55
N GLY B 410 10.78 45.26 -1.81
CA GLY B 410 10.51 43.92 -2.30
C GLY B 410 11.80 43.15 -2.51
N ARG B 411 11.67 41.90 -2.94
CA ARG B 411 12.83 41.03 -3.08
C ARG B 411 12.51 39.82 -3.97
N VAL B 412 13.22 39.73 -5.10
CA VAL B 412 12.97 38.68 -6.07
C VAL B 412 13.90 37.49 -5.88
N LEU B 413 13.34 36.36 -5.47
CA LEU B 413 14.12 35.15 -5.27
C LEU B 413 14.61 34.59 -6.60
N GLN B 414 15.61 33.72 -6.55
CA GLN B 414 16.14 33.09 -7.74
C GLN B 414 15.43 31.78 -8.04
N PRO B 415 14.86 31.65 -9.25
CA PRO B 415 14.14 30.46 -9.69
C PRO B 415 15.05 29.23 -9.76
N PRO B 416 14.52 28.06 -9.40
CA PRO B 416 15.30 26.81 -9.42
C PRO B 416 15.50 26.28 -10.84
N SER B 417 16.60 25.59 -11.06
CA SER B 417 16.86 25.00 -12.37
C SER B 417 16.04 23.72 -12.55
N ILE B 418 15.35 23.61 -13.67
CA ILE B 418 14.52 22.44 -13.94
C ILE B 418 15.29 21.41 -14.76
N LEU B 419 15.50 20.23 -14.19
CA LEU B 419 16.29 19.19 -14.83
C LEU B 419 15.42 18.24 -15.64
N TYR B 420 15.64 18.21 -16.96
CA TYR B 420 14.93 17.28 -17.83
C TYR B 420 15.82 16.10 -18.20
N GLY B 421 15.24 15.11 -18.88
CA GLY B 421 15.95 13.88 -19.17
C GLY B 421 16.20 13.61 -20.64
N GLY B 422 16.29 12.33 -20.99
CA GLY B 422 16.63 11.92 -22.34
C GLY B 422 18.10 11.56 -22.43
N ARG B 423 18.62 11.52 -23.65
CA ARG B 423 20.04 11.26 -23.85
C ARG B 423 20.87 12.50 -23.51
N ASN B 424 20.37 13.65 -23.96
CA ASN B 424 21.07 14.91 -23.75
C ASN B 424 20.96 15.41 -22.31
N LYS B 425 19.79 15.20 -21.71
CA LYS B 425 19.49 15.68 -20.37
C LYS B 425 19.75 17.17 -20.22
N ALA B 426 19.21 17.97 -21.14
CA ALA B 426 19.36 19.41 -21.09
C ALA B 426 18.66 19.98 -19.86
N ILE B 427 18.98 21.23 -19.52
CA ILE B 427 18.38 21.86 -18.36
C ILE B 427 17.56 23.08 -18.80
N ALA B 428 16.53 23.41 -18.01
CA ALA B 428 15.64 24.51 -18.35
C ALA B 428 15.62 25.55 -17.23
N THR B 429 15.90 26.79 -17.59
CA THR B 429 15.90 27.88 -16.62
C THR B 429 14.65 28.73 -16.74
N PRO B 430 13.85 28.79 -15.66
CA PRO B 430 12.62 29.58 -15.62
C PRO B 430 12.86 31.05 -15.90
N VAL B 431 12.37 31.52 -17.04
CA VAL B 431 12.49 32.93 -17.39
C VAL B 431 11.15 33.63 -17.16
N GLN B 432 11.14 34.59 -16.25
CA GLN B 432 9.94 35.34 -15.89
C GLN B 432 8.82 34.43 -15.39
N GLY B 433 9.21 33.31 -14.77
CA GLY B 433 8.26 32.39 -14.18
C GLY B 433 7.74 31.31 -15.12
N VAL B 434 8.21 31.33 -16.36
CA VAL B 434 7.75 30.38 -17.37
C VAL B 434 8.92 29.75 -18.13
N TRP B 435 8.87 28.44 -18.35
CA TRP B 435 9.84 27.75 -19.18
C TRP B 435 9.14 26.83 -20.18
N ASP B 436 9.92 26.19 -21.05
CA ASP B 436 9.35 25.32 -22.08
C ASP B 436 10.16 24.03 -22.24
N MET B 437 9.58 23.08 -22.96
CA MET B 437 10.23 21.79 -23.18
C MET B 437 10.88 21.67 -24.55
N ARG B 438 11.18 22.82 -25.16
CA ARG B 438 11.86 22.83 -26.45
C ARG B 438 13.25 22.21 -26.34
N ASN B 439 13.48 21.16 -27.13
CA ASN B 439 14.70 20.36 -27.06
C ASN B 439 14.88 19.71 -25.70
N LYS B 440 13.77 19.50 -25.00
CA LYS B 440 13.79 18.86 -23.70
C LYS B 440 12.92 17.61 -23.69
N GLN B 441 13.31 16.63 -22.88
CA GLN B 441 12.54 15.40 -22.76
C GLN B 441 12.35 15.06 -21.28
N PHE B 442 11.28 14.32 -20.99
CA PHE B 442 10.92 13.99 -19.61
C PHE B 442 12.04 13.30 -18.85
N HIS B 443 12.12 13.57 -17.55
CA HIS B 443 13.09 12.92 -16.67
C HIS B 443 12.88 11.42 -16.67
N THR B 444 11.62 11.01 -16.77
CA THR B 444 11.27 9.60 -16.90
C THR B 444 10.03 9.48 -17.77
N GLY B 445 10.24 9.20 -19.05
CA GLY B 445 9.15 9.05 -19.98
C GLY B 445 8.65 7.62 -20.08
N ILE B 446 7.36 7.46 -20.30
CA ILE B 446 6.77 6.13 -20.43
C ILE B 446 6.49 5.79 -21.90
N GLU B 447 6.98 4.63 -22.33
CA GLU B 447 6.67 4.15 -23.67
C GLU B 447 5.27 3.54 -23.70
N ILE B 448 4.29 4.32 -24.13
CA ILE B 448 2.92 3.82 -24.23
C ILE B 448 2.78 2.91 -25.45
N LYS B 449 2.43 1.65 -25.20
CA LYS B 449 2.33 0.66 -26.26
C LYS B 449 0.89 0.20 -26.48
N VAL B 450 0.13 0.15 -25.39
CA VAL B 450 -1.26 -0.29 -25.46
C VAL B 450 -2.21 0.75 -24.87
N TRP B 451 -3.11 1.27 -25.71
CA TRP B 451 -4.05 2.30 -25.27
C TRP B 451 -5.31 2.30 -26.13
N ALA B 452 -6.40 2.84 -25.59
CA ALA B 452 -7.69 2.80 -26.26
C ALA B 452 -8.29 4.20 -26.44
N ILE B 453 -9.31 4.28 -27.30
CA ILE B 453 -10.02 5.53 -27.54
C ILE B 453 -11.53 5.30 -27.52
N ALA B 454 -12.24 6.04 -26.68
CA ALA B 454 -13.69 5.93 -26.59
C ALA B 454 -14.36 7.30 -26.73
N CYS B 455 -14.75 7.64 -27.95
CA CYS B 455 -15.38 8.93 -28.22
C CYS B 455 -16.87 8.92 -27.88
N PHE B 456 -17.26 9.83 -26.99
CA PHE B 456 -18.66 9.93 -26.58
C PHE B 456 -19.37 11.06 -27.33
N ALA B 457 -18.62 11.78 -28.15
CA ALA B 457 -19.19 12.81 -29.00
C ALA B 457 -19.82 12.18 -30.24
N PRO B 458 -20.84 12.83 -30.80
CA PRO B 458 -21.48 12.31 -32.02
C PRO B 458 -20.51 12.28 -33.21
N GLN B 459 -20.51 11.18 -33.94
CA GLN B 459 -19.61 11.01 -35.09
C GLN B 459 -19.93 12.02 -36.19
N ARG B 460 -21.17 12.51 -36.19
CA ARG B 460 -21.61 13.50 -37.17
C ARG B 460 -20.77 14.77 -37.10
N GLN B 461 -20.39 15.16 -35.89
CA GLN B 461 -19.57 16.35 -35.71
C GLN B 461 -18.13 16.00 -35.32
N CYS B 462 -17.88 14.71 -35.11
CA CYS B 462 -16.55 14.22 -34.79
C CYS B 462 -16.23 12.97 -35.60
N THR B 463 -15.76 13.17 -36.83
CA THR B 463 -15.49 12.06 -37.74
C THR B 463 -14.27 11.26 -37.31
N GLU B 464 -14.04 10.14 -38.00
CA GLU B 464 -12.87 9.30 -37.75
C GLU B 464 -11.61 9.99 -38.23
N VAL B 465 -11.79 10.92 -39.16
CA VAL B 465 -10.69 11.73 -39.66
C VAL B 465 -10.10 12.59 -38.54
N HIS B 466 -10.99 13.13 -37.71
CA HIS B 466 -10.57 13.93 -36.56
C HIS B 466 -9.76 13.09 -35.58
N LEU B 467 -10.24 11.89 -35.29
CA LEU B 467 -9.59 11.00 -34.34
C LEU B 467 -8.22 10.54 -34.84
N LYS B 468 -8.11 10.32 -36.14
CA LYS B 468 -6.86 9.88 -36.74
C LYS B 468 -5.85 11.04 -36.77
N SER B 469 -6.34 12.22 -37.13
CA SER B 469 -5.50 13.42 -37.16
C SER B 469 -5.02 13.77 -35.76
N PHE B 470 -5.94 13.69 -34.79
CA PHE B 470 -5.62 13.93 -33.39
C PHE B 470 -4.59 12.94 -32.90
N THR B 471 -4.70 11.70 -33.35
CA THR B 471 -3.79 10.63 -32.96
C THR B 471 -2.39 10.88 -33.54
N GLU B 472 -2.34 11.27 -34.80
CA GLU B 472 -1.08 11.59 -35.47
C GLU B 472 -0.32 12.67 -34.71
N GLN B 473 -0.99 13.79 -34.47
CA GLN B 473 -0.39 14.94 -33.80
C GLN B 473 0.04 14.60 -32.38
N LEU B 474 -0.77 13.82 -31.67
CA LEU B 474 -0.46 13.45 -30.30
C LEU B 474 0.77 12.55 -30.25
N ARG B 475 0.85 11.60 -31.18
CA ARG B 475 2.01 10.71 -31.25
C ARG B 475 3.29 11.49 -31.54
N LYS B 476 3.17 12.49 -32.40
CA LYS B 476 4.28 13.36 -32.75
C LYS B 476 4.80 14.09 -31.52
N ILE B 477 3.91 14.81 -30.84
CA ILE B 477 4.26 15.57 -29.65
C ILE B 477 4.78 14.66 -28.54
N SER B 478 4.15 13.49 -28.40
CA SER B 478 4.55 12.52 -27.38
C SER B 478 5.96 12.03 -27.61
N ARG B 479 6.28 11.72 -28.85
CA ARG B 479 7.61 11.22 -29.21
C ARG B 479 8.66 12.30 -28.98
N ASP B 480 8.30 13.54 -29.26
CA ASP B 480 9.19 14.68 -29.05
C ASP B 480 9.37 14.98 -27.57
N ALA B 481 8.31 14.75 -26.79
CA ALA B 481 8.31 15.07 -25.37
C ALA B 481 9.11 14.07 -24.54
N GLY B 482 9.28 12.87 -25.08
CA GLY B 482 10.06 11.85 -24.39
C GLY B 482 9.25 10.62 -23.99
N MET B 483 7.94 10.68 -24.19
CA MET B 483 7.07 9.53 -23.94
C MET B 483 6.41 9.08 -25.25
N PRO B 484 7.15 8.34 -26.08
CA PRO B 484 6.69 7.99 -27.43
C PRO B 484 5.52 7.02 -27.45
N ILE B 485 4.52 7.33 -28.27
CA ILE B 485 3.42 6.39 -28.52
C ILE B 485 3.88 5.39 -29.58
N GLN B 486 4.05 4.14 -29.16
CA GLN B 486 4.69 3.13 -30.00
C GLN B 486 3.82 2.66 -31.17
N GLY B 487 2.56 3.07 -31.19
CA GLY B 487 1.68 2.67 -32.28
C GLY B 487 0.24 3.13 -32.16
N GLN B 488 -0.57 2.71 -33.13
CA GLN B 488 -1.99 3.04 -33.17
C GLN B 488 -2.75 2.50 -31.96
N PRO B 489 -3.90 3.10 -31.62
CA PRO B 489 -4.69 2.60 -30.50
C PRO B 489 -5.24 1.20 -30.78
N CYS B 490 -5.27 0.36 -29.75
CA CYS B 490 -5.77 -1.00 -29.90
C CYS B 490 -7.29 -1.04 -29.89
N PHE B 491 -7.91 0.11 -29.67
CA PHE B 491 -9.36 0.21 -29.59
C PHE B 491 -9.83 1.61 -29.95
N CYS B 492 -10.93 1.69 -30.69
CA CYS B 492 -11.51 2.98 -31.08
C CYS B 492 -12.96 2.82 -31.50
N LYS B 493 -13.88 3.13 -30.59
CA LYS B 493 -15.30 3.01 -30.86
C LYS B 493 -16.10 4.15 -30.24
N TYR B 494 -17.17 4.55 -30.91
CA TYR B 494 -18.05 5.61 -30.42
C TYR B 494 -19.01 5.09 -29.37
N ALA B 495 -19.60 6.00 -28.60
CA ALA B 495 -20.58 5.66 -27.58
C ALA B 495 -21.39 6.89 -27.19
N GLN B 496 -22.36 6.70 -26.30
CA GLN B 496 -23.17 7.81 -25.80
C GLN B 496 -23.88 7.42 -24.51
N GLY B 497 -24.12 8.41 -23.65
CA GLY B 497 -24.76 8.16 -22.37
C GLY B 497 -23.79 7.65 -21.33
N ALA B 498 -24.03 8.04 -20.07
CA ALA B 498 -23.16 7.64 -18.97
C ALA B 498 -23.32 6.17 -18.65
N ASP B 499 -24.47 5.60 -19.01
CA ASP B 499 -24.76 4.21 -18.72
C ASP B 499 -23.89 3.26 -19.54
N SER B 500 -23.23 3.79 -20.57
CA SER B 500 -22.37 3.01 -21.42
C SER B 500 -20.95 2.93 -20.88
N VAL B 501 -20.62 3.81 -19.95
CA VAL B 501 -19.27 3.92 -19.43
C VAL B 501 -18.82 2.68 -18.67
N GLU B 502 -19.53 2.36 -17.59
CA GLU B 502 -19.15 1.23 -16.75
C GLU B 502 -19.02 -0.11 -17.50
N PRO B 503 -20.02 -0.47 -18.34
CA PRO B 503 -19.85 -1.76 -19.04
C PRO B 503 -18.67 -1.76 -20.03
N MET B 504 -18.50 -0.67 -20.76
CA MET B 504 -17.45 -0.56 -21.77
C MET B 504 -16.07 -0.72 -21.16
N PHE B 505 -15.85 -0.06 -20.02
CA PHE B 505 -14.57 -0.10 -19.33
C PHE B 505 -14.26 -1.50 -18.80
N ARG B 506 -15.30 -2.24 -18.40
CA ARG B 506 -15.13 -3.63 -18.01
C ARG B 506 -14.58 -4.44 -19.18
N HIS B 507 -15.21 -4.26 -20.35
CA HIS B 507 -14.80 -4.91 -21.58
C HIS B 507 -13.37 -4.52 -21.97
N LEU B 508 -13.05 -3.24 -21.80
CA LEU B 508 -11.72 -2.74 -22.11
C LEU B 508 -10.67 -3.30 -21.16
N LYS B 509 -11.06 -3.50 -19.90
CA LYS B 509 -10.15 -4.03 -18.89
C LYS B 509 -9.91 -5.52 -19.10
N ASN B 510 -10.88 -6.20 -19.69
CA ASN B 510 -10.80 -7.65 -19.85
C ASN B 510 -10.23 -8.09 -21.20
N THR B 511 -10.21 -7.17 -22.17
CA THR B 511 -9.80 -7.52 -23.53
C THR B 511 -8.29 -7.41 -23.72
N TYR B 512 -7.74 -6.23 -23.47
CA TYR B 512 -6.33 -5.96 -23.72
C TYR B 512 -5.49 -6.12 -22.45
N ALA B 513 -4.53 -7.03 -22.50
CA ALA B 513 -3.71 -7.36 -21.33
C ALA B 513 -2.69 -6.27 -21.04
N GLY B 514 -2.89 -5.54 -19.95
CA GLY B 514 -1.95 -4.54 -19.49
C GLY B 514 -1.92 -3.25 -20.30
N LEU B 515 -3.11 -2.72 -20.59
CA LEU B 515 -3.20 -1.42 -21.25
C LEU B 515 -2.82 -0.33 -20.25
N GLN B 516 -2.30 0.78 -20.75
CA GLN B 516 -1.76 1.82 -19.88
C GLN B 516 -2.64 3.07 -19.83
N LEU B 517 -3.38 3.33 -20.91
CA LEU B 517 -4.14 4.56 -21.01
C LEU B 517 -5.45 4.40 -21.76
N VAL B 518 -6.48 5.12 -21.32
CA VAL B 518 -7.75 5.19 -22.03
C VAL B 518 -8.13 6.65 -22.26
N VAL B 519 -8.14 7.07 -23.52
CA VAL B 519 -8.48 8.43 -23.88
C VAL B 519 -9.98 8.56 -24.17
N VAL B 520 -10.64 9.44 -23.42
CA VAL B 520 -12.08 9.61 -23.53
C VAL B 520 -12.46 10.97 -24.10
N ILE B 521 -12.92 11.00 -25.35
CA ILE B 521 -13.34 12.24 -25.98
C ILE B 521 -14.74 12.63 -25.53
N LEU B 522 -14.87 13.83 -25.01
CA LEU B 522 -16.15 14.31 -24.47
C LEU B 522 -16.69 15.49 -25.29
N PRO B 523 -18.02 15.54 -25.47
CA PRO B 523 -18.67 16.61 -26.23
C PRO B 523 -18.95 17.86 -25.38
N GLY B 524 -18.14 18.07 -24.34
CA GLY B 524 -18.33 19.22 -23.48
C GLY B 524 -18.76 18.81 -22.08
N LYS B 525 -19.50 19.70 -21.42
CA LYS B 525 -20.00 19.43 -20.07
C LYS B 525 -21.01 18.29 -20.11
N THR B 526 -20.68 17.20 -19.42
CA THR B 526 -21.52 16.01 -19.43
C THR B 526 -21.31 15.15 -18.19
N PRO B 527 -22.37 14.48 -17.72
CA PRO B 527 -22.28 13.53 -16.60
C PRO B 527 -21.42 12.31 -16.96
N VAL B 528 -21.11 12.16 -18.23
CA VAL B 528 -20.23 11.09 -18.69
C VAL B 528 -18.86 11.19 -18.01
N TYR B 529 -18.35 12.41 -17.93
CA TYR B 529 -17.06 12.67 -17.30
C TYR B 529 -16.99 12.16 -15.87
N ALA B 530 -17.98 12.55 -15.07
CA ALA B 530 -18.04 12.15 -13.68
C ALA B 530 -18.14 10.63 -13.54
N GLU B 531 -18.87 10.02 -14.47
CA GLU B 531 -19.02 8.58 -14.48
C GLU B 531 -17.73 7.89 -14.91
N VAL B 532 -17.06 8.48 -15.91
CA VAL B 532 -15.77 7.97 -16.37
C VAL B 532 -14.75 8.00 -15.24
N LYS B 533 -14.70 9.11 -14.52
CA LYS B 533 -13.78 9.27 -13.41
C LYS B 533 -14.15 8.35 -12.24
N ARG B 534 -15.44 8.13 -12.04
CA ARG B 534 -15.89 7.26 -10.98
C ARG B 534 -15.48 5.81 -11.25
N VAL B 535 -15.81 5.33 -12.44
CA VAL B 535 -15.46 3.97 -12.84
C VAL B 535 -13.95 3.80 -12.96
N GLY B 536 -13.30 4.83 -13.52
CA GLY B 536 -11.87 4.77 -13.77
C GLY B 536 -11.00 4.82 -12.53
N ASP B 537 -11.20 5.82 -11.68
CA ASP B 537 -10.34 6.04 -10.53
C ASP B 537 -10.66 5.12 -9.36
N THR B 538 -11.95 4.86 -9.14
CA THR B 538 -12.38 4.11 -7.95
C THR B 538 -12.71 2.65 -8.24
N VAL B 539 -13.63 2.43 -9.18
CA VAL B 539 -14.17 1.09 -9.42
C VAL B 539 -13.14 0.11 -9.98
N LEU B 540 -12.60 0.41 -11.16
CA LEU B 540 -11.74 -0.52 -11.85
C LEU B 540 -10.25 -0.24 -11.67
N GLY B 541 -9.90 1.03 -11.53
CA GLY B 541 -8.51 1.42 -11.37
C GLY B 541 -7.79 1.56 -12.70
N MET B 542 -8.48 2.12 -13.68
CA MET B 542 -7.92 2.31 -15.01
C MET B 542 -7.50 3.77 -15.22
N ALA B 543 -6.30 3.96 -15.75
CA ALA B 543 -5.80 5.30 -16.04
C ALA B 543 -6.62 5.94 -17.16
N THR B 544 -7.30 7.04 -16.83
CA THR B 544 -8.15 7.71 -17.80
C THR B 544 -7.66 9.13 -18.09
N GLN B 545 -7.88 9.58 -19.32
CA GLN B 545 -7.55 10.93 -19.72
C GLN B 545 -8.60 11.49 -20.67
N CYS B 546 -9.41 12.42 -20.18
CA CYS B 546 -10.49 12.98 -20.98
C CYS B 546 -10.02 14.18 -21.80
N VAL B 547 -10.53 14.26 -23.03
CA VAL B 547 -10.21 15.39 -23.92
C VAL B 547 -11.50 15.95 -24.50
N GLN B 548 -11.64 17.28 -24.45
CA GLN B 548 -12.84 17.93 -24.98
C GLN B 548 -12.87 17.81 -26.50
N MET B 549 -14.07 17.83 -27.06
CA MET B 549 -14.30 17.61 -28.49
C MET B 549 -13.55 18.59 -29.40
N LYS B 550 -13.59 19.87 -29.06
CA LYS B 550 -12.98 20.90 -29.90
C LYS B 550 -11.46 20.78 -29.96
N ASN B 551 -10.87 20.21 -28.92
CA ASN B 551 -9.43 19.99 -28.88
C ASN B 551 -9.02 18.79 -29.71
N VAL B 552 -10.00 18.00 -30.12
CA VAL B 552 -9.78 16.85 -30.99
C VAL B 552 -9.99 17.27 -32.44
N GLN B 553 -10.85 18.27 -32.64
CA GLN B 553 -11.12 18.81 -33.97
C GLN B 553 -9.95 19.66 -34.46
N ARG B 554 -9.66 20.73 -33.72
CA ARG B 554 -8.50 21.57 -34.02
C ARG B 554 -7.43 21.38 -32.94
N THR B 555 -6.26 20.92 -33.35
CA THR B 555 -5.20 20.58 -32.41
C THR B 555 -4.01 21.53 -32.49
N THR B 556 -3.64 22.11 -31.36
CA THR B 556 -2.45 22.93 -31.26
C THR B 556 -1.37 22.16 -30.51
N PRO B 557 -0.09 22.37 -30.87
CA PRO B 557 1.00 21.64 -30.24
C PRO B 557 1.12 21.92 -28.74
N GLN B 558 0.68 23.10 -28.33
CA GLN B 558 0.72 23.49 -26.93
C GLN B 558 -0.25 22.67 -26.09
N THR B 559 -1.48 22.54 -26.58
CA THR B 559 -2.52 21.77 -25.90
C THR B 559 -2.10 20.32 -25.73
N LEU B 560 -1.57 19.74 -26.81
CA LEU B 560 -1.09 18.36 -26.78
C LEU B 560 0.10 18.20 -25.83
N SER B 561 0.89 19.26 -25.71
CA SER B 561 2.05 19.25 -24.83
C SER B 561 1.61 19.17 -23.36
N ASN B 562 0.66 20.02 -23.00
CA ASN B 562 0.10 19.99 -21.65
C ASN B 562 -0.62 18.67 -21.38
N LEU B 563 -1.20 18.11 -22.43
CA LEU B 563 -1.91 16.85 -22.34
C LEU B 563 -0.93 15.71 -22.05
N CYS B 564 0.21 15.72 -22.74
CA CYS B 564 1.25 14.74 -22.52
C CYS B 564 1.86 14.90 -21.13
N LEU B 565 1.88 16.13 -20.63
CA LEU B 565 2.35 16.41 -19.27
C LEU B 565 1.49 15.66 -18.26
N LYS B 566 0.17 15.69 -18.49
CA LYS B 566 -0.75 15.00 -17.60
C LYS B 566 -0.62 13.49 -17.71
N ILE B 567 -0.55 12.99 -18.94
CA ILE B 567 -0.49 11.56 -19.21
C ILE B 567 0.73 10.91 -18.56
N ASN B 568 1.90 11.49 -18.82
CA ASN B 568 3.16 10.96 -18.29
C ASN B 568 3.14 10.86 -16.76
N VAL B 569 2.40 11.76 -16.13
CA VAL B 569 2.26 11.74 -14.68
C VAL B 569 1.25 10.67 -14.25
N LYS B 570 0.15 10.58 -14.97
CA LYS B 570 -0.90 9.63 -14.65
C LYS B 570 -0.45 8.17 -14.75
N LEU B 571 0.68 7.95 -15.42
CA LEU B 571 1.19 6.60 -15.62
C LEU B 571 2.35 6.27 -14.67
N GLY B 572 2.57 7.13 -13.68
CA GLY B 572 3.56 6.86 -12.65
C GLY B 572 4.96 7.37 -12.96
N GLY B 573 5.09 8.17 -14.01
CA GLY B 573 6.39 8.68 -14.42
C GLY B 573 6.71 10.05 -13.85
N VAL B 574 7.91 10.52 -14.15
CA VAL B 574 8.37 11.82 -13.65
C VAL B 574 8.70 12.75 -14.81
N ASN B 575 7.91 13.82 -14.95
CA ASN B 575 8.11 14.80 -16.01
C ASN B 575 9.44 15.53 -15.86
N ASN B 576 9.59 16.24 -14.75
CA ASN B 576 10.83 16.93 -14.46
C ASN B 576 11.06 17.10 -12.96
N ILE B 577 12.31 17.28 -12.58
CA ILE B 577 12.66 17.45 -11.17
C ILE B 577 13.47 18.71 -10.95
N LEU B 578 13.43 19.22 -9.72
CA LEU B 578 14.29 20.32 -9.31
C LEU B 578 15.74 19.85 -9.38
N LEU B 579 16.64 20.76 -9.73
CA LEU B 579 18.06 20.45 -9.76
C LEU B 579 18.52 20.07 -8.36
N PRO B 580 18.89 18.79 -8.16
CA PRO B 580 19.18 18.20 -6.85
C PRO B 580 20.22 18.98 -6.04
N GLN B 581 21.31 19.38 -6.69
CA GLN B 581 22.39 20.07 -6.00
C GLN B 581 22.02 21.51 -5.65
N GLY B 582 20.97 22.02 -6.27
CA GLY B 582 20.53 23.39 -6.04
C GLY B 582 19.27 23.48 -5.20
N ARG B 583 19.28 22.82 -4.06
CA ARG B 583 18.13 22.81 -3.16
C ARG B 583 18.53 23.25 -1.75
N PRO B 584 17.57 23.80 -0.99
CA PRO B 584 17.84 24.17 0.41
C PRO B 584 18.30 22.98 1.24
N PRO B 585 19.14 23.23 2.25
CA PRO B 585 19.75 22.20 3.10
C PRO B 585 18.75 21.31 3.83
N VAL B 586 17.46 21.63 3.76
CA VAL B 586 16.43 20.82 4.39
C VAL B 586 16.38 19.42 3.76
N PHE B 587 16.82 19.33 2.50
CA PHE B 587 16.80 18.07 1.77
C PHE B 587 17.96 17.14 2.14
N GLN B 588 18.86 17.62 2.99
CA GLN B 588 20.00 16.81 3.41
C GLN B 588 19.54 15.66 4.32
N GLN B 589 18.36 15.82 4.90
CA GLN B 589 17.74 14.77 5.72
C GLN B 589 16.38 14.40 5.13
N PRO B 590 15.93 13.16 5.37
CA PRO B 590 14.61 12.71 4.90
C PRO B 590 13.48 13.63 5.33
N VAL B 591 12.81 14.23 4.36
CA VAL B 591 11.74 15.19 4.65
C VAL B 591 10.52 14.93 3.74
N ILE B 592 9.33 14.98 4.34
CA ILE B 592 8.10 14.75 3.60
C ILE B 592 7.29 16.05 3.48
N PHE B 593 6.69 16.27 2.32
CA PHE B 593 5.88 17.46 2.09
C PHE B 593 4.40 17.11 2.02
N LEU B 594 3.58 17.81 2.80
CA LEU B 594 2.15 17.53 2.86
C LEU B 594 1.31 18.72 2.40
N GLY B 595 0.25 18.44 1.65
CA GLY B 595 -0.68 19.45 1.23
C GLY B 595 -2.09 19.09 1.62
N ALA B 596 -2.85 20.05 2.13
CA ALA B 596 -4.20 19.78 2.62
C ALA B 596 -5.21 20.84 2.20
N ASP B 597 -6.39 20.39 1.81
CA ASP B 597 -7.49 21.28 1.44
C ASP B 597 -8.82 20.62 1.77
N VAL B 598 -9.87 21.42 1.94
CA VAL B 598 -11.19 20.90 2.25
C VAL B 598 -12.23 21.47 1.29
N THR B 599 -13.19 20.64 0.90
CA THR B 599 -14.25 21.05 -0.02
C THR B 599 -15.63 20.91 0.62
N HIS B 600 -16.48 21.91 0.41
CA HIS B 600 -17.81 21.93 1.03
C HIS B 600 -18.93 21.89 -0.01
N PRO B 601 -20.09 21.32 0.38
CA PRO B 601 -21.29 21.26 -0.48
C PRO B 601 -21.85 22.64 -0.82
N PRO B 602 -22.67 22.72 -1.88
CA PRO B 602 -23.32 23.99 -2.25
C PRO B 602 -24.21 24.54 -1.15
N LYS B 608 -25.53 17.36 2.59
CA LYS B 608 -24.38 16.65 2.04
C LYS B 608 -23.13 16.89 2.87
N PRO B 609 -22.21 15.91 2.89
CA PRO B 609 -21.00 16.00 3.71
C PRO B 609 -19.85 16.74 3.03
N SER B 610 -18.85 17.12 3.82
CA SER B 610 -17.65 17.77 3.30
C SER B 610 -16.57 16.73 2.99
N ILE B 611 -15.56 17.15 2.23
CA ILE B 611 -14.49 16.24 1.83
C ILE B 611 -13.12 16.85 2.11
N ALA B 612 -12.30 16.12 2.85
CA ALA B 612 -10.95 16.57 3.17
C ALA B 612 -9.91 15.78 2.37
N ALA B 613 -8.92 16.48 1.83
CA ALA B 613 -7.90 15.85 1.01
C ALA B 613 -6.49 16.20 1.51
N VAL B 614 -5.67 15.17 1.71
CA VAL B 614 -4.30 15.38 2.17
C VAL B 614 -3.33 14.55 1.33
N VAL B 615 -2.42 15.25 0.64
CA VAL B 615 -1.44 14.58 -0.21
C VAL B 615 -0.06 14.60 0.44
N GLY B 616 0.84 13.77 -0.09
CA GLY B 616 2.19 13.67 0.46
C GLY B 616 3.23 13.26 -0.56
N SER B 617 4.40 13.90 -0.50
CA SER B 617 5.50 13.58 -1.40
C SER B 617 6.01 12.16 -1.16
N MET B 618 6.50 11.52 -2.22
CA MET B 618 6.92 10.13 -2.12
C MET B 618 8.34 9.92 -2.63
N ASP B 619 9.06 11.01 -2.85
CA ASP B 619 10.48 10.94 -3.21
C ASP B 619 11.22 12.20 -2.74
N ALA B 620 12.52 12.24 -3.00
CA ALA B 620 13.35 13.34 -2.53
C ALA B 620 13.59 14.38 -3.62
N HIS B 621 12.80 14.34 -4.68
CA HIS B 621 12.98 15.26 -5.79
C HIS B 621 12.53 16.69 -5.47
N PRO B 622 11.30 16.88 -4.94
CA PRO B 622 10.15 16.00 -4.71
C PRO B 622 9.09 16.14 -5.81
N ASN B 623 8.88 15.09 -6.59
CA ASN B 623 7.96 15.16 -7.73
C ASN B 623 6.72 14.30 -7.55
N ARG B 624 6.90 13.07 -7.06
CA ARG B 624 5.81 12.12 -6.96
C ARG B 624 5.02 12.30 -5.67
N TYR B 625 3.69 12.30 -5.79
CA TYR B 625 2.80 12.49 -4.65
C TYR B 625 1.72 11.41 -4.60
N CYS B 626 1.34 11.02 -3.39
CA CYS B 626 0.21 10.11 -3.21
C CYS B 626 -0.94 10.82 -2.50
N ALA B 627 -2.16 10.46 -2.83
CA ALA B 627 -3.32 11.17 -2.34
C ALA B 627 -4.15 10.35 -1.35
N THR B 628 -4.52 10.99 -0.24
CA THR B 628 -5.46 10.41 0.71
C THR B 628 -6.68 11.32 0.82
N VAL B 629 -7.86 10.73 0.77
CA VAL B 629 -9.09 11.51 0.78
C VAL B 629 -10.11 10.92 1.74
N ARG B 630 -10.73 11.78 2.54
CA ARG B 630 -11.75 11.36 3.49
C ARG B 630 -13.03 12.18 3.34
N VAL B 631 -14.14 11.62 3.83
CA VAL B 631 -15.40 12.36 3.90
C VAL B 631 -15.65 12.70 5.36
N GLN B 632 -16.21 13.88 5.62
CA GLN B 632 -16.42 14.30 7.00
C GLN B 632 -17.66 15.16 7.20
N GLN B 633 -17.79 15.69 8.41
CA GLN B 633 -18.96 16.46 8.84
C GLN B 633 -19.27 17.65 7.92
N HIS B 634 -20.54 18.03 7.89
CA HIS B 634 -21.02 19.10 7.02
C HIS B 634 -20.33 20.44 7.31
N ARG B 635 -19.58 20.92 6.32
CA ARG B 635 -18.90 22.22 6.39
C ARG B 635 -17.96 22.34 7.58
N GLN B 636 -17.29 21.25 7.93
CA GLN B 636 -16.26 21.29 8.96
C GLN B 636 -14.89 21.49 8.32
N GLU B 637 -14.31 22.66 8.49
CA GLU B 637 -13.04 22.99 7.86
C GLU B 637 -11.88 22.25 8.51
N ILE B 638 -12.00 21.98 9.80
CA ILE B 638 -10.98 21.23 10.52
C ILE B 638 -10.96 19.79 10.06
N ILE B 639 -9.84 19.36 9.48
CA ILE B 639 -9.70 17.99 8.99
C ILE B 639 -9.73 17.01 10.16
N GLN B 640 -10.85 16.31 10.30
CA GLN B 640 -11.09 15.44 11.44
C GLN B 640 -10.14 14.24 11.48
N ASP B 641 -10.22 13.39 10.46
CA ASP B 641 -9.47 12.14 10.44
C ASP B 641 -8.04 12.33 9.91
N LEU B 642 -7.53 13.55 10.04
CA LEU B 642 -6.21 13.91 9.53
C LEU B 642 -5.10 12.98 10.01
N ALA B 643 -5.18 12.58 11.28
CA ALA B 643 -4.17 11.71 11.88
C ALA B 643 -3.99 10.42 11.10
N ALA B 644 -5.10 9.75 10.79
CA ALA B 644 -5.05 8.51 10.04
C ALA B 644 -4.49 8.72 8.64
N MET B 645 -4.87 9.82 8.01
CA MET B 645 -4.42 10.15 6.66
C MET B 645 -2.90 10.38 6.62
N VAL B 646 -2.39 11.06 7.63
CA VAL B 646 -0.95 11.32 7.75
C VAL B 646 -0.20 9.99 7.94
N ARG B 647 -0.78 9.09 8.71
CA ARG B 647 -0.21 7.77 8.94
C ARG B 647 -0.02 7.01 7.63
N GLU B 648 -1.07 7.00 6.80
CA GLU B 648 -1.02 6.34 5.50
C GLU B 648 0.12 6.89 4.62
N LEU B 649 0.18 8.22 4.53
CA LEU B 649 1.21 8.89 3.75
C LEU B 649 2.60 8.61 4.28
N LEU B 650 2.74 8.64 5.61
CA LEU B 650 4.01 8.34 6.26
C LEU B 650 4.47 6.93 5.94
N ILE B 651 3.54 5.98 6.03
CA ILE B 651 3.82 4.58 5.69
C ILE B 651 4.20 4.46 4.22
N GLN B 652 3.42 5.10 3.35
CA GLN B 652 3.67 5.07 1.91
C GLN B 652 4.99 5.73 1.58
N PHE B 653 5.34 6.77 2.33
CA PHE B 653 6.62 7.46 2.17
C PHE B 653 7.78 6.51 2.42
N TYR B 654 7.67 5.72 3.48
CA TYR B 654 8.72 4.79 3.87
C TYR B 654 8.83 3.64 2.86
N LYS B 655 7.70 3.29 2.25
CA LYS B 655 7.68 2.24 1.23
C LYS B 655 8.36 2.69 -0.05
N SER B 656 8.29 3.99 -0.33
CA SER B 656 8.77 4.53 -1.58
C SER B 656 10.20 5.07 -1.49
N THR B 657 10.65 5.37 -0.28
CA THR B 657 11.95 6.00 -0.10
C THR B 657 12.90 5.18 0.77
N ARG B 658 12.33 4.27 1.57
CA ARG B 658 13.08 3.50 2.56
C ARG B 658 13.79 4.43 3.55
N PHE B 659 13.19 5.59 3.78
CA PHE B 659 13.69 6.55 4.75
C PHE B 659 12.56 7.02 5.66
N LYS B 660 12.89 7.32 6.91
CA LYS B 660 11.91 7.85 7.84
C LYS B 660 12.09 9.36 7.97
N PRO B 661 11.02 10.12 7.65
CA PRO B 661 11.02 11.59 7.62
C PRO B 661 11.50 12.22 8.92
N THR B 662 12.61 12.95 8.86
CA THR B 662 13.11 13.67 10.02
C THR B 662 12.36 14.99 10.17
N ARG B 663 11.72 15.42 9.10
CA ARG B 663 10.97 16.67 9.09
C ARG B 663 9.64 16.51 8.35
N ILE B 664 8.63 17.26 8.79
CA ILE B 664 7.33 17.26 8.12
C ILE B 664 6.90 18.67 7.76
N ILE B 665 6.80 18.93 6.47
CA ILE B 665 6.38 20.25 5.99
C ILE B 665 4.92 20.21 5.56
N PHE B 666 4.06 20.86 6.34
CA PHE B 666 2.62 20.79 6.14
C PHE B 666 2.06 22.09 5.56
N TYR B 667 1.70 22.06 4.29
CA TYR B 667 1.08 23.21 3.64
C TYR B 667 -0.45 23.13 3.70
N ARG B 668 -1.04 23.86 4.64
CA ARG B 668 -2.48 23.84 4.84
C ARG B 668 -3.17 24.92 4.02
N ALA B 669 -4.18 24.52 3.25
CA ALA B 669 -4.92 25.46 2.42
C ALA B 669 -6.41 25.44 2.76
N GLY B 670 -7.02 26.62 2.77
CA GLY B 670 -8.45 26.72 3.03
C GLY B 670 -8.79 27.30 4.39
N VAL B 671 -7.78 27.82 5.07
CA VAL B 671 -7.98 28.37 6.41
C VAL B 671 -7.77 29.88 6.46
N SER B 672 -8.74 30.59 7.03
CA SER B 672 -8.61 32.02 7.23
C SER B 672 -8.04 32.32 8.60
N GLU B 673 -7.78 33.60 8.89
CA GLU B 673 -7.15 34.02 10.13
C GLU B 673 -7.94 33.62 11.37
N GLY B 674 -9.26 33.81 11.31
CA GLY B 674 -10.12 33.54 12.45
C GLY B 674 -10.21 32.07 12.82
N GLN B 675 -9.68 31.21 11.95
CA GLN B 675 -9.73 29.77 12.18
C GLN B 675 -8.37 29.21 12.59
N PHE B 676 -7.34 30.03 12.51
CA PHE B 676 -5.97 29.61 12.76
C PHE B 676 -5.78 28.87 14.09
N GLN B 677 -6.02 29.56 15.20
CA GLN B 677 -5.82 29.00 16.53
C GLN B 677 -6.63 27.72 16.74
N GLN B 678 -7.79 27.66 16.10
CA GLN B 678 -8.65 26.48 16.18
C GLN B 678 -8.06 25.32 15.38
N VAL B 679 -7.77 25.59 14.11
CA VAL B 679 -7.21 24.59 13.20
C VAL B 679 -5.83 24.12 13.66
N LEU B 680 -4.98 25.08 14.04
CA LEU B 680 -3.64 24.77 14.51
C LEU B 680 -3.67 23.89 15.77
N HIS B 681 -4.73 24.04 16.56
CA HIS B 681 -4.84 23.29 17.81
C HIS B 681 -5.04 21.80 17.55
N HIS B 682 -5.99 21.46 16.69
CA HIS B 682 -6.31 20.06 16.44
C HIS B 682 -5.37 19.41 15.42
N GLU B 683 -5.24 20.03 14.25
CA GLU B 683 -4.51 19.44 13.13
C GLU B 683 -3.04 19.20 13.45
N LEU B 684 -2.42 20.10 14.23
CA LEU B 684 -1.04 19.92 14.63
C LEU B 684 -0.90 18.72 15.54
N LEU B 685 -1.84 18.58 16.47
CA LEU B 685 -1.89 17.42 17.36
C LEU B 685 -2.13 16.16 16.55
N ALA B 686 -3.05 16.24 15.59
CA ALA B 686 -3.38 15.12 14.72
C ALA B 686 -2.15 14.63 13.96
N ILE B 687 -1.32 15.56 13.52
CA ILE B 687 -0.06 15.21 12.85
C ILE B 687 0.88 14.53 13.83
N ARG B 688 1.08 15.14 14.99
CA ARG B 688 1.96 14.59 16.02
C ARG B 688 1.43 13.25 16.52
N GLU B 689 0.12 13.15 16.69
CA GLU B 689 -0.53 11.92 17.13
C GLU B 689 -0.22 10.78 16.17
N ALA B 690 -0.25 11.08 14.88
CA ALA B 690 0.02 10.10 13.84
C ALA B 690 1.47 9.61 13.90
N CYS B 691 2.35 10.46 14.42
CA CYS B 691 3.77 10.13 14.53
C CYS B 691 4.06 9.28 15.77
N ILE B 692 3.16 9.33 16.75
CA ILE B 692 3.35 8.59 17.99
C ILE B 692 2.74 7.19 17.90
N LYS B 693 1.51 7.11 17.42
CA LYS B 693 0.82 5.83 17.29
C LYS B 693 1.47 4.94 16.23
N LEU B 694 2.26 5.57 15.36
CA LEU B 694 2.99 4.84 14.33
C LEU B 694 4.20 4.13 14.94
N GLU B 695 5.22 4.91 15.29
CA GLU B 695 6.42 4.36 15.91
C GLU B 695 6.68 5.04 17.27
N LYS B 696 7.12 4.24 18.23
CA LYS B 696 7.40 4.75 19.57
C LYS B 696 8.56 5.74 19.57
N ASP B 697 8.31 6.92 20.14
CA ASP B 697 9.31 7.99 20.25
C ASP B 697 9.88 8.41 18.90
N TYR B 698 9.04 8.40 17.87
CA TYR B 698 9.40 8.97 16.58
C TYR B 698 8.76 10.34 16.45
N GLN B 699 9.55 11.38 16.65
CA GLN B 699 9.02 12.75 16.62
C GLN B 699 9.83 13.66 15.70
N PRO B 700 9.41 13.76 14.43
CA PRO B 700 10.02 14.69 13.47
C PRO B 700 9.50 16.11 13.66
N GLY B 701 10.26 17.08 13.18
CA GLY B 701 9.85 18.47 13.30
C GLY B 701 8.70 18.82 12.36
N ILE B 702 7.62 19.34 12.93
CA ILE B 702 6.47 19.75 12.13
C ILE B 702 6.53 21.23 11.80
N THR B 703 6.33 21.55 10.52
CA THR B 703 6.28 22.95 10.09
C THR B 703 4.91 23.25 9.50
N PHE B 704 4.00 23.74 10.35
CA PHE B 704 2.63 24.01 9.94
C PHE B 704 2.53 25.37 9.25
N ILE B 705 2.26 25.36 7.95
CA ILE B 705 2.17 26.58 7.17
C ILE B 705 0.79 26.71 6.52
N VAL B 706 0.22 27.90 6.57
CA VAL B 706 -1.09 28.13 5.96
C VAL B 706 -0.98 29.00 4.70
N VAL B 707 -1.39 28.43 3.57
CA VAL B 707 -1.42 29.15 2.30
C VAL B 707 -2.74 29.89 2.18
N GLN B 708 -2.71 31.11 1.64
CA GLN B 708 -3.90 31.93 1.55
C GLN B 708 -3.90 32.78 0.28
N LYS B 709 -4.89 32.57 -0.58
CA LYS B 709 -5.03 33.35 -1.80
C LYS B 709 -6.12 34.42 -1.63
N ARG B 710 -6.96 34.24 -0.62
CA ARG B 710 -8.08 35.14 -0.38
C ARG B 710 -7.73 36.28 0.56
N HIS B 711 -7.27 37.40 -0.01
CA HIS B 711 -7.01 38.61 0.77
C HIS B 711 -6.93 39.83 -0.14
N HIS B 712 -7.08 41.01 0.46
CA HIS B 712 -7.08 42.25 -0.30
C HIS B 712 -5.72 42.94 -0.24
N THR B 713 -4.66 42.18 -0.51
CA THR B 713 -3.31 42.74 -0.54
C THR B 713 -2.78 42.79 -1.97
N ARG B 714 -2.40 43.99 -2.41
CA ARG B 714 -1.83 44.17 -3.74
C ARG B 714 -0.40 44.67 -3.66
N LEU B 715 0.39 44.39 -4.69
CA LEU B 715 1.76 44.85 -4.75
C LEU B 715 2.09 45.41 -6.14
N PHE B 716 2.70 46.58 -6.18
CA PHE B 716 3.02 47.24 -7.44
C PHE B 716 4.49 47.61 -7.52
N CYS B 717 5.04 47.57 -8.73
CA CYS B 717 6.41 47.97 -8.96
C CYS B 717 6.55 49.50 -8.87
N THR B 718 7.50 49.97 -8.07
CA THR B 718 7.75 51.40 -7.97
C THR B 718 8.41 51.89 -9.25
N ASP B 719 9.44 51.18 -9.70
CA ASP B 719 10.09 51.48 -10.96
C ASP B 719 9.25 50.99 -12.13
N LYS B 720 8.99 51.88 -13.08
CA LYS B 720 8.16 51.56 -14.24
C LYS B 720 8.82 50.50 -15.11
N ASN B 721 10.15 50.45 -15.07
CA ASN B 721 10.91 49.48 -15.84
C ASN B 721 10.82 48.07 -15.25
N GLU B 722 10.36 47.98 -14.01
CA GLU B 722 10.26 46.70 -13.32
C GLU B 722 8.92 46.02 -13.57
N ARG B 723 8.00 46.72 -14.24
CA ARG B 723 6.71 46.14 -14.59
C ARG B 723 6.93 45.02 -15.60
N VAL B 724 6.13 43.96 -15.48
CA VAL B 724 6.30 42.78 -16.34
C VAL B 724 5.07 42.52 -17.19
N GLY B 725 5.27 42.51 -18.51
CA GLY B 725 4.22 42.18 -19.46
C GLY B 725 3.17 43.26 -19.64
N LYS B 726 2.13 42.92 -20.39
CA LYS B 726 1.03 43.82 -20.64
C LYS B 726 0.34 44.24 -19.34
N SER B 727 0.14 43.28 -18.45
CA SER B 727 -0.50 43.54 -17.17
C SER B 727 0.36 44.45 -16.29
N GLY B 728 1.66 44.44 -16.55
CA GLY B 728 2.59 45.27 -15.81
C GLY B 728 2.66 44.92 -14.33
N ASN B 729 2.64 43.62 -14.04
CA ASN B 729 2.69 43.14 -12.67
C ASN B 729 4.10 42.97 -12.14
N ILE B 730 4.20 42.62 -10.86
CA ILE B 730 5.49 42.34 -10.24
C ILE B 730 6.05 41.03 -10.78
N PRO B 731 7.40 40.93 -10.87
CA PRO B 731 8.03 39.73 -11.40
C PRO B 731 7.83 38.51 -10.51
N ALA B 732 7.74 37.34 -11.11
CA ALA B 732 7.53 36.10 -10.38
C ALA B 732 8.70 35.80 -9.46
N GLY B 733 8.41 35.65 -8.16
CA GLY B 733 9.44 35.40 -7.17
C GLY B 733 9.54 36.52 -6.16
N THR B 734 8.68 37.51 -6.30
CA THR B 734 8.65 38.66 -5.41
C THR B 734 8.29 38.26 -3.99
N THR B 735 9.20 38.54 -3.04
CA THR B 735 8.98 38.18 -1.64
C THR B 735 8.93 39.41 -0.76
N VAL B 736 7.94 39.47 0.14
CA VAL B 736 7.79 40.58 1.07
C VAL B 736 7.53 40.10 2.48
N ASP B 737 8.45 40.38 3.39
CA ASP B 737 8.28 40.04 4.80
C ASP B 737 8.56 41.24 5.70
N THR B 738 8.26 42.44 5.19
CA THR B 738 8.49 43.67 5.93
C THR B 738 7.32 44.65 5.75
N LYS B 739 7.35 45.73 6.53
CA LYS B 739 6.39 46.83 6.41
C LYS B 739 4.92 46.40 6.59
N ILE B 740 4.44 45.53 5.70
CA ILE B 740 3.03 45.19 5.66
C ILE B 740 2.71 43.84 6.30
N THR B 741 3.72 43.18 6.85
CA THR B 741 3.54 41.86 7.44
C THR B 741 3.33 41.95 8.95
N HIS B 742 3.07 40.80 9.56
CA HIS B 742 2.77 40.71 10.99
C HIS B 742 3.92 41.21 11.85
N PRO B 743 3.60 41.95 12.92
CA PRO B 743 4.62 42.54 13.81
C PRO B 743 5.52 41.52 14.51
N THR B 744 4.96 40.42 14.99
CA THR B 744 5.72 39.47 15.79
C THR B 744 5.83 38.08 15.17
N GLU B 745 4.77 37.64 14.49
CA GLU B 745 4.70 36.27 14.00
C GLU B 745 5.43 36.06 12.67
N PHE B 746 5.54 34.80 12.28
CA PHE B 746 6.30 34.40 11.09
C PHE B 746 5.41 34.28 9.87
N ASP B 747 5.35 35.33 9.07
CA ASP B 747 4.56 35.32 7.83
C ASP B 747 5.26 36.10 6.72
N PHE B 748 4.88 35.81 5.48
CA PHE B 748 5.47 36.51 4.33
C PHE B 748 4.59 36.38 3.09
N TYR B 749 4.59 37.41 2.26
CA TYR B 749 3.95 37.35 0.95
C TYR B 749 4.92 36.81 -0.09
N LEU B 750 4.42 35.96 -0.98
CA LEU B 750 5.25 35.44 -2.07
C LEU B 750 4.48 35.35 -3.37
N CYS B 751 4.79 36.25 -4.31
CA CYS B 751 4.21 36.17 -5.63
C CYS B 751 5.09 35.28 -6.50
N SER B 752 4.71 34.01 -6.58
CA SER B 752 5.52 33.00 -7.25
C SER B 752 5.15 32.81 -8.72
N HIS B 753 4.17 33.57 -9.19
CA HIS B 753 3.68 33.42 -10.55
C HIS B 753 3.71 34.74 -11.33
N ALA B 754 3.80 34.63 -12.65
CA ALA B 754 3.77 35.81 -13.51
C ALA B 754 2.32 36.18 -13.85
N GLY B 755 1.97 37.45 -13.65
CA GLY B 755 0.63 37.91 -13.91
C GLY B 755 0.28 37.96 -15.38
N ILE B 756 -0.63 37.09 -15.79
CA ILE B 756 -1.07 37.04 -17.18
C ILE B 756 -2.08 38.15 -17.46
N GLN B 757 -3.02 38.34 -16.53
CA GLN B 757 -4.04 39.36 -16.69
C GLN B 757 -4.31 40.09 -15.38
N GLY B 758 -4.70 41.36 -15.48
CA GLY B 758 -5.07 42.15 -14.32
C GLY B 758 -3.92 42.38 -13.36
N THR B 759 -4.19 42.25 -12.06
CA THR B 759 -3.17 42.41 -11.04
C THR B 759 -2.98 41.12 -10.25
N SER B 760 -1.74 40.66 -10.18
CA SER B 760 -1.42 39.41 -9.49
C SER B 760 -1.80 39.46 -8.02
N ARG B 761 -2.29 38.35 -7.50
CA ARG B 761 -2.55 38.22 -6.06
C ARG B 761 -1.44 37.40 -5.41
N PRO B 762 -0.50 38.07 -4.75
CA PRO B 762 0.62 37.39 -4.08
C PRO B 762 0.13 36.49 -2.95
N SER B 763 0.42 35.19 -3.06
CA SER B 763 0.00 34.23 -2.06
C SER B 763 0.63 34.52 -0.71
N HIS B 764 -0.19 34.53 0.33
CA HIS B 764 0.30 34.79 1.68
C HIS B 764 0.56 33.50 2.44
N TYR B 765 1.73 33.39 3.04
CA TYR B 765 2.10 32.20 3.81
C TYR B 765 2.30 32.55 5.27
N HIS B 766 1.51 31.93 6.15
CA HIS B 766 1.57 32.21 7.57
C HIS B 766 2.01 30.97 8.34
N VAL B 767 3.22 31.01 8.87
CA VAL B 767 3.77 29.88 9.62
C VAL B 767 3.18 29.83 11.04
N LEU B 768 2.29 28.87 11.25
CA LEU B 768 1.62 28.74 12.54
C LEU B 768 2.42 27.87 13.52
N TRP B 769 3.33 27.08 12.98
CA TRP B 769 4.18 26.22 13.80
C TRP B 769 5.45 25.80 13.05
N ASP B 770 6.55 25.66 13.78
CA ASP B 770 7.81 25.26 13.19
C ASP B 770 8.76 24.69 14.24
N ASP B 771 8.89 23.36 14.26
CA ASP B 771 9.81 22.71 15.18
C ASP B 771 11.21 22.62 14.58
N ASN B 772 11.30 22.83 13.28
CA ASN B 772 12.56 22.71 12.56
C ASN B 772 13.38 24.00 12.59
N ARG B 773 12.77 25.06 13.11
CA ARG B 773 13.42 26.36 13.25
C ARG B 773 13.99 26.87 11.92
N PHE B 774 13.11 27.06 10.95
CA PHE B 774 13.51 27.57 9.64
C PHE B 774 13.93 29.03 9.71
N SER B 775 14.84 29.41 8.81
CA SER B 775 15.14 30.81 8.60
C SER B 775 14.17 31.37 7.57
N SER B 776 14.08 32.69 7.49
CA SER B 776 13.18 33.33 6.53
C SER B 776 13.56 32.97 5.10
N ASP B 777 14.84 33.10 4.78
CA ASP B 777 15.32 32.84 3.43
C ASP B 777 15.10 31.39 2.99
N GLU B 778 15.46 30.45 3.84
CA GLU B 778 15.37 29.03 3.50
C GLU B 778 13.92 28.58 3.26
N LEU B 779 13.01 29.03 4.11
CA LEU B 779 11.62 28.62 4.00
C LEU B 779 10.92 29.30 2.83
N GLN B 780 11.29 30.55 2.56
CA GLN B 780 10.74 31.28 1.42
C GLN B 780 11.20 30.67 0.10
N ILE B 781 12.50 30.41 0.01
CA ILE B 781 13.08 29.79 -1.18
C ILE B 781 12.48 28.40 -1.39
N LEU B 782 12.35 27.64 -0.31
CA LEU B 782 11.74 26.31 -0.37
C LEU B 782 10.32 26.38 -0.92
N THR B 783 9.55 27.35 -0.45
CA THR B 783 8.19 27.54 -0.90
C THR B 783 8.14 27.89 -2.39
N TYR B 784 8.96 28.86 -2.78
CA TYR B 784 9.02 29.30 -4.17
C TYR B 784 9.56 28.20 -5.07
N GLN B 785 10.34 27.29 -4.49
CA GLN B 785 10.92 26.18 -5.24
C GLN B 785 9.90 25.07 -5.44
N LEU B 786 9.00 24.90 -4.47
CA LEU B 786 7.94 23.90 -4.57
C LEU B 786 6.82 24.40 -5.48
N CYS B 787 6.90 25.66 -5.87
CA CYS B 787 5.95 26.23 -6.82
C CYS B 787 6.38 25.92 -8.24
N HIS B 788 7.53 25.27 -8.37
CA HIS B 788 8.05 24.88 -9.68
C HIS B 788 7.90 23.38 -9.91
N THR B 789 7.35 22.68 -8.93
CA THR B 789 7.20 21.23 -9.03
C THR B 789 5.79 20.83 -9.47
N TYR B 790 5.02 21.80 -9.94
CA TYR B 790 3.70 21.54 -10.47
C TYR B 790 3.82 20.84 -11.82
N VAL B 791 3.26 19.63 -11.91
CA VAL B 791 3.51 18.75 -13.05
C VAL B 791 2.52 18.90 -14.20
N ARG B 792 1.61 19.87 -14.09
CA ARG B 792 0.57 20.02 -15.10
C ARG B 792 0.93 21.11 -16.12
N CYS B 793 1.95 21.90 -15.81
CA CYS B 793 2.42 22.94 -16.72
C CYS B 793 3.87 23.30 -16.46
N THR B 794 4.54 23.79 -17.50
CA THR B 794 5.93 24.20 -17.39
C THR B 794 6.04 25.64 -16.89
N ARG B 795 5.25 25.97 -15.88
CA ARG B 795 5.21 27.31 -15.31
C ARG B 795 5.30 27.26 -13.79
N SER B 796 5.56 28.42 -13.19
CA SER B 796 5.54 28.53 -11.74
C SER B 796 4.14 28.95 -11.29
N VAL B 797 3.53 28.13 -10.42
CA VAL B 797 2.16 28.37 -9.97
C VAL B 797 2.11 29.28 -8.74
N SER B 798 0.93 29.81 -8.46
CA SER B 798 0.74 30.78 -7.37
C SER B 798 0.91 30.16 -5.99
N ILE B 799 0.47 28.91 -5.83
CA ILE B 799 0.61 28.20 -4.57
C ILE B 799 1.49 26.96 -4.78
N PRO B 800 2.15 26.49 -3.70
CA PRO B 800 3.01 25.30 -3.82
C PRO B 800 2.25 24.07 -4.33
N ALA B 801 2.99 23.13 -4.94
CA ALA B 801 2.39 21.93 -5.51
C ALA B 801 1.53 21.10 -4.54
N PRO B 802 2.02 20.85 -3.30
CA PRO B 802 1.21 20.02 -2.40
C PRO B 802 -0.19 20.56 -2.14
N ALA B 803 -0.30 21.85 -1.82
CA ALA B 803 -1.60 22.45 -1.57
C ALA B 803 -2.47 22.43 -2.83
N TYR B 804 -1.83 22.59 -3.98
CA TYR B 804 -2.53 22.58 -5.26
C TYR B 804 -3.08 21.19 -5.55
N TYR B 805 -2.26 20.18 -5.31
CA TYR B 805 -2.67 18.79 -5.49
C TYR B 805 -3.84 18.44 -4.58
N ALA B 806 -3.75 18.89 -3.33
CA ALA B 806 -4.79 18.64 -2.34
C ALA B 806 -6.13 19.21 -2.79
N HIS B 807 -6.08 20.35 -3.47
CA HIS B 807 -7.29 20.97 -3.99
C HIS B 807 -7.88 20.15 -5.13
N LEU B 808 -7.00 19.57 -5.94
CA LEU B 808 -7.42 18.75 -7.07
C LEU B 808 -7.99 17.42 -6.62
N VAL B 809 -7.42 16.86 -5.56
CA VAL B 809 -7.89 15.59 -5.00
C VAL B 809 -9.30 15.74 -4.44
N ALA B 810 -9.51 16.80 -3.68
CA ALA B 810 -10.82 17.08 -3.09
C ALA B 810 -11.85 17.37 -4.18
N PHE B 811 -11.44 18.10 -5.22
CA PHE B 811 -12.32 18.42 -6.33
C PHE B 811 -12.59 17.19 -7.17
N ARG B 812 -11.68 16.23 -7.13
CA ARG B 812 -11.87 14.95 -7.80
C ARG B 812 -12.89 14.12 -7.04
N ALA B 813 -12.82 14.19 -5.72
CA ALA B 813 -13.75 13.46 -4.85
C ALA B 813 -15.16 14.03 -4.97
N ARG B 814 -15.27 15.24 -5.50
CA ARG B 814 -16.58 15.82 -5.80
C ARG B 814 -17.26 15.06 -6.93
N TYR B 815 -16.44 14.54 -7.84
CA TYR B 815 -16.94 13.80 -9.00
C TYR B 815 -17.14 12.33 -8.68
N HIS B 816 -16.50 11.80 -7.69
CA HIS B 816 -16.86 10.49 -7.37
C HIS B 816 -18.30 10.51 -6.89
N LEU B 817 -18.81 11.67 -6.50
CA LEU B 817 -20.18 11.75 -6.00
C LEU B 817 -21.25 12.12 -7.04
N VAL B 818 -21.89 11.09 -7.49
CA VAL B 818 -22.92 11.04 -8.53
C VAL B 818 -23.80 9.81 -8.39
N ASP B 838 -25.73 6.01 6.04
CA ASP B 838 -25.54 6.50 4.69
C ASP B 838 -24.15 7.13 4.53
N HIS B 839 -23.51 7.41 5.66
CA HIS B 839 -22.18 8.01 5.65
C HIS B 839 -21.14 7.03 5.13
N GLN B 840 -21.25 5.76 5.54
CA GLN B 840 -20.32 4.73 5.10
C GLN B 840 -20.51 4.41 3.63
N ALA B 841 -21.65 4.79 3.08
CA ALA B 841 -21.92 4.62 1.66
C ALA B 841 -21.13 5.64 0.86
N LEU B 842 -21.15 6.89 1.32
CA LEU B 842 -20.42 7.96 0.66
C LEU B 842 -18.91 7.88 0.95
N ALA B 843 -18.57 7.17 2.01
CA ALA B 843 -17.18 7.05 2.44
C ALA B 843 -16.36 6.17 1.49
N LYS B 844 -17.00 5.20 0.89
CA LYS B 844 -16.31 4.29 -0.03
C LYS B 844 -16.46 4.76 -1.47
N ALA B 845 -17.29 5.79 -1.68
CA ALA B 845 -17.45 6.38 -3.00
C ALA B 845 -16.23 7.21 -3.36
N VAL B 846 -15.56 7.74 -2.35
CA VAL B 846 -14.36 8.54 -2.56
C VAL B 846 -13.11 7.70 -2.41
N GLN B 847 -13.27 6.47 -1.94
CA GLN B 847 -12.16 5.56 -1.78
C GLN B 847 -11.66 5.07 -3.14
N VAL B 848 -10.47 5.52 -3.52
CA VAL B 848 -9.90 5.17 -4.82
C VAL B 848 -9.47 3.71 -4.89
N HIS B 849 -9.13 3.27 -6.09
CA HIS B 849 -8.77 1.87 -6.35
C HIS B 849 -7.41 1.53 -5.77
N GLN B 850 -7.10 0.23 -5.73
CA GLN B 850 -5.83 -0.26 -5.21
C GLN B 850 -4.64 0.26 -6.01
N ASP B 851 -4.74 0.19 -7.33
CA ASP B 851 -3.66 0.63 -8.22
C ASP B 851 -3.66 2.15 -8.37
N THR B 852 -4.82 2.75 -8.15
CA THR B 852 -4.98 4.20 -8.27
C THR B 852 -4.27 4.93 -7.13
N LEU B 853 -4.24 4.29 -5.96
CA LEU B 853 -3.63 4.86 -4.76
C LEU B 853 -2.20 5.34 -4.98
N ARG B 854 -1.39 4.52 -5.62
CA ARG B 854 0.02 4.81 -5.80
C ARG B 854 0.30 5.62 -7.06
N THR B 855 -0.70 6.36 -7.52
CA THR B 855 -0.56 7.18 -8.71
C THR B 855 -1.06 8.60 -8.48
N MET B 856 -0.81 9.48 -9.43
CA MET B 856 -1.30 10.85 -9.36
C MET B 856 -2.47 11.03 -10.33
N TYR B 857 -3.56 10.36 -10.03
CA TYR B 857 -4.78 10.41 -10.84
C TYR B 857 -5.39 11.81 -10.87
N PHE B 858 -5.17 12.56 -9.78
CA PHE B 858 -5.72 13.90 -9.64
C PHE B 858 -5.07 14.89 -10.60
N ALA B 859 -3.91 14.52 -11.12
CA ALA B 859 -3.19 15.38 -12.07
C ALA B 859 -3.97 15.51 -13.38
#